data_4C0Z
#
_entry.id   4C0Z
#
_cell.length_a   132.220
_cell.length_b   132.220
_cell.length_c   136.580
_cell.angle_alpha   90.00
_cell.angle_beta   90.00
_cell.angle_gamma   120.00
#
_symmetry.space_group_name_H-M   'P 31'
#
loop_
_entity.id
_entity.type
_entity.pdbx_description
1 polymer 'ANCILLARY PROTEIN 2'
2 non-polymer 'CHLORIDE ION'
3 non-polymer SPERMIDINE
4 non-polymer 'PHOSPHATE ION'
5 non-polymer GLYCEROL
6 water water
#
_entity_poly.entity_id   1
_entity_poly.type   'polypeptide(L)'
_entity_poly.pdbx_seq_one_letter_code
;GAEEQSVPNKQSSVQDYPWYGYDSYSKGYPDYSPLKTYHNLKVNLDGSKEYQAYCFNLTKHFPSKSDSVRSQWYKKLEGT
NENFIKLADKPRIEDGQLQQNILRILYNGYPNDRNGIMKGIDPLNAILVTQNAIWYYTDSSYISDTSKAFQQEETDLKLD
SQQLQLMRNALKRLINPKEVESLPNQVPANYQLSIFQSSDKTFQNLLSAEYVPDT
;
_entity_poly.pdbx_strand_id   A,B,C,D,E,F,G,H,I,J,K,L
#
# COMPACT_ATOMS: atom_id res chain seq x y z
N SER A 6 4.55 -20.14 -38.27
CA SER A 6 6.03 -20.23 -38.23
C SER A 6 6.62 -19.27 -37.20
N VAL A 7 7.78 -19.62 -36.62
CA VAL A 7 8.47 -18.82 -35.59
C VAL A 7 9.18 -17.61 -36.23
N PRO A 8 8.83 -16.37 -35.80
CA PRO A 8 9.50 -15.18 -36.39
C PRO A 8 11.00 -15.11 -36.10
N ASN A 9 11.76 -14.58 -37.07
CA ASN A 9 13.20 -14.39 -36.96
C ASN A 9 13.53 -12.91 -37.25
N LYS A 10 13.52 -12.10 -36.18
CA LYS A 10 13.82 -10.68 -36.27
C LYS A 10 14.99 -10.33 -35.37
N GLN A 11 16.02 -9.75 -35.95
CA GLN A 11 17.22 -9.35 -35.23
C GLN A 11 17.06 -7.91 -34.74
N SER A 12 17.38 -7.66 -33.47
CA SER A 12 17.29 -6.31 -32.91
C SER A 12 18.26 -5.31 -33.52
N SER A 13 17.81 -4.07 -33.60
CA SER A 13 18.55 -2.90 -34.10
C SER A 13 18.91 -2.03 -32.90
N VAL A 14 18.48 -2.45 -31.68
CA VAL A 14 18.71 -1.74 -30.43
C VAL A 14 19.74 -2.46 -29.54
N GLN A 15 20.84 -1.75 -29.26
CA GLN A 15 21.91 -2.26 -28.40
C GLN A 15 21.36 -2.46 -26.98
N ASP A 16 21.66 -3.63 -26.40
N ASP A 16 21.67 -3.64 -26.37
CA ASP A 16 21.28 -4.09 -25.05
CA ASP A 16 21.28 -4.11 -25.04
C ASP A 16 19.81 -4.60 -24.97
C ASP A 16 19.82 -4.62 -24.98
N TYR A 17 19.07 -4.58 -26.11
CA TYR A 17 17.67 -5.06 -26.16
C TYR A 17 17.54 -6.06 -27.30
N PRO A 18 18.08 -7.30 -27.14
CA PRO A 18 18.06 -8.24 -28.28
C PRO A 18 16.79 -9.09 -28.46
N TRP A 19 15.94 -9.16 -27.44
CA TRP A 19 14.74 -9.98 -27.48
C TRP A 19 13.62 -9.33 -28.25
N TYR A 20 12.98 -10.11 -29.13
CA TYR A 20 11.83 -9.65 -29.90
C TYR A 20 10.57 -10.06 -29.10
N GLY A 21 9.72 -9.09 -28.75
CA GLY A 21 8.49 -9.29 -28.00
C GLY A 21 7.33 -8.88 -28.88
N TYR A 22 6.34 -9.76 -29.04
CA TYR A 22 5.24 -9.54 -29.97
C TYR A 22 3.98 -10.29 -29.59
N ASP A 23 2.86 -9.94 -30.25
CA ASP A 23 1.61 -10.63 -30.07
C ASP A 23 1.46 -11.62 -31.23
N SER A 24 1.48 -12.93 -30.96
CA SER A 24 1.34 -13.90 -32.04
C SER A 24 -0.12 -14.17 -32.40
N TYR A 25 -1.09 -13.59 -31.66
CA TYR A 25 -2.50 -13.71 -32.05
C TYR A 25 -2.66 -12.68 -33.18
N SER A 26 -2.37 -13.14 -34.42
N SER A 26 -2.39 -13.13 -34.42
CA SER A 26 -2.24 -12.34 -35.62
CA SER A 26 -2.37 -12.31 -35.62
C SER A 26 -2.61 -13.20 -36.85
C SER A 26 -2.67 -13.18 -36.85
N LYS A 27 -2.67 -12.59 -38.06
CA LYS A 27 -2.97 -13.33 -39.34
C LYS A 27 -2.06 -14.56 -39.47
N GLY A 28 -2.65 -15.73 -39.66
CA GLY A 28 -1.87 -16.95 -39.71
C GLY A 28 -2.09 -17.85 -38.51
N TYR A 29 -2.43 -17.25 -37.34
CA TYR A 29 -2.74 -17.99 -36.14
C TYR A 29 -4.09 -18.74 -36.36
N PRO A 30 -4.23 -20.01 -35.92
CA PRO A 30 -5.51 -20.73 -36.16
C PRO A 30 -6.73 -20.04 -35.56
N ASP A 31 -7.74 -19.81 -36.41
CA ASP A 31 -9.03 -19.18 -36.11
C ASP A 31 -8.90 -17.69 -35.74
N TYR A 32 -7.78 -17.06 -36.11
CA TYR A 32 -7.56 -15.64 -35.84
C TYR A 32 -8.69 -14.74 -36.37
N SER A 33 -9.15 -13.81 -35.52
CA SER A 33 -10.09 -12.76 -35.86
C SER A 33 -9.56 -11.43 -35.33
N PRO A 34 -9.47 -10.39 -36.17
CA PRO A 34 -8.97 -9.10 -35.67
C PRO A 34 -9.95 -8.36 -34.76
N LEU A 35 -11.17 -8.89 -34.61
CA LEU A 35 -12.21 -8.28 -33.78
C LEU A 35 -12.27 -8.91 -32.38
N LYS A 36 -11.40 -9.89 -32.12
CA LYS A 36 -11.39 -10.59 -30.82
C LYS A 36 -10.28 -10.04 -29.93
N THR A 37 -10.62 -9.85 -28.66
CA THR A 37 -9.68 -9.32 -27.66
C THR A 37 -8.70 -10.36 -27.11
N TYR A 38 -8.39 -11.44 -27.86
CA TYR A 38 -7.40 -12.42 -27.42
C TYR A 38 -6.01 -11.86 -27.67
N HIS A 39 -5.02 -12.39 -26.96
CA HIS A 39 -3.59 -12.10 -27.13
C HIS A 39 -2.84 -13.41 -26.90
N ASN A 40 -1.67 -13.51 -27.51
CA ASN A 40 -0.78 -14.65 -27.31
C ASN A 40 0.62 -14.10 -27.41
N LEU A 41 1.05 -13.44 -26.34
CA LEU A 41 2.34 -12.78 -26.30
C LEU A 41 3.50 -13.73 -26.20
N LYS A 42 4.54 -13.44 -26.95
CA LYS A 42 5.75 -14.26 -27.01
C LYS A 42 6.99 -13.39 -26.99
N VAL A 43 8.11 -13.99 -26.60
CA VAL A 43 9.45 -13.45 -26.68
C VAL A 43 10.34 -14.52 -27.31
N ASN A 44 11.25 -14.11 -28.21
CA ASN A 44 12.24 -15.02 -28.79
C ASN A 44 13.48 -14.25 -29.18
N LEU A 45 14.57 -14.98 -29.38
CA LEU A 45 15.86 -14.42 -29.74
C LEU A 45 16.25 -14.95 -31.13
N ASP A 46 16.30 -14.08 -32.14
CA ASP A 46 16.73 -14.40 -33.51
C ASP A 46 16.15 -15.72 -34.07
N GLY A 47 14.84 -15.87 -34.03
CA GLY A 47 14.20 -17.06 -34.54
C GLY A 47 14.30 -18.31 -33.69
N SER A 48 14.83 -18.20 -32.44
CA SER A 48 14.95 -19.30 -31.50
C SER A 48 13.56 -19.69 -30.96
N LYS A 49 13.54 -20.64 -30.00
CA LYS A 49 12.33 -21.12 -29.31
C LYS A 49 11.55 -19.91 -28.76
N GLU A 50 10.22 -19.91 -28.95
CA GLU A 50 9.33 -18.86 -28.42
C GLU A 50 9.01 -19.19 -26.97
N TYR A 51 9.02 -18.18 -26.13
CA TYR A 51 8.66 -18.31 -24.73
C TYR A 51 7.32 -17.62 -24.51
N GLN A 52 6.39 -18.25 -23.78
CA GLN A 52 5.11 -17.62 -23.46
C GLN A 52 5.38 -16.42 -22.57
N ALA A 53 4.84 -15.30 -22.97
CA ALA A 53 5.00 -14.05 -22.23
C ALA A 53 3.66 -13.50 -21.81
N TYR A 54 3.67 -12.65 -20.79
CA TYR A 54 2.49 -11.94 -20.26
C TYR A 54 2.92 -10.49 -20.05
N CYS A 55 2.03 -9.54 -20.30
CA CYS A 55 2.35 -8.13 -20.18
C CYS A 55 1.98 -7.53 -18.84
N PHE A 56 2.53 -6.36 -18.57
CA PHE A 56 2.21 -5.52 -17.43
C PHE A 56 2.34 -4.06 -17.85
N ASN A 57 1.86 -3.10 -17.03
CA ASN A 57 1.75 -1.65 -17.30
C ASN A 57 0.52 -1.45 -18.18
N LEU A 58 -0.65 -1.51 -17.55
CA LEU A 58 -1.95 -1.39 -18.26
C LEU A 58 -2.14 -0.11 -19.06
N THR A 59 -1.44 0.97 -18.70
CA THR A 59 -1.62 2.25 -19.38
C THR A 59 -0.67 2.41 -20.56
N LYS A 60 0.16 1.39 -20.86
CA LYS A 60 1.07 1.44 -22.00
C LYS A 60 0.54 0.64 -23.18
N HIS A 61 1.21 0.67 -24.34
CA HIS A 61 0.72 -0.01 -25.54
C HIS A 61 1.00 -1.49 -25.50
N PHE A 62 0.07 -2.29 -26.03
CA PHE A 62 0.28 -3.72 -26.22
C PHE A 62 1.43 -3.90 -27.23
N PRO A 63 2.27 -4.96 -27.11
CA PRO A 63 3.26 -5.22 -28.16
C PRO A 63 2.55 -5.43 -29.50
N SER A 64 3.17 -4.99 -30.61
CA SER A 64 2.57 -5.12 -31.94
C SER A 64 2.42 -6.59 -32.33
N LYS A 65 1.45 -6.87 -33.24
CA LYS A 65 1.21 -8.19 -33.80
C LYS A 65 2.43 -8.62 -34.62
N SER A 66 2.69 -9.94 -34.71
CA SER A 66 3.88 -10.47 -35.41
C SER A 66 3.96 -10.09 -36.90
N ASP A 67 2.82 -9.78 -37.54
CA ASP A 67 2.82 -9.40 -38.95
C ASP A 67 2.89 -7.88 -39.18
N SER A 68 3.13 -7.12 -38.10
CA SER A 68 3.28 -5.66 -38.19
C SER A 68 4.68 -5.35 -38.72
N VAL A 69 4.81 -4.20 -39.40
CA VAL A 69 6.10 -3.68 -39.85
C VAL A 69 6.91 -3.16 -38.61
N ARG A 70 6.21 -2.87 -37.51
CA ARG A 70 6.80 -2.35 -36.29
C ARG A 70 7.16 -3.52 -35.39
N SER A 71 8.34 -3.45 -34.77
CA SER A 71 8.84 -4.48 -33.85
C SER A 71 9.25 -3.85 -32.53
N GLN A 72 8.95 -4.51 -31.41
CA GLN A 72 9.37 -4.02 -30.10
C GLN A 72 10.50 -4.89 -29.56
N TRP A 73 11.50 -4.23 -29.02
CA TRP A 73 12.72 -4.86 -28.52
C TRP A 73 12.81 -4.81 -27.01
N TYR A 74 13.30 -5.92 -26.43
CA TYR A 74 13.34 -6.12 -24.98
C TYR A 74 14.68 -6.56 -24.43
N LYS A 75 14.95 -6.18 -23.18
CA LYS A 75 16.15 -6.56 -22.41
C LYS A 75 15.68 -7.55 -21.34
N LYS A 76 16.32 -8.72 -21.27
CA LYS A 76 16.00 -9.75 -20.29
C LYS A 76 16.69 -9.42 -18.92
N LEU A 77 15.87 -9.29 -17.87
CA LEU A 77 16.33 -9.02 -16.49
C LEU A 77 15.86 -10.12 -15.57
N GLU A 78 16.49 -10.22 -14.39
CA GLU A 78 16.11 -11.15 -13.33
C GLU A 78 14.76 -10.74 -12.83
N GLY A 79 13.86 -11.71 -12.65
CA GLY A 79 12.50 -11.44 -12.19
C GLY A 79 12.40 -11.18 -10.70
N THR A 80 13.14 -10.19 -10.18
CA THR A 80 13.17 -9.86 -8.75
C THR A 80 12.12 -8.82 -8.37
N ASN A 81 11.82 -8.70 -7.05
CA ASN A 81 10.88 -7.69 -6.55
C ASN A 81 11.40 -6.27 -6.87
N GLU A 82 12.72 -6.07 -6.77
CA GLU A 82 13.38 -4.81 -7.07
C GLU A 82 13.13 -4.37 -8.52
N ASN A 83 13.25 -5.30 -9.49
CA ASN A 83 13.01 -5.00 -10.91
C ASN A 83 11.55 -4.73 -11.21
N PHE A 84 10.61 -5.34 -10.45
CA PHE A 84 9.18 -5.08 -10.60
C PHE A 84 8.86 -3.69 -10.09
N ILE A 85 9.42 -3.30 -8.94
CA ILE A 85 9.19 -1.97 -8.37
C ILE A 85 9.75 -0.88 -9.34
N LYS A 86 10.88 -1.16 -9.99
CA LYS A 86 11.49 -0.24 -10.94
C LYS A 86 10.66 -0.09 -12.23
N LEU A 87 10.02 -1.16 -12.71
CA LEU A 87 9.32 -1.13 -14.00
C LEU A 87 7.80 -1.11 -13.95
N ALA A 88 7.18 -1.58 -12.86
CA ALA A 88 5.73 -1.61 -12.75
C ALA A 88 5.21 -0.31 -12.20
N ASP A 89 4.06 0.13 -12.70
CA ASP A 89 3.39 1.35 -12.27
C ASP A 89 2.76 1.15 -10.87
N LYS A 90 1.87 0.12 -10.71
CA LYS A 90 1.15 -0.10 -9.44
C LYS A 90 1.26 -1.58 -8.99
N PRO A 91 2.46 -2.13 -8.66
CA PRO A 91 2.50 -3.54 -8.23
C PRO A 91 1.84 -3.76 -6.86
N ARG A 92 1.19 -4.92 -6.70
CA ARG A 92 0.52 -5.32 -5.46
C ARG A 92 1.61 -5.96 -4.57
N ILE A 93 2.33 -5.11 -3.82
CA ILE A 93 3.48 -5.51 -3.00
C ILE A 93 3.20 -5.71 -1.50
N GLU A 94 1.95 -5.49 -1.03
CA GLU A 94 1.52 -5.59 0.38
C GLU A 94 2.01 -6.87 1.11
N ASP A 95 1.73 -8.04 0.52
CA ASP A 95 2.08 -9.38 1.01
C ASP A 95 3.60 -9.64 1.11
N GLY A 96 4.40 -8.82 0.43
CA GLY A 96 5.85 -8.92 0.40
C GLY A 96 6.42 -10.01 -0.49
N GLN A 97 5.53 -10.84 -1.11
CA GLN A 97 5.91 -11.96 -1.97
C GLN A 97 5.36 -11.81 -3.44
N LEU A 98 5.55 -10.63 -4.04
CA LEU A 98 5.14 -10.34 -5.40
C LEU A 98 5.75 -11.33 -6.43
N GLN A 99 7.10 -11.44 -6.49
CA GLN A 99 7.81 -12.34 -7.40
C GLN A 99 7.32 -13.82 -7.26
N GLN A 100 7.14 -14.29 -6.00
CA GLN A 100 6.68 -15.66 -5.70
C GLN A 100 5.26 -15.89 -6.18
N ASN A 101 4.38 -14.87 -6.02
CA ASN A 101 2.98 -14.92 -6.48
C ASN A 101 2.90 -15.04 -8.00
N ILE A 102 3.72 -14.25 -8.70
CA ILE A 102 3.76 -14.23 -10.17
C ILE A 102 4.28 -15.56 -10.69
N LEU A 103 5.38 -16.07 -10.10
CA LEU A 103 5.97 -17.36 -10.44
C LEU A 103 4.97 -18.49 -10.29
N ARG A 104 4.20 -18.47 -9.19
CA ARG A 104 3.17 -19.48 -8.93
C ARG A 104 2.08 -19.47 -10.00
N ILE A 105 1.68 -18.28 -10.48
CA ILE A 105 0.67 -18.10 -11.54
C ILE A 105 1.19 -18.69 -12.84
N LEU A 106 2.44 -18.38 -13.21
CA LEU A 106 3.03 -18.87 -14.45
C LEU A 106 3.22 -20.39 -14.42
N TYR A 107 3.63 -20.93 -13.27
CA TYR A 107 3.84 -22.36 -13.07
C TYR A 107 2.53 -23.16 -13.18
N ASN A 108 1.42 -22.55 -12.73
CA ASN A 108 0.08 -23.13 -12.72
C ASN A 108 -0.82 -22.77 -13.90
N GLY A 109 -0.45 -21.73 -14.63
CA GLY A 109 -1.21 -21.20 -15.76
C GLY A 109 -0.79 -21.73 -17.12
N TYR A 110 -1.19 -21.03 -18.18
CA TYR A 110 -0.88 -21.48 -19.53
C TYR A 110 0.58 -21.18 -19.95
N PRO A 111 1.31 -22.13 -20.55
CA PRO A 111 0.96 -23.54 -20.83
C PRO A 111 1.41 -24.59 -19.78
N ASN A 112 2.23 -24.19 -18.80
CA ASN A 112 2.81 -25.12 -17.82
C ASN A 112 1.78 -25.96 -17.08
N ASP A 113 0.76 -25.31 -16.47
CA ASP A 113 -0.39 -25.95 -15.83
C ASP A 113 0.01 -27.22 -15.04
N ARG A 114 0.96 -27.06 -14.11
CA ARG A 114 1.53 -28.21 -13.40
C ARG A 114 0.59 -28.88 -12.38
N ASN A 115 -0.53 -28.20 -11.99
CA ASN A 115 -1.51 -28.79 -11.06
C ASN A 115 -2.90 -28.93 -11.69
N GLY A 116 -2.97 -28.82 -13.00
CA GLY A 116 -4.21 -28.96 -13.75
C GLY A 116 -5.30 -27.93 -13.52
N ILE A 117 -4.95 -26.73 -13.00
CA ILE A 117 -5.92 -25.63 -12.78
C ILE A 117 -6.58 -25.20 -14.12
N MET A 118 -5.82 -25.24 -15.21
CA MET A 118 -6.28 -24.82 -16.55
C MET A 118 -6.96 -25.92 -17.37
N LYS A 119 -7.11 -27.14 -16.80
CA LYS A 119 -7.70 -28.29 -17.50
C LYS A 119 -9.10 -27.97 -18.07
N GLY A 120 -9.30 -28.29 -19.34
CA GLY A 120 -10.57 -28.09 -20.04
C GLY A 120 -10.76 -26.71 -20.65
N ILE A 121 -9.83 -25.77 -20.35
CA ILE A 121 -9.90 -24.40 -20.88
C ILE A 121 -9.14 -24.33 -22.21
N ASP A 122 -9.80 -23.82 -23.27
CA ASP A 122 -9.21 -23.64 -24.60
C ASP A 122 -7.97 -22.74 -24.51
N PRO A 123 -6.88 -23.04 -25.27
CA PRO A 123 -5.63 -22.27 -25.13
C PRO A 123 -5.72 -20.73 -24.99
N LEU A 124 -6.45 -20.04 -25.91
CA LEU A 124 -6.58 -18.58 -25.86
C LEU A 124 -7.34 -18.09 -24.62
N ASN A 125 -8.30 -18.89 -24.16
CA ASN A 125 -9.04 -18.59 -22.94
C ASN A 125 -8.16 -18.78 -21.73
N ALA A 126 -7.25 -19.79 -21.76
CA ALA A 126 -6.33 -20.11 -20.66
C ALA A 126 -5.28 -18.99 -20.54
N ILE A 127 -4.78 -18.47 -21.67
CA ILE A 127 -3.85 -17.34 -21.71
C ILE A 127 -4.55 -16.10 -21.12
N LEU A 128 -5.82 -15.87 -21.52
CA LEU A 128 -6.60 -14.77 -21.00
C LEU A 128 -6.74 -14.81 -19.47
N VAL A 129 -7.05 -16.01 -18.89
CA VAL A 129 -7.18 -16.19 -17.44
C VAL A 129 -5.82 -15.88 -16.76
N THR A 130 -4.75 -16.48 -17.29
CA THR A 130 -3.39 -16.30 -16.74
C THR A 130 -3.00 -14.82 -16.74
N GLN A 131 -3.21 -14.14 -17.86
CA GLN A 131 -2.95 -12.70 -18.03
C GLN A 131 -3.70 -11.85 -17.00
N ASN A 132 -4.98 -12.15 -16.77
CA ASN A 132 -5.78 -11.42 -15.79
C ASN A 132 -5.26 -11.65 -14.35
N ALA A 133 -4.81 -12.89 -14.05
CA ALA A 133 -4.23 -13.21 -12.74
C ALA A 133 -2.91 -12.45 -12.60
N ILE A 134 -2.11 -12.36 -13.68
CA ILE A 134 -0.84 -11.59 -13.70
C ILE A 134 -1.14 -10.09 -13.41
N TRP A 135 -2.12 -9.49 -14.13
CA TRP A 135 -2.49 -8.08 -13.95
C TRP A 135 -2.94 -7.76 -12.55
N TYR A 136 -3.63 -8.71 -11.88
CA TYR A 136 -4.05 -8.55 -10.49
C TYR A 136 -2.82 -8.21 -9.61
N TYR A 137 -1.66 -8.84 -9.87
CA TYR A 137 -0.45 -8.58 -9.11
C TYR A 137 0.42 -7.45 -9.67
N THR A 138 0.61 -7.41 -10.98
CA THR A 138 1.52 -6.44 -11.58
C THR A 138 0.98 -5.03 -11.60
N ASP A 139 -0.35 -4.90 -11.74
CA ASP A 139 -1.00 -3.61 -11.89
C ASP A 139 -2.06 -3.37 -10.88
N SER A 140 -2.14 -4.24 -9.84
CA SER A 140 -3.16 -4.17 -8.78
C SER A 140 -4.57 -4.01 -9.41
N SER A 141 -4.85 -4.75 -10.52
CA SER A 141 -6.16 -4.65 -11.16
C SER A 141 -7.25 -5.17 -10.24
N TYR A 142 -8.34 -4.41 -10.13
CA TYR A 142 -9.48 -4.72 -9.27
C TYR A 142 -10.19 -6.04 -9.64
N ILE A 143 -10.18 -7.00 -8.71
CA ILE A 143 -10.89 -8.27 -8.83
C ILE A 143 -11.52 -8.51 -7.45
N SER A 144 -12.84 -8.29 -7.34
CA SER A 144 -13.57 -8.47 -6.09
C SER A 144 -14.24 -9.84 -6.10
N ASP A 145 -15.03 -10.12 -7.15
CA ASP A 145 -15.76 -11.36 -7.29
C ASP A 145 -15.52 -12.01 -8.66
N THR A 146 -14.82 -13.15 -8.66
CA THR A 146 -14.49 -13.93 -9.86
C THR A 146 -15.74 -14.50 -10.53
N SER A 147 -16.87 -14.62 -9.79
CA SER A 147 -18.17 -15.10 -10.30
C SER A 147 -18.71 -14.15 -11.36
N LYS A 148 -18.29 -12.88 -11.29
CA LYS A 148 -18.69 -11.79 -12.19
C LYS A 148 -17.62 -11.48 -13.24
N ALA A 149 -16.43 -12.12 -13.17
CA ALA A 149 -15.32 -11.88 -14.09
C ALA A 149 -15.62 -12.25 -15.54
N PHE A 150 -14.89 -11.64 -16.49
CA PHE A 150 -14.97 -11.86 -17.93
C PHE A 150 -16.35 -11.51 -18.56
N GLN A 151 -17.10 -10.55 -17.98
CA GLN A 151 -18.40 -10.15 -18.53
C GLN A 151 -18.26 -9.49 -19.90
N GLN A 152 -17.25 -8.61 -20.08
CA GLN A 152 -17.00 -7.95 -21.38
C GLN A 152 -16.49 -8.98 -22.40
N GLU A 153 -15.56 -9.88 -21.96
CA GLU A 153 -15.01 -10.96 -22.77
C GLU A 153 -16.11 -11.94 -23.21
N GLU A 154 -17.10 -12.20 -22.34
CA GLU A 154 -18.22 -13.10 -22.63
C GLU A 154 -18.98 -12.61 -23.86
N THR A 155 -19.27 -11.29 -23.95
CA THR A 155 -19.99 -10.72 -25.10
C THR A 155 -19.05 -10.49 -26.30
N ASP A 156 -17.83 -9.98 -26.07
CA ASP A 156 -16.85 -9.73 -27.14
C ASP A 156 -16.34 -11.00 -27.84
N LEU A 157 -16.05 -12.08 -27.07
CA LEU A 157 -15.51 -13.36 -27.58
C LEU A 157 -16.58 -14.44 -27.73
N LYS A 158 -17.81 -14.18 -27.27
CA LYS A 158 -18.94 -15.11 -27.28
C LYS A 158 -18.54 -16.47 -26.64
N LEU A 159 -18.15 -16.40 -25.36
CA LEU A 159 -17.71 -17.57 -24.58
C LEU A 159 -18.94 -18.35 -24.12
N ASP A 160 -18.93 -19.69 -24.28
CA ASP A 160 -20.04 -20.53 -23.81
C ASP A 160 -19.97 -20.67 -22.29
N SER A 161 -21.09 -21.06 -21.65
CA SER A 161 -21.20 -21.23 -20.20
C SER A 161 -20.15 -22.16 -19.57
N GLN A 162 -19.79 -23.27 -20.28
CA GLN A 162 -18.80 -24.27 -19.86
C GLN A 162 -17.41 -23.63 -19.74
N GLN A 163 -16.94 -22.92 -20.81
CA GLN A 163 -15.66 -22.23 -20.84
C GLN A 163 -15.62 -21.12 -19.82
N LEU A 164 -16.69 -20.29 -19.75
CA LEU A 164 -16.78 -19.16 -18.83
C LEU A 164 -16.70 -19.60 -17.37
N GLN A 165 -17.39 -20.71 -16.99
CA GLN A 165 -17.34 -21.21 -15.61
C GLN A 165 -15.97 -21.74 -15.24
N LEU A 166 -15.30 -22.48 -16.16
CA LEU A 166 -13.96 -23.01 -15.93
C LEU A 166 -12.96 -21.85 -15.77
N MET A 167 -13.12 -20.80 -16.59
CA MET A 167 -12.28 -19.60 -16.58
C MET A 167 -12.38 -18.83 -15.26
N ARG A 168 -13.61 -18.64 -14.78
CA ARG A 168 -13.90 -17.95 -13.52
C ARG A 168 -13.32 -18.68 -12.31
N ASN A 169 -13.43 -20.03 -12.30
CA ASN A 169 -12.90 -20.88 -11.24
C ASN A 169 -11.37 -20.90 -11.26
N ALA A 170 -10.75 -20.99 -12.45
CA ALA A 170 -9.29 -20.99 -12.58
C ALA A 170 -8.72 -19.65 -12.12
N LEU A 171 -9.37 -18.52 -12.52
CA LEU A 171 -8.99 -17.18 -12.07
C LEU A 171 -8.97 -17.09 -10.55
N LYS A 172 -10.06 -17.53 -9.91
CA LYS A 172 -10.25 -17.55 -8.46
C LYS A 172 -9.10 -18.29 -7.77
N ARG A 173 -8.74 -19.48 -8.29
CA ARG A 173 -7.66 -20.30 -7.75
C ARG A 173 -6.29 -19.67 -7.92
N LEU A 174 -5.99 -19.09 -9.08
CA LEU A 174 -4.71 -18.47 -9.39
C LEU A 174 -4.39 -17.24 -8.54
N ILE A 175 -5.38 -16.41 -8.18
CA ILE A 175 -5.14 -15.16 -7.42
C ILE A 175 -5.22 -15.36 -5.89
N ASN A 176 -5.45 -16.61 -5.45
CA ASN A 176 -5.51 -16.95 -4.03
C ASN A 176 -4.23 -17.72 -3.66
N PRO A 177 -3.24 -17.07 -2.97
CA PRO A 177 -2.00 -17.79 -2.64
C PRO A 177 -2.20 -19.04 -1.78
N LYS A 178 -3.14 -19.00 -0.81
CA LYS A 178 -3.47 -20.14 0.06
C LYS A 178 -3.89 -21.37 -0.75
N GLU A 179 -4.73 -21.15 -1.78
CA GLU A 179 -5.22 -22.19 -2.69
C GLU A 179 -4.06 -22.81 -3.51
N VAL A 180 -3.20 -21.97 -4.12
CA VAL A 180 -2.06 -22.41 -4.93
C VAL A 180 -1.02 -23.19 -4.08
N GLU A 181 -0.79 -22.72 -2.83
CA GLU A 181 0.16 -23.33 -1.91
C GLU A 181 -0.28 -24.69 -1.38
N SER A 182 -1.61 -25.00 -1.46
CA SER A 182 -2.19 -26.26 -1.00
C SER A 182 -2.08 -27.38 -2.04
N LEU A 183 -1.67 -27.04 -3.26
CA LEU A 183 -1.54 -27.96 -4.39
C LEU A 183 -0.33 -28.90 -4.29
N PRO A 184 -0.40 -30.12 -4.89
CA PRO A 184 0.73 -31.08 -4.73
C PRO A 184 2.07 -30.65 -5.31
N ASN A 185 2.07 -29.98 -6.48
CA ASN A 185 3.32 -29.57 -7.14
C ASN A 185 3.65 -28.11 -6.89
N GLN A 186 4.76 -27.85 -6.19
CA GLN A 186 5.17 -26.48 -5.90
C GLN A 186 6.29 -26.04 -6.84
N VAL A 187 6.47 -24.72 -6.96
CA VAL A 187 7.46 -24.11 -7.85
C VAL A 187 8.88 -24.53 -7.48
N PRO A 188 9.60 -25.27 -8.37
CA PRO A 188 10.99 -25.64 -8.06
C PRO A 188 11.97 -24.48 -8.31
N ALA A 189 13.16 -24.53 -7.70
CA ALA A 189 14.24 -23.55 -7.79
C ALA A 189 14.71 -23.30 -9.23
N ASN A 190 14.60 -24.31 -10.11
CA ASN A 190 15.01 -24.20 -11.51
C ASN A 190 13.93 -23.59 -12.42
N TYR A 191 12.70 -23.34 -11.89
CA TYR A 191 11.65 -22.68 -12.67
C TYR A 191 11.76 -21.19 -12.31
N GLN A 192 12.37 -20.41 -13.22
CA GLN A 192 12.71 -19.01 -12.89
C GLN A 192 11.99 -17.97 -13.68
N LEU A 193 11.74 -16.83 -13.01
CA LEU A 193 11.04 -15.66 -13.56
C LEU A 193 11.99 -14.67 -14.22
N SER A 194 11.61 -14.19 -15.39
CA SER A 194 12.33 -13.19 -16.14
C SER A 194 11.41 -12.01 -16.45
N ILE A 195 11.96 -10.80 -16.34
CA ILE A 195 11.28 -9.57 -16.71
C ILE A 195 11.93 -9.08 -18.02
N PHE A 196 11.10 -8.75 -19.00
CA PHE A 196 11.54 -8.24 -20.29
C PHE A 196 11.21 -6.76 -20.34
N GLN A 197 12.26 -5.94 -20.25
CA GLN A 197 12.14 -4.48 -20.24
C GLN A 197 12.06 -3.94 -21.67
N SER A 198 10.98 -3.20 -21.99
CA SER A 198 10.78 -2.59 -23.30
C SER A 198 11.79 -1.51 -23.55
N SER A 199 12.38 -1.48 -24.74
CA SER A 199 13.30 -0.39 -25.13
C SER A 199 12.50 0.92 -25.28
N ASP A 200 11.33 0.83 -25.89
CA ASP A 200 10.44 1.93 -26.12
C ASP A 200 9.52 2.02 -24.87
N LYS A 201 9.61 3.13 -24.12
CA LYS A 201 8.84 3.34 -22.88
C LYS A 201 7.33 3.50 -23.10
N THR A 202 6.90 3.62 -24.35
CA THR A 202 5.47 3.71 -24.69
C THR A 202 4.81 2.30 -24.72
N PHE A 203 5.64 1.24 -24.78
CA PHE A 203 5.15 -0.14 -24.83
C PHE A 203 5.25 -0.86 -23.47
N GLN A 204 4.34 -1.82 -23.26
CA GLN A 204 4.30 -2.64 -22.03
C GLN A 204 5.57 -3.49 -21.87
N ASN A 205 5.97 -3.68 -20.60
CA ASN A 205 7.03 -4.60 -20.25
C ASN A 205 6.42 -6.02 -20.23
N LEU A 206 7.25 -7.04 -20.36
CA LEU A 206 6.78 -8.40 -20.41
C LEU A 206 7.40 -9.23 -19.34
N LEU A 207 6.79 -10.38 -19.06
CA LEU A 207 7.33 -11.31 -18.09
C LEU A 207 7.13 -12.73 -18.58
N SER A 208 8.06 -13.62 -18.22
CA SER A 208 8.05 -15.01 -18.67
C SER A 208 8.80 -15.88 -17.68
N ALA A 209 8.47 -17.16 -17.65
CA ALA A 209 9.18 -18.10 -16.77
C ALA A 209 9.54 -19.33 -17.57
N GLU A 210 10.68 -19.92 -17.24
CA GLU A 210 11.18 -21.12 -17.91
C GLU A 210 11.95 -22.00 -16.93
N TYR A 211 12.16 -23.27 -17.31
CA TYR A 211 12.99 -24.19 -16.55
C TYR A 211 14.43 -23.91 -16.98
N VAL A 212 15.32 -23.73 -16.01
CA VAL A 212 16.74 -23.45 -16.24
C VAL A 212 17.53 -24.77 -16.02
N PRO A 213 18.30 -25.26 -17.02
CA PRO A 213 19.05 -26.51 -16.81
C PRO A 213 20.32 -26.32 -15.97
N GLN B 5 -0.97 21.74 -38.07
CA GLN B 5 -1.94 21.22 -37.10
C GLN B 5 -3.37 21.21 -37.69
N SER B 6 -3.53 20.56 -38.86
CA SER B 6 -4.83 20.48 -39.55
C SER B 6 -5.79 19.46 -38.93
N VAL B 7 -7.09 19.79 -38.88
CA VAL B 7 -8.16 18.93 -38.33
C VAL B 7 -8.48 17.78 -39.31
N PRO B 8 -8.34 16.51 -38.87
CA PRO B 8 -8.62 15.38 -39.78
C PRO B 8 -10.07 15.33 -40.29
N ASN B 9 -10.24 14.90 -41.54
CA ASN B 9 -11.54 14.71 -42.18
C ASN B 9 -11.63 13.29 -42.71
N LYS B 10 -12.14 12.39 -41.87
CA LYS B 10 -12.29 10.97 -42.24
C LYS B 10 -13.73 10.53 -42.10
N GLN B 11 -14.27 10.01 -43.16
CA GLN B 11 -15.67 9.59 -43.23
C GLN B 11 -15.80 8.09 -42.95
N SER B 12 -16.69 7.76 -42.00
CA SER B 12 -16.97 6.37 -41.62
C SER B 12 -17.74 5.67 -42.71
N SER B 13 -17.55 4.37 -42.87
CA SER B 13 -18.36 3.59 -43.81
C SER B 13 -19.26 2.63 -42.98
N VAL B 14 -19.28 2.81 -41.65
CA VAL B 14 -20.03 1.97 -40.72
C VAL B 14 -21.30 2.65 -40.27
N GLN B 15 -22.47 1.99 -40.56
CA GLN B 15 -23.80 2.50 -40.19
C GLN B 15 -23.88 2.66 -38.67
N ASP B 16 -24.32 3.85 -38.24
CA ASP B 16 -24.48 4.27 -36.85
C ASP B 16 -23.16 4.55 -36.12
N TYR B 17 -21.98 4.47 -36.79
CA TYR B 17 -20.71 4.78 -36.11
C TYR B 17 -20.00 5.85 -36.95
N PRO B 18 -20.52 7.11 -36.97
CA PRO B 18 -19.93 8.14 -37.85
C PRO B 18 -18.76 8.93 -37.28
N TRP B 19 -18.56 8.89 -35.96
CA TRP B 19 -17.50 9.62 -35.27
C TRP B 19 -16.13 9.00 -35.45
N TYR B 20 -15.16 9.86 -35.74
CA TYR B 20 -13.76 9.43 -35.87
C TYR B 20 -13.09 9.75 -34.53
N GLY B 21 -12.54 8.73 -33.89
CA GLY B 21 -11.83 8.84 -32.61
C GLY B 21 -10.38 8.49 -32.83
N TYR B 22 -9.46 9.34 -32.36
CA TYR B 22 -8.03 9.17 -32.63
C TYR B 22 -7.15 9.85 -31.60
N ASP B 23 -5.85 9.55 -31.64
CA ASP B 23 -4.87 10.19 -30.79
C ASP B 23 -4.16 11.24 -31.63
N SER B 24 -4.37 12.52 -31.29
CA SER B 24 -3.76 13.65 -32.00
C SER B 24 -2.29 13.90 -31.56
N TYR B 25 -1.81 13.19 -30.51
CA TYR B 25 -0.41 13.30 -30.12
C TYR B 25 0.33 12.37 -31.11
N SER B 26 0.68 12.94 -32.25
CA SER B 26 1.21 12.24 -33.43
C SER B 26 2.13 13.21 -34.19
N LYS B 27 2.95 12.70 -35.13
CA LYS B 27 3.87 13.50 -35.96
C LYS B 27 3.11 14.71 -36.56
N GLY B 28 3.62 15.93 -36.28
CA GLY B 28 2.99 17.20 -36.64
C GLY B 28 2.50 18.00 -35.43
N TYR B 29 2.20 17.32 -34.30
CA TYR B 29 1.77 17.95 -33.05
C TYR B 29 3.00 18.75 -32.49
N PRO B 30 2.78 19.96 -31.92
CA PRO B 30 3.94 20.73 -31.40
C PRO B 30 4.69 20.01 -30.26
N ASP B 31 6.03 19.87 -30.40
CA ASP B 31 6.93 19.21 -29.43
C ASP B 31 6.72 17.68 -29.37
N TYR B 32 6.07 17.09 -30.40
CA TYR B 32 5.80 15.65 -30.44
C TYR B 32 7.08 14.82 -30.34
N SER B 33 7.04 13.77 -29.52
CA SER B 33 8.09 12.78 -29.42
C SER B 33 7.43 11.39 -29.43
N PRO B 34 7.87 10.47 -30.32
CA PRO B 34 7.28 9.13 -30.34
C PRO B 34 7.68 8.26 -29.14
N LEU B 35 8.62 8.76 -28.31
CA LEU B 35 9.08 8.05 -27.12
C LEU B 35 8.38 8.51 -25.84
N LYS B 36 7.50 9.52 -25.93
CA LYS B 36 6.76 10.06 -24.77
C LYS B 36 5.41 9.41 -24.63
N THR B 37 5.04 9.06 -23.38
CA THR B 37 3.75 8.41 -23.09
C THR B 37 2.56 9.37 -23.02
N TYR B 38 2.61 10.50 -23.74
CA TYR B 38 1.50 11.43 -23.75
C TYR B 38 0.44 10.96 -24.75
N HIS B 39 -0.78 11.43 -24.55
CA HIS B 39 -1.91 11.22 -25.43
C HIS B 39 -2.69 12.50 -25.49
N ASN B 40 -3.40 12.71 -26.60
CA ASN B 40 -4.30 13.82 -26.77
C ASN B 40 -5.42 13.30 -27.64
N LEU B 41 -6.32 12.58 -27.02
CA LEU B 41 -7.43 11.95 -27.72
C LEU B 41 -8.48 12.93 -28.13
N LYS B 42 -9.00 12.75 -29.36
CA LYS B 42 -10.04 13.62 -29.93
C LYS B 42 -11.09 12.82 -30.63
N VAL B 43 -12.28 13.38 -30.73
CA VAL B 43 -13.39 12.86 -31.53
C VAL B 43 -13.86 14.02 -32.40
N ASN B 44 -14.20 13.70 -33.66
CA ASN B 44 -14.76 14.69 -34.58
C ASN B 44 -15.63 13.97 -35.59
N LEU B 45 -16.48 14.74 -36.28
CA LEU B 45 -17.44 14.25 -37.24
C LEU B 45 -17.09 14.84 -38.57
N ASP B 46 -16.60 14.01 -39.50
CA ASP B 46 -16.31 14.42 -40.88
C ASP B 46 -15.60 15.80 -40.98
N GLY B 47 -14.45 15.94 -40.31
CA GLY B 47 -13.66 17.17 -40.36
C GLY B 47 -14.19 18.36 -39.59
N SER B 48 -15.22 18.14 -38.75
CA SER B 48 -15.81 19.21 -37.91
C SER B 48 -14.87 19.54 -36.75
N LYS B 49 -15.31 20.43 -35.85
CA LYS B 49 -14.62 20.82 -34.62
C LYS B 49 -14.21 19.55 -33.83
N GLU B 50 -12.96 19.52 -33.33
CA GLU B 50 -12.45 18.42 -32.52
C GLU B 50 -12.91 18.63 -31.07
N TYR B 51 -13.31 17.56 -30.42
CA TYR B 51 -13.73 17.58 -29.02
C TYR B 51 -12.67 16.81 -28.22
N GLN B 52 -12.25 17.33 -27.06
CA GLN B 52 -11.28 16.66 -26.20
C GLN B 52 -11.92 15.39 -25.67
N ALA B 53 -11.27 14.26 -25.87
CA ALA B 53 -11.77 12.97 -25.40
C ALA B 53 -10.81 12.32 -24.39
N TYR B 54 -11.31 11.36 -23.62
CA TYR B 54 -10.57 10.55 -22.67
C TYR B 54 -11.00 9.13 -22.88
N CYS B 55 -10.06 8.21 -22.74
CA CYS B 55 -10.37 6.80 -22.94
C CYS B 55 -10.73 6.04 -21.66
N PHE B 56 -11.34 4.88 -21.83
CA PHE B 56 -11.62 3.90 -20.78
C PHE B 56 -11.47 2.50 -21.36
N ASN B 57 -11.40 1.44 -20.53
CA ASN B 57 -11.13 0.04 -20.88
C ASN B 57 -9.63 -0.12 -21.00
N LEU B 58 -8.95 -0.20 -19.86
CA LEU B 58 -7.48 -0.30 -19.81
C LEU B 58 -6.89 -1.51 -20.52
N THR B 59 -7.66 -2.61 -20.65
CA THR B 59 -7.14 -3.82 -21.30
C THR B 59 -7.34 -3.81 -22.82
N LYS B 60 -7.96 -2.76 -23.38
CA LYS B 60 -8.17 -2.64 -24.84
C LYS B 60 -7.11 -1.73 -25.47
N HIS B 61 -7.11 -1.60 -26.80
CA HIS B 61 -6.11 -0.81 -27.50
C HIS B 61 -6.44 0.67 -27.47
N PHE B 62 -5.40 1.50 -27.36
CA PHE B 62 -5.52 2.95 -27.48
C PHE B 62 -6.04 3.26 -28.89
N PRO B 63 -6.83 4.32 -29.09
CA PRO B 63 -7.17 4.70 -30.48
C PRO B 63 -5.86 5.02 -31.24
N SER B 64 -5.83 4.66 -32.53
CA SER B 64 -4.67 4.87 -33.37
C SER B 64 -4.36 6.37 -33.50
N LYS B 65 -3.08 6.68 -33.77
CA LYS B 65 -2.64 8.05 -34.03
C LYS B 65 -3.29 8.54 -35.34
N SER B 66 -3.49 9.84 -35.45
CA SER B 66 -4.12 10.47 -36.63
C SER B 66 -3.41 10.15 -37.98
N ASP B 67 -2.11 9.85 -37.96
CA ASP B 67 -1.38 9.53 -39.19
C ASP B 67 -1.38 8.02 -39.55
N SER B 68 -2.15 7.21 -38.83
CA SER B 68 -2.26 5.77 -39.09
C SER B 68 -3.15 5.50 -40.29
N VAL B 69 -2.94 4.37 -40.98
CA VAL B 69 -3.81 3.93 -42.10
C VAL B 69 -5.15 3.40 -41.54
N ARG B 70 -5.12 2.92 -40.27
CA ARG B 70 -6.26 2.40 -39.52
C ARG B 70 -6.95 3.54 -38.79
N SER B 71 -8.28 3.55 -38.88
CA SER B 71 -9.12 4.54 -38.23
C SER B 71 -10.13 3.82 -37.35
N GLN B 72 -10.46 4.42 -36.20
CA GLN B 72 -11.48 3.81 -35.34
C GLN B 72 -12.72 4.63 -35.39
N TRP B 73 -13.86 3.94 -35.53
CA TRP B 73 -15.18 4.57 -35.66
C TRP B 73 -15.97 4.40 -34.41
N TYR B 74 -16.75 5.45 -34.06
CA TYR B 74 -17.49 5.49 -32.82
C TYR B 74 -18.94 5.92 -33.01
N LYS B 75 -19.82 5.43 -32.13
CA LYS B 75 -21.24 5.77 -32.04
C LYS B 75 -21.38 6.64 -30.78
N LYS B 76 -21.97 7.84 -30.94
CA LYS B 76 -22.17 8.76 -29.83
C LYS B 76 -23.44 8.34 -29.07
N LEU B 77 -23.29 8.06 -27.78
CA LEU B 77 -24.39 7.71 -26.88
C LEU B 77 -24.52 8.76 -25.79
N GLU B 78 -25.73 8.90 -25.23
CA GLU B 78 -26.01 9.76 -24.08
C GLU B 78 -25.12 9.23 -22.93
N GLY B 79 -24.44 10.14 -22.24
CA GLY B 79 -23.57 9.76 -21.14
C GLY B 79 -24.33 9.40 -19.88
N THR B 80 -25.34 8.47 -20.00
CA THR B 80 -26.14 7.97 -18.88
C THR B 80 -25.30 6.92 -18.18
N ASN B 81 -25.62 6.62 -16.89
CA ASN B 81 -24.91 5.62 -16.09
C ASN B 81 -25.09 4.24 -16.69
N GLU B 82 -26.31 3.94 -17.18
CA GLU B 82 -26.64 2.65 -17.81
C GLU B 82 -25.74 2.37 -19.03
N ASN B 83 -25.56 3.39 -19.90
CA ASN B 83 -24.70 3.31 -21.09
C ASN B 83 -23.24 3.16 -20.70
N PHE B 84 -22.84 3.71 -19.54
CA PHE B 84 -21.48 3.59 -19.03
C PHE B 84 -21.19 2.19 -18.57
N ILE B 85 -22.08 1.61 -17.73
CA ILE B 85 -22.04 0.25 -17.15
C ILE B 85 -22.04 -0.83 -18.24
N LYS B 86 -22.73 -0.54 -19.36
CA LYS B 86 -22.79 -1.46 -20.51
C LYS B 86 -21.43 -1.62 -21.20
N LEU B 87 -20.62 -0.56 -21.24
CA LEU B 87 -19.34 -0.57 -21.96
C LEU B 87 -18.05 -0.63 -21.12
N ALA B 88 -18.09 -0.26 -19.83
CA ALA B 88 -16.90 -0.31 -18.95
C ALA B 88 -16.69 -1.71 -18.40
N ASP B 89 -15.42 -2.14 -18.31
CA ASP B 89 -15.00 -3.45 -17.79
C ASP B 89 -15.16 -3.48 -16.28
N LYS B 90 -14.50 -2.53 -15.55
CA LYS B 90 -14.50 -2.50 -14.09
C LYS B 90 -14.85 -1.10 -13.55
N PRO B 91 -16.08 -0.56 -13.73
CA PRO B 91 -16.37 0.78 -13.18
C PRO B 91 -16.42 0.81 -11.64
N ARG B 92 -15.95 1.91 -11.05
CA ARG B 92 -15.92 2.10 -9.59
C ARG B 92 -17.30 2.57 -9.10
N ILE B 93 -18.25 1.65 -9.21
CA ILE B 93 -19.67 1.79 -8.88
C ILE B 93 -19.92 2.15 -7.42
N GLU B 94 -19.06 1.66 -6.50
CA GLU B 94 -19.17 1.83 -5.06
C GLU B 94 -19.00 3.26 -4.55
N ASP B 95 -18.17 4.08 -5.23
CA ASP B 95 -17.89 5.45 -4.81
C ASP B 95 -18.99 6.48 -5.22
N GLY B 96 -20.25 6.02 -5.24
CA GLY B 96 -21.40 6.86 -5.58
C GLY B 96 -21.77 6.84 -7.05
N GLN B 97 -22.22 7.98 -7.58
CA GLN B 97 -22.62 8.06 -8.98
C GLN B 97 -21.42 8.23 -9.91
N LEU B 98 -21.26 7.27 -10.82
CA LEU B 98 -20.18 7.19 -11.80
C LEU B 98 -20.17 8.39 -12.73
N GLN B 99 -21.27 8.56 -13.50
CA GLN B 99 -21.54 9.61 -14.47
C GLN B 99 -21.28 11.04 -13.92
N GLN B 100 -21.70 11.29 -12.67
CA GLN B 100 -21.56 12.57 -11.97
C GLN B 100 -20.09 12.80 -11.61
N ASN B 101 -19.41 11.75 -11.12
CA ASN B 101 -17.99 11.82 -10.82
C ASN B 101 -17.18 12.05 -12.10
N ILE B 102 -17.51 11.36 -13.22
CA ILE B 102 -16.81 11.51 -14.50
C ILE B 102 -17.04 12.92 -15.07
N LEU B 103 -18.32 13.42 -15.04
CA LEU B 103 -18.67 14.79 -15.45
C LEU B 103 -17.93 15.84 -14.61
N ARG B 104 -17.84 15.62 -13.29
CA ARG B 104 -17.13 16.55 -12.38
C ARG B 104 -15.64 16.68 -12.75
N ILE B 105 -15.01 15.55 -13.09
CA ILE B 105 -13.60 15.50 -13.50
C ILE B 105 -13.40 16.25 -14.82
N LEU B 106 -14.28 16.01 -15.81
CA LEU B 106 -14.17 16.69 -17.10
C LEU B 106 -14.39 18.19 -16.98
N TYR B 107 -15.36 18.60 -16.14
CA TYR B 107 -15.68 20.00 -15.88
C TYR B 107 -14.52 20.74 -15.22
N ASN B 108 -13.78 20.06 -14.34
CA ASN B 108 -12.66 20.61 -13.58
C ASN B 108 -11.28 20.35 -14.17
N GLY B 109 -11.20 19.42 -15.14
CA GLY B 109 -9.96 19.01 -15.80
C GLY B 109 -9.63 19.75 -17.07
N TYR B 110 -8.71 19.20 -17.86
CA TYR B 110 -8.29 19.81 -19.11
C TYR B 110 -9.31 19.61 -20.24
N PRO B 111 -9.71 20.67 -20.99
CA PRO B 111 -9.29 22.07 -20.85
C PRO B 111 -10.22 23.00 -20.05
N ASN B 112 -11.44 22.53 -19.68
CA ASN B 112 -12.45 23.33 -19.01
C ASN B 112 -11.95 24.04 -17.76
N ASP B 113 -11.32 23.29 -16.83
CA ASP B 113 -10.68 23.80 -15.61
C ASP B 113 -11.48 24.95 -14.93
N ARG B 114 -12.80 24.77 -14.76
CA ARG B 114 -13.71 25.81 -14.26
C ARG B 114 -13.39 26.32 -12.83
N ASN B 115 -12.71 25.51 -12.00
CA ASN B 115 -12.35 25.95 -10.65
C ASN B 115 -10.84 26.11 -10.44
N GLY B 116 -10.10 26.15 -11.56
CA GLY B 116 -8.65 26.35 -11.56
C GLY B 116 -7.80 25.27 -10.93
N ILE B 117 -8.32 24.03 -10.82
CA ILE B 117 -7.58 22.88 -10.27
C ILE B 117 -6.31 22.57 -11.09
N MET B 118 -6.38 22.79 -12.41
CA MET B 118 -5.30 22.53 -13.37
C MET B 118 -4.33 23.69 -13.58
N LYS B 119 -4.51 24.81 -12.85
CA LYS B 119 -3.67 26.00 -12.97
C LYS B 119 -2.18 25.68 -12.82
N GLY B 120 -1.38 26.16 -13.77
CA GLY B 120 0.07 25.98 -13.79
C GLY B 120 0.57 24.70 -14.41
N ILE B 121 -0.35 23.76 -14.73
CA ILE B 121 0.01 22.48 -15.33
C ILE B 121 0.00 22.60 -16.87
N ASP B 122 1.10 22.18 -17.51
CA ASP B 122 1.27 22.19 -18.97
C ASP B 122 0.18 21.34 -19.64
N PRO B 123 -0.36 21.76 -20.82
CA PRO B 123 -1.47 21.02 -21.46
C PRO B 123 -1.40 19.49 -21.46
N LEU B 124 -0.31 18.88 -21.97
CA LEU B 124 -0.18 17.42 -22.05
C LEU B 124 -0.15 16.75 -20.66
N ASN B 125 0.43 17.46 -19.66
CA ASN B 125 0.46 16.99 -18.27
C ASN B 125 -0.93 17.09 -17.64
N ALA B 126 -1.71 18.12 -18.03
CA ALA B 126 -3.05 18.33 -17.52
C ALA B 126 -4.00 17.25 -18.07
N ILE B 127 -3.81 16.86 -19.36
CA ILE B 127 -4.55 15.78 -20.01
C ILE B 127 -4.24 14.48 -19.24
N LEU B 128 -2.95 14.25 -18.93
CA LEU B 128 -2.48 13.08 -18.20
C LEU B 128 -3.13 12.95 -16.80
N VAL B 129 -3.21 14.07 -16.04
CA VAL B 129 -3.84 14.08 -14.70
C VAL B 129 -5.36 13.76 -14.86
N THR B 130 -6.03 14.46 -15.78
CA THR B 130 -7.47 14.25 -16.06
C THR B 130 -7.74 12.78 -16.42
N GLN B 131 -6.94 12.22 -17.34
CA GLN B 131 -7.04 10.84 -17.78
C GLN B 131 -6.90 9.85 -16.62
N ASN B 132 -5.94 10.09 -15.71
CA ASN B 132 -5.74 9.24 -14.55
C ASN B 132 -6.92 9.32 -13.57
N ALA B 133 -7.50 10.51 -13.40
CA ALA B 133 -8.69 10.68 -12.58
C ALA B 133 -9.87 9.95 -13.22
N ILE B 134 -10.00 9.99 -14.58
CA ILE B 134 -11.04 9.29 -15.33
C ILE B 134 -10.88 7.77 -15.10
N TRP B 135 -9.64 7.23 -15.29
CA TRP B 135 -9.34 5.80 -15.12
C TRP B 135 -9.66 5.30 -13.72
N TYR B 136 -9.48 6.15 -12.70
CA TYR B 136 -9.80 5.80 -11.30
C TYR B 136 -11.29 5.38 -11.22
N TYR B 137 -12.18 6.08 -11.94
CA TYR B 137 -13.59 5.76 -11.93
C TYR B 137 -14.02 4.76 -12.99
N THR B 138 -13.54 4.89 -14.22
CA THR B 138 -13.97 4.04 -15.32
C THR B 138 -13.42 2.63 -15.26
N ASP B 139 -12.21 2.47 -14.71
CA ASP B 139 -11.52 1.18 -14.70
C ASP B 139 -11.05 0.75 -13.33
N SER B 140 -11.53 1.45 -12.26
CA SER B 140 -11.14 1.18 -10.86
C SER B 140 -9.62 1.11 -10.72
N SER B 141 -8.89 1.99 -11.41
CA SER B 141 -7.43 1.95 -11.30
C SER B 141 -7.02 2.33 -9.88
N TYR B 142 -6.06 1.55 -9.34
CA TYR B 142 -5.55 1.70 -7.99
C TYR B 142 -4.82 3.01 -7.75
N ILE B 143 -5.38 3.85 -6.86
CA ILE B 143 -4.79 5.09 -6.40
C ILE B 143 -5.00 5.11 -4.88
N SER B 144 -3.94 4.82 -4.11
CA SER B 144 -4.02 4.81 -2.65
C SER B 144 -3.51 6.17 -2.13
N ASP B 145 -2.29 6.55 -2.55
CA ASP B 145 -1.67 7.81 -2.20
C ASP B 145 -1.22 8.53 -3.47
N THR B 146 -1.77 9.73 -3.67
CA THR B 146 -1.45 10.64 -4.78
C THR B 146 -0.05 11.23 -4.67
N SER B 147 0.52 11.22 -3.44
CA SER B 147 1.87 11.71 -3.13
C SER B 147 2.93 10.88 -3.86
N LYS B 148 2.58 9.62 -4.18
CA LYS B 148 3.42 8.65 -4.86
C LYS B 148 3.07 8.47 -6.35
N ALA B 149 1.99 9.15 -6.83
CA ALA B 149 1.53 9.05 -8.21
C ALA B 149 2.53 9.60 -9.23
N PHE B 150 2.43 9.11 -10.48
CA PHE B 150 3.24 9.52 -11.64
C PHE B 150 4.76 9.23 -11.51
N GLN B 151 5.15 8.19 -10.75
CA GLN B 151 6.55 7.82 -10.61
C GLN B 151 7.16 7.35 -11.94
N GLN B 152 6.43 6.51 -12.70
CA GLN B 152 6.89 6.02 -14.01
C GLN B 152 6.92 7.18 -15.02
N GLU B 153 5.87 8.04 -15.00
CA GLU B 153 5.74 9.24 -15.85
C GLU B 153 6.86 10.24 -15.58
N GLU B 154 7.29 10.36 -14.30
CA GLU B 154 8.38 11.25 -13.90
C GLU B 154 9.67 10.90 -14.65
N THR B 155 10.01 9.59 -14.75
CA THR B 155 11.22 9.15 -15.45
C THR B 155 10.99 9.10 -16.97
N ASP B 156 9.84 8.59 -17.42
CA ASP B 156 9.52 8.48 -18.86
C ASP B 156 9.35 9.84 -19.57
N LEU B 157 8.70 10.82 -18.93
CA LEU B 157 8.44 12.15 -19.50
C LEU B 157 9.41 13.22 -19.00
N LYS B 158 10.25 12.87 -18.01
CA LYS B 158 11.24 13.76 -17.39
C LYS B 158 10.55 15.03 -16.86
N LEU B 159 9.57 14.82 -15.95
CA LEU B 159 8.79 15.88 -15.32
C LEU B 159 9.62 16.55 -14.23
N ASP B 160 9.62 17.90 -14.19
CA ASP B 160 10.33 18.63 -13.14
C ASP B 160 9.49 18.58 -11.86
N SER B 161 10.11 18.87 -10.70
CA SER B 161 9.46 18.86 -9.38
C SER B 161 8.21 19.75 -9.28
N GLN B 162 8.23 20.93 -9.94
CA GLN B 162 7.13 21.90 -9.97
C GLN B 162 5.89 21.29 -10.64
N GLN B 163 6.06 20.75 -11.87
CA GLN B 163 4.98 20.10 -12.61
C GLN B 163 4.47 18.88 -11.88
N LEU B 164 5.38 18.01 -11.38
CA LEU B 164 5.04 16.79 -10.65
C LEU B 164 4.20 17.06 -9.39
N GLN B 165 4.59 18.07 -8.59
CA GLN B 165 3.83 18.43 -7.38
C GLN B 165 2.44 18.97 -7.69
N LEU B 166 2.31 19.82 -8.73
CA LEU B 166 1.02 20.38 -9.17
C LEU B 166 0.11 19.24 -9.66
N MET B 167 0.69 18.28 -10.40
CA MET B 167 -0.01 17.12 -10.96
C MET B 167 -0.58 16.21 -9.87
N ARG B 168 0.22 15.92 -8.85
CA ARG B 168 -0.15 15.09 -7.70
C ARG B 168 -1.27 15.71 -6.88
N ASN B 169 -1.20 17.05 -6.64
CA ASN B 169 -2.22 17.80 -5.90
C ASN B 169 -3.54 17.88 -6.69
N ALA B 170 -3.46 18.10 -8.03
CA ALA B 170 -4.64 18.17 -8.88
C ALA B 170 -5.35 16.81 -8.92
N LEU B 171 -4.57 15.70 -9.04
CA LEU B 171 -5.14 14.34 -9.06
C LEU B 171 -5.90 14.06 -7.77
N LYS B 172 -5.31 14.43 -6.62
CA LYS B 172 -5.88 14.29 -5.27
C LYS B 172 -7.23 14.99 -5.18
N ARG B 173 -7.31 16.22 -5.70
CA ARG B 173 -8.53 17.02 -5.69
C ARG B 173 -9.61 16.46 -6.62
N LEU B 174 -9.22 16.01 -7.84
CA LEU B 174 -10.14 15.47 -8.84
C LEU B 174 -10.83 14.16 -8.43
N ILE B 175 -10.13 13.26 -7.71
CA ILE B 175 -10.68 11.96 -7.32
C ILE B 175 -11.40 11.99 -5.94
N ASN B 176 -11.48 13.18 -5.31
CA ASN B 176 -12.17 13.36 -4.03
C ASN B 176 -13.50 14.11 -4.28
N PRO B 177 -14.68 13.40 -4.27
CA PRO B 177 -15.96 14.10 -4.53
C PRO B 177 -16.27 15.23 -3.55
N LYS B 178 -15.97 15.06 -2.25
CA LYS B 178 -16.18 16.06 -1.21
C LYS B 178 -15.44 17.37 -1.53
N GLU B 179 -14.17 17.26 -1.98
CA GLU B 179 -13.31 18.38 -2.39
C GLU B 179 -13.92 19.14 -3.60
N VAL B 180 -14.33 18.40 -4.65
CA VAL B 180 -14.92 18.96 -5.88
C VAL B 180 -16.26 19.65 -5.59
N GLU B 181 -17.09 19.05 -4.71
CA GLU B 181 -18.41 19.57 -4.32
C GLU B 181 -18.33 20.85 -3.47
N SER B 182 -17.18 21.13 -2.83
CA SER B 182 -16.97 22.31 -1.99
C SER B 182 -16.56 23.55 -2.82
N LEU B 183 -16.22 23.35 -4.11
CA LEU B 183 -15.77 24.40 -5.04
C LEU B 183 -16.88 25.38 -5.47
N PRO B 184 -16.54 26.65 -5.83
CA PRO B 184 -17.58 27.63 -6.20
C PRO B 184 -18.44 27.30 -7.41
N ASN B 185 -17.83 26.72 -8.46
CA ASN B 185 -18.54 26.39 -9.69
C ASN B 185 -18.89 24.91 -9.76
N GLN B 186 -20.18 24.60 -9.72
CA GLN B 186 -20.64 23.21 -9.81
C GLN B 186 -21.09 22.89 -11.24
N VAL B 187 -21.12 21.60 -11.60
CA VAL B 187 -21.50 21.17 -12.96
C VAL B 187 -22.94 21.62 -13.28
N PRO B 188 -23.13 22.50 -14.29
CA PRO B 188 -24.50 22.94 -14.63
C PRO B 188 -25.19 21.90 -15.51
N ALA B 189 -26.53 21.97 -15.56
CA ALA B 189 -27.40 21.08 -16.34
C ALA B 189 -27.05 21.00 -17.84
N ASN B 190 -26.54 22.12 -18.42
CA ASN B 190 -26.16 22.18 -19.84
C ASN B 190 -24.73 21.63 -20.15
N TYR B 191 -23.94 21.26 -19.13
CA TYR B 191 -22.64 20.65 -19.35
C TYR B 191 -22.85 19.14 -19.32
N GLN B 192 -22.87 18.52 -20.51
CA GLN B 192 -23.27 17.13 -20.64
C GLN B 192 -22.22 16.18 -21.15
N LEU B 193 -22.31 14.95 -20.64
CA LEU B 193 -21.44 13.86 -20.96
C LEU B 193 -21.92 13.04 -22.17
N SER B 194 -20.98 12.70 -23.05
CA SER B 194 -21.22 11.81 -24.17
C SER B 194 -20.27 10.62 -24.08
N ILE B 195 -20.79 9.41 -24.38
CA ILE B 195 -19.97 8.19 -24.40
C ILE B 195 -19.84 7.82 -25.89
N PHE B 196 -18.62 7.55 -26.33
CA PHE B 196 -18.33 7.14 -27.69
C PHE B 196 -17.98 5.68 -27.68
N GLN B 197 -18.91 4.86 -28.25
CA GLN B 197 -18.78 3.42 -28.32
C GLN B 197 -17.99 3.01 -29.56
N SER B 198 -16.86 2.32 -29.35
CA SER B 198 -16.01 1.83 -30.43
C SER B 198 -16.71 0.74 -31.25
N SER B 199 -16.67 0.87 -32.59
CA SER B 199 -17.22 -0.16 -33.53
C SER B 199 -16.37 -1.42 -33.39
N ASP B 200 -15.03 -1.24 -33.33
CA ASP B 200 -14.10 -2.35 -33.16
C ASP B 200 -13.98 -2.62 -31.62
N LYS B 201 -14.46 -3.78 -31.14
CA LYS B 201 -14.44 -4.16 -29.71
C LYS B 201 -13.00 -4.34 -29.13
N THR B 202 -11.98 -4.31 -29.97
CA THR B 202 -10.59 -4.42 -29.52
C THR B 202 -10.00 -3.08 -29.10
N PHE B 203 -10.71 -1.99 -29.43
CA PHE B 203 -10.30 -0.62 -29.11
C PHE B 203 -11.08 -0.02 -27.99
N GLN B 204 -10.42 0.86 -27.22
CA GLN B 204 -11.03 1.57 -26.09
C GLN B 204 -12.23 2.44 -26.48
N ASN B 205 -13.20 2.52 -25.59
CA ASN B 205 -14.34 3.44 -25.74
C ASN B 205 -13.83 4.81 -25.25
N LEU B 206 -14.54 5.86 -25.66
CA LEU B 206 -14.14 7.21 -25.34
C LEU B 206 -15.25 7.97 -24.64
N LEU B 207 -14.84 9.09 -24.03
CA LEU B 207 -15.69 9.99 -23.26
C LEU B 207 -15.38 11.41 -23.61
N SER B 208 -16.42 12.27 -23.61
CA SER B 208 -16.24 13.70 -23.85
C SER B 208 -17.39 14.47 -23.25
N ALA B 209 -17.14 15.73 -22.86
CA ALA B 209 -18.20 16.56 -22.32
C ALA B 209 -18.17 17.91 -22.99
N GLU B 210 -19.32 18.53 -23.19
CA GLU B 210 -19.46 19.84 -23.81
C GLU B 210 -20.66 20.59 -23.25
N TYR B 211 -20.69 21.92 -23.46
CA TYR B 211 -21.84 22.74 -23.11
C TYR B 211 -22.82 22.58 -24.26
N VAL B 212 -24.10 22.31 -23.92
CA VAL B 212 -25.18 22.12 -24.87
C VAL B 212 -26.00 23.40 -24.96
N SER C 6 63.26 11.48 -15.67
CA SER C 6 62.14 11.42 -16.61
C SER C 6 61.15 10.31 -16.23
N VAL C 7 59.86 10.60 -16.40
CA VAL C 7 58.77 9.68 -16.06
C VAL C 7 58.63 8.59 -17.16
N PRO C 8 58.69 7.29 -16.78
CA PRO C 8 58.56 6.23 -17.80
C PRO C 8 57.20 6.21 -18.50
N ASN C 9 57.19 5.86 -19.80
CA ASN C 9 55.98 5.75 -20.60
C ASN C 9 55.93 4.36 -21.24
N LYS C 10 55.33 3.41 -20.51
CA LYS C 10 55.25 2.02 -20.98
C LYS C 10 53.79 1.60 -21.04
N GLN C 11 53.33 1.18 -22.21
CA GLN C 11 51.95 0.73 -22.43
C GLN C 11 51.88 -0.78 -22.14
N SER C 12 50.88 -1.21 -21.37
CA SER C 12 50.68 -2.64 -21.06
C SER C 12 50.33 -3.52 -22.27
N SER C 13 50.87 -4.76 -22.24
CA SER C 13 50.62 -5.81 -23.23
C SER C 13 49.62 -6.80 -22.61
N VAL C 14 49.16 -6.53 -21.37
CA VAL C 14 48.26 -7.40 -20.60
C VAL C 14 46.85 -6.76 -20.43
N GLN C 15 45.88 -7.38 -21.11
CA GLN C 15 44.48 -6.98 -21.01
C GLN C 15 44.02 -7.01 -19.53
N ASP C 16 43.36 -5.88 -19.09
CA ASP C 16 42.84 -5.61 -17.73
CA ASP C 16 42.85 -5.63 -17.71
C ASP C 16 43.95 -5.23 -16.70
N TYR C 17 45.26 -5.20 -17.11
CA TYR C 17 46.40 -4.83 -16.24
C TYR C 17 47.17 -3.64 -16.85
N PRO C 18 46.55 -2.41 -16.91
CA PRO C 18 47.20 -1.31 -17.64
C PRO C 18 48.27 -0.52 -16.90
N TRP C 19 48.33 -0.63 -15.56
CA TRP C 19 49.27 0.11 -14.74
C TRP C 19 50.65 -0.50 -14.79
N TYR C 20 51.64 0.37 -14.96
CA TYR C 20 53.04 -0.03 -14.94
C TYR C 20 53.56 0.20 -13.49
N GLY C 21 54.04 -0.85 -12.84
CA GLY C 21 54.58 -0.82 -11.48
C GLY C 21 56.05 -1.14 -11.53
N TYR C 22 56.88 -0.30 -10.90
CA TYR C 22 58.33 -0.46 -11.00
C TYR C 22 59.08 0.14 -9.84
N ASP C 23 60.38 -0.18 -9.72
CA ASP C 23 61.25 0.42 -8.72
C ASP C 23 62.05 1.55 -9.39
N SER C 24 61.77 2.80 -9.03
CA SER C 24 62.47 3.98 -9.60
C SER C 24 63.87 4.19 -8.97
N TYR C 25 64.22 3.43 -7.89
CA TYR C 25 65.58 3.53 -7.31
C TYR C 25 66.43 2.66 -8.24
N SER C 26 66.91 3.29 -9.32
CA SER C 26 67.56 2.67 -10.47
C SER C 26 68.53 3.68 -11.08
N LYS C 27 69.36 3.27 -12.06
CA LYS C 27 70.30 4.18 -12.75
C LYS C 27 69.58 5.46 -13.20
N GLY C 28 70.13 6.60 -12.85
CA GLY C 28 69.51 7.88 -13.17
C GLY C 28 68.93 8.57 -11.96
N TYR C 29 68.58 7.79 -10.92
CA TYR C 29 68.04 8.34 -9.67
C TYR C 29 69.19 9.04 -8.93
N PRO C 30 68.96 10.23 -8.32
CA PRO C 30 70.05 10.92 -7.62
C PRO C 30 70.69 10.11 -6.49
N ASP C 31 72.03 9.96 -6.54
CA ASP C 31 72.88 9.23 -5.59
C ASP C 31 72.62 7.70 -5.60
N TYR C 32 72.09 7.19 -6.71
CA TYR C 32 71.79 5.77 -6.86
C TYR C 32 73.04 4.90 -6.68
N SER C 33 72.89 3.81 -5.91
CA SER C 33 73.91 2.76 -5.77
C SER C 33 73.21 1.40 -5.92
N PRO C 34 73.71 0.49 -6.78
CA PRO C 34 73.09 -0.84 -6.90
C PRO C 34 73.36 -1.75 -5.69
N LEU C 35 74.22 -1.32 -4.77
CA LEU C 35 74.57 -2.07 -3.56
C LEU C 35 73.77 -1.63 -2.32
N LYS C 36 72.88 -0.64 -2.48
CA LYS C 36 72.05 -0.14 -1.38
C LYS C 36 70.67 -0.74 -1.44
N THR C 37 70.15 -1.18 -0.29
CA THR C 37 68.82 -1.82 -0.14
C THR C 37 67.68 -0.80 -0.13
N TYR C 38 67.83 0.34 -0.83
CA TYR C 38 66.75 1.31 -0.92
C TYR C 38 65.79 0.90 -2.03
N HIS C 39 64.56 1.39 -1.97
CA HIS C 39 63.55 1.22 -3.00
C HIS C 39 62.76 2.52 -3.09
N ASN C 40 62.18 2.77 -4.26
CA ASN C 40 61.30 3.89 -4.47
C ASN C 40 60.29 3.43 -5.52
N LEU C 41 59.33 2.64 -5.07
CA LEU C 41 58.31 2.04 -5.93
C LEU C 41 57.29 3.04 -6.39
N LYS C 42 56.90 2.90 -7.65
CA LYS C 42 55.94 3.80 -8.30
C LYS C 42 54.98 3.02 -9.18
N VAL C 43 53.83 3.62 -9.46
CA VAL C 43 52.84 3.15 -10.43
C VAL C 43 52.47 4.35 -11.31
N ASN C 44 52.34 4.10 -12.61
CA ASN C 44 51.85 5.14 -13.53
C ASN C 44 51.09 4.48 -14.72
N LEU C 45 50.34 5.29 -15.45
CA LEU C 45 49.52 4.87 -16.57
C LEU C 45 50.00 5.60 -17.79
N ASP C 46 50.62 4.89 -18.74
CA ASP C 46 51.10 5.43 -20.01
C ASP C 46 51.80 6.80 -19.89
N GLY C 47 52.85 6.86 -19.06
CA GLY C 47 53.62 8.08 -18.89
C GLY C 47 52.97 9.21 -18.12
N SER C 48 51.82 8.95 -17.47
CA SER C 48 51.10 9.94 -16.65
C SER C 48 51.90 10.17 -15.34
N LYS C 49 51.35 11.03 -14.46
CA LYS C 49 51.86 11.31 -13.10
C LYS C 49 52.18 9.97 -12.37
N GLU C 50 53.36 9.90 -11.73
CA GLU C 50 53.77 8.74 -10.94
C GLU C 50 53.14 8.85 -9.55
N TYR C 51 52.65 7.74 -9.04
CA TYR C 51 52.08 7.66 -7.70
C TYR C 51 53.04 6.85 -6.82
N GLN C 52 53.32 7.32 -5.61
CA GLN C 52 54.18 6.62 -4.66
C GLN C 52 53.50 5.32 -4.27
N ALA C 53 54.21 4.21 -4.47
CA ALA C 53 53.69 2.88 -4.17
C ALA C 53 54.52 2.19 -3.09
N TYR C 54 53.89 1.24 -2.43
CA TYR C 54 54.54 0.37 -1.41
C TYR C 54 54.12 -1.06 -1.71
N CYS C 55 55.03 -1.97 -1.52
CA CYS C 55 54.77 -3.38 -1.82
C CYS C 55 54.29 -4.20 -0.62
N PHE C 56 53.73 -5.38 -0.90
CA PHE C 56 53.35 -6.39 0.09
C PHE C 56 53.55 -7.74 -0.54
N ASN C 57 53.52 -8.84 0.26
CA ASN C 57 53.84 -10.24 -0.11
C ASN C 57 55.34 -10.37 -0.11
N LEU C 58 55.91 -10.54 1.06
CA LEU C 58 57.36 -10.62 1.24
C LEU C 58 58.04 -11.81 0.56
N THR C 59 57.29 -12.86 0.25
CA THR C 59 57.87 -14.03 -0.36
C THR C 59 57.90 -13.94 -1.89
N LYS C 60 57.38 -12.84 -2.47
CA LYS C 60 57.33 -12.62 -3.92
C LYS C 60 58.42 -11.68 -4.35
N HIS C 61 58.62 -11.55 -5.65
CA HIS C 61 59.68 -10.71 -6.20
C HIS C 61 59.35 -9.24 -6.14
N PHE C 62 60.37 -8.44 -5.83
CA PHE C 62 60.27 -6.98 -5.91
C PHE C 62 59.96 -6.60 -7.35
N PRO C 63 59.16 -5.53 -7.62
CA PRO C 63 59.03 -5.06 -9.00
C PRO C 63 60.43 -4.70 -9.55
N SER C 64 60.63 -4.99 -10.83
CA SER C 64 61.89 -4.71 -11.54
C SER C 64 62.18 -3.20 -11.54
N LYS C 65 63.47 -2.86 -11.62
CA LYS C 65 63.93 -1.48 -11.75
C LYS C 65 63.44 -0.90 -13.07
N SER C 66 63.22 0.43 -13.12
CA SER C 66 62.69 1.09 -14.32
C SER C 66 63.54 0.90 -15.58
N ASP C 67 64.85 0.66 -15.44
CA ASP C 67 65.74 0.45 -16.60
C ASP C 67 65.88 -1.02 -17.01
N SER C 68 65.07 -1.91 -16.40
CA SER C 68 65.06 -3.33 -16.78
C SER C 68 64.29 -3.49 -18.10
N VAL C 69 64.60 -4.55 -18.86
CA VAL C 69 63.88 -4.88 -20.07
C VAL C 69 62.52 -5.50 -19.67
N ARG C 70 62.43 -6.00 -18.44
CA ARG C 70 61.20 -6.62 -17.92
C ARG C 70 60.34 -5.54 -17.28
N SER C 71 59.05 -5.61 -17.53
CA SER C 71 58.04 -4.70 -16.94
C SER C 71 56.97 -5.51 -16.23
N GLN C 72 56.50 -5.01 -15.09
CA GLN C 72 55.37 -5.67 -14.39
C GLN C 72 54.13 -4.86 -14.52
N TRP C 73 53.02 -5.55 -14.83
CA TRP C 73 51.72 -4.93 -15.08
C TRP C 73 50.74 -5.18 -13.97
N TYR C 74 49.95 -4.13 -13.66
CA TYR C 74 49.03 -4.13 -12.51
C TYR C 74 47.61 -3.71 -12.84
N LYS C 75 46.66 -4.28 -12.07
CA LYS C 75 45.23 -3.93 -12.14
C LYS C 75 44.97 -3.08 -10.90
N LYS C 76 44.31 -1.91 -11.09
CA LYS C 76 43.96 -1.04 -9.97
C LYS C 76 42.60 -1.52 -9.40
N LEU C 77 42.59 -1.83 -8.10
CA LEU C 77 41.38 -2.25 -7.39
C LEU C 77 41.11 -1.27 -6.24
N GLU C 78 39.84 -1.20 -5.81
CA GLU C 78 39.41 -0.43 -4.64
C GLU C 78 40.17 -1.01 -3.44
N GLY C 79 40.71 -0.15 -2.58
CA GLY C 79 41.43 -0.58 -1.39
C GLY C 79 40.53 -0.97 -0.24
N THR C 80 39.45 -1.74 -0.53
CA THR C 80 38.51 -2.28 0.48
C THR C 80 39.27 -3.32 1.34
N ASN C 81 38.78 -3.62 2.57
CA ASN C 81 39.37 -4.66 3.42
C ASN C 81 39.37 -6.01 2.71
N GLU C 82 38.25 -6.36 2.05
CA GLU C 82 38.04 -7.62 1.33
C GLU C 82 39.11 -7.85 0.26
N ASN C 83 39.35 -6.82 -0.61
CA ASN C 83 40.35 -6.90 -1.68
C ASN C 83 41.75 -7.12 -1.11
N PHE C 84 42.03 -6.47 0.03
N PHE C 84 42.03 -6.45 0.01
CA PHE C 84 43.30 -6.55 0.75
CA PHE C 84 43.33 -6.56 0.66
C PHE C 84 43.56 -7.93 1.30
C PHE C 84 43.56 -7.96 1.26
N ILE C 85 42.56 -8.52 1.96
CA ILE C 85 42.63 -9.87 2.55
C ILE C 85 42.81 -10.92 1.46
N LYS C 86 42.17 -10.73 0.28
CA LYS C 86 42.29 -11.65 -0.85
C LYS C 86 43.70 -11.74 -1.42
N LEU C 87 44.46 -10.62 -1.43
CA LEU C 87 45.82 -10.62 -1.99
C LEU C 87 46.96 -10.76 -0.97
N ALA C 88 46.71 -10.45 0.34
CA ALA C 88 47.76 -10.55 1.36
C ALA C 88 47.98 -11.98 1.84
N ASP C 89 49.25 -12.39 2.00
CA ASP C 89 49.66 -13.71 2.48
C ASP C 89 49.34 -13.84 3.98
N LYS C 90 49.91 -12.96 4.83
CA LYS C 90 49.77 -12.99 6.29
C LYS C 90 49.37 -11.63 6.87
N PRO C 91 48.15 -11.07 6.59
CA PRO C 91 47.83 -9.74 7.15
C PRO C 91 47.63 -9.76 8.67
N ARG C 92 48.03 -8.68 9.34
CA ARG C 92 47.91 -8.55 10.78
C ARG C 92 46.50 -8.06 11.14
N ILE C 93 45.50 -8.95 11.03
CA ILE C 93 44.08 -8.64 11.31
C ILE C 93 43.84 -8.34 12.79
N GLU C 94 44.55 -9.03 13.70
CA GLU C 94 44.47 -8.92 15.17
C GLU C 94 44.69 -7.50 15.73
N ASP C 95 45.31 -6.60 14.93
CA ASP C 95 45.57 -5.20 15.31
C ASP C 95 44.48 -4.20 14.81
N GLY C 96 43.37 -4.74 14.29
CA GLY C 96 42.25 -3.96 13.80
C GLY C 96 42.04 -4.00 12.30
N GLN C 97 41.23 -3.05 11.81
CA GLN C 97 40.92 -2.95 10.39
C GLN C 97 42.18 -2.63 9.57
N LEU C 98 42.53 -3.53 8.63
CA LEU C 98 43.68 -3.45 7.75
C LEU C 98 43.70 -2.17 6.92
N GLN C 99 42.60 -1.89 6.19
CA GLN C 99 42.47 -0.71 5.32
C GLN C 99 42.79 0.58 6.06
N GLN C 100 42.17 0.78 7.24
CA GLN C 100 42.32 1.98 8.06
C GLN C 100 43.77 2.20 8.55
N ASN C 101 44.41 1.12 9.02
CA ASN C 101 45.78 1.15 9.53
C ASN C 101 46.76 1.48 8.44
N ILE C 102 46.57 0.89 7.26
CA ILE C 102 47.41 1.09 6.08
C ILE C 102 47.25 2.51 5.59
N LEU C 103 46.00 2.98 5.49
CA LEU C 103 45.66 4.35 5.08
C LEU C 103 46.32 5.37 6.03
N ARG C 104 46.26 5.13 7.35
CA ARG C 104 46.88 6.01 8.34
C ARG C 104 48.40 6.13 8.13
N ILE C 105 49.05 5.01 7.81
CA ILE C 105 50.50 4.97 7.52
C ILE C 105 50.83 5.77 6.27
N LEU C 106 50.05 5.59 5.20
CA LEU C 106 50.31 6.30 3.94
C LEU C 106 50.06 7.79 4.08
N TYR C 107 49.02 8.17 4.84
CA TYR C 107 48.64 9.55 5.12
C TYR C 107 49.72 10.28 5.93
N ASN C 108 50.38 9.56 6.84
CA ASN C 108 51.43 10.09 7.73
C ASN C 108 52.86 9.84 7.28
N GLY C 109 53.03 8.97 6.28
CA GLY C 109 54.34 8.57 5.79
C GLY C 109 54.81 9.35 4.58
N TYR C 110 55.80 8.82 3.88
CA TYR C 110 56.37 9.50 2.72
C TYR C 110 55.50 9.35 1.46
N PRO C 111 55.20 10.45 0.73
CA PRO C 111 55.58 11.85 0.97
C PRO C 111 54.54 12.74 1.70
N ASN C 112 53.28 12.25 1.91
CA ASN C 112 52.15 13.01 2.44
C ASN C 112 52.48 13.66 3.79
N ASP C 113 53.09 12.90 4.74
CA ASP C 113 53.60 13.36 6.04
C ASP C 113 52.73 14.46 6.66
N ARG C 114 51.42 14.22 6.69
CA ARG C 114 50.45 15.21 7.11
C ARG C 114 50.64 15.73 8.55
N ASN C 115 51.17 14.92 9.46
CA ASN C 115 51.36 15.34 10.85
C ASN C 115 52.84 15.51 11.23
N GLY C 116 53.71 15.60 10.22
CA GLY C 116 55.14 15.81 10.41
C GLY C 116 55.91 14.69 11.10
N ILE C 117 55.38 13.44 11.09
CA ILE C 117 56.04 12.28 11.71
C ILE C 117 57.40 11.99 11.02
N MET C 118 57.49 12.26 9.71
CA MET C 118 58.68 12.01 8.87
C MET C 118 59.67 13.17 8.82
N LYS C 119 59.39 14.27 9.56
CA LYS C 119 60.27 15.44 9.59
C LYS C 119 61.71 15.10 9.98
N GLY C 120 62.65 15.61 9.19
CA GLY C 120 64.09 15.43 9.40
C GLY C 120 64.67 14.17 8.78
N ILE C 121 63.79 13.26 8.29
CA ILE C 121 64.20 12.00 7.68
C ILE C 121 64.42 12.19 6.17
N ASP C 122 65.61 11.80 5.66
CA ASP C 122 65.96 11.87 4.24
C ASP C 122 64.95 11.06 3.41
N PRO C 123 64.56 11.54 2.19
CA PRO C 123 63.50 10.84 1.41
C PRO C 123 63.57 9.31 1.33
N LEU C 124 64.72 8.72 0.95
CA LEU C 124 64.89 7.26 0.83
C LEU C 124 64.74 6.54 2.16
N ASN C 125 65.19 7.19 3.24
CA ASN C 125 65.03 6.66 4.60
C ASN C 125 63.56 6.75 5.05
N ALA C 126 62.84 7.81 4.61
CA ALA C 126 61.42 8.01 4.95
C ALA C 126 60.57 6.96 4.24
N ILE C 127 60.90 6.66 2.97
CA ILE C 127 60.22 5.59 2.19
C ILE C 127 60.46 4.24 2.91
N LEU C 128 61.72 4.00 3.34
CA LEU C 128 62.10 2.77 4.02
C LEU C 128 61.28 2.58 5.30
N VAL C 129 61.12 3.66 6.13
CA VAL C 129 60.31 3.62 7.37
C VAL C 129 58.86 3.29 7.03
N THR C 130 58.28 4.03 6.07
CA THR C 130 56.91 3.83 5.61
C THR C 130 56.67 2.38 5.15
N GLN C 131 57.57 1.85 4.31
CA GLN C 131 57.51 0.49 3.79
C GLN C 131 57.54 -0.55 4.93
N ASN C 132 58.41 -0.34 5.92
CA ASN C 132 58.48 -1.24 7.07
C ASN C 132 57.22 -1.18 7.90
N ALA C 133 56.61 0.00 8.07
CA ALA C 133 55.33 0.16 8.78
C ALA C 133 54.23 -0.58 7.99
N ILE C 134 54.26 -0.49 6.64
CA ILE C 134 53.30 -1.17 5.76
C ILE C 134 53.41 -2.68 5.95
N TRP C 135 54.66 -3.22 5.88
CA TRP C 135 54.94 -4.65 6.00
C TRP C 135 54.51 -5.21 7.34
N TYR C 136 54.59 -4.41 8.40
CA TYR C 136 54.16 -4.79 9.74
C TYR C 136 52.67 -5.21 9.68
N TYR C 137 51.85 -4.50 8.91
CA TYR C 137 50.42 -4.83 8.78
C TYR C 137 50.11 -5.78 7.66
N THR C 138 50.71 -5.60 6.48
CA THR C 138 50.39 -6.44 5.32
C THR C 138 50.93 -7.84 5.40
N ASP C 139 52.08 -8.03 6.04
CA ASP C 139 52.78 -9.31 6.07
C ASP C 139 53.12 -9.77 7.47
N SER C 140 52.59 -9.10 8.50
CA SER C 140 52.84 -9.39 9.91
C SER C 140 54.34 -9.51 10.17
N SER C 141 55.13 -8.59 9.58
CA SER C 141 56.56 -8.63 9.79
C SER C 141 56.88 -8.30 11.24
N TYR C 142 57.78 -9.08 11.80
CA TYR C 142 58.17 -9.05 13.20
C TYR C 142 58.80 -7.74 13.67
N ILE C 143 58.12 -7.06 14.61
CA ILE C 143 58.61 -5.83 15.26
C ILE C 143 58.20 -5.88 16.72
N ASP C 145 59.50 -5.53 19.57
CA ASP C 145 60.33 -4.45 20.11
C ASP C 145 60.88 -3.54 19.01
N THR C 146 60.39 -2.29 18.98
CA THR C 146 60.73 -1.23 18.01
C THR C 146 62.20 -0.81 18.10
N LYS C 148 65.46 -1.11 18.45
CA LYS C 148 65.92 -2.42 17.93
C LYS C 148 65.80 -2.57 16.39
N ALA C 149 65.00 -1.72 15.73
CA ALA C 149 64.77 -1.80 14.29
C ALA C 149 65.90 -1.21 13.42
N PHE C 150 65.94 -1.63 12.13
CA PHE C 150 66.89 -1.20 11.10
C PHE C 150 68.36 -1.53 11.40
N GLN C 151 68.62 -2.63 12.14
CA GLN C 151 69.99 -3.04 12.47
C GLN C 151 70.78 -3.44 11.22
N GLN C 152 70.16 -4.22 10.31
CA GLN C 152 70.79 -4.63 9.04
C GLN C 152 70.97 -3.43 8.12
N GLU C 153 69.95 -2.56 8.03
CA GLU C 153 69.95 -1.32 7.23
C GLU C 153 71.04 -0.37 7.71
N GLU C 154 71.26 -0.30 9.04
CA GLU C 154 72.30 0.54 9.66
C GLU C 154 73.67 0.19 9.09
N THR C 155 74.02 -1.11 9.00
CA THR C 155 75.32 -1.55 8.48
C THR C 155 75.34 -1.54 6.93
N ASP C 156 74.25 -1.99 6.27
CA ASP C 156 74.16 -2.02 4.82
C ASP C 156 74.13 -0.64 4.13
N LEU C 157 73.39 0.33 4.71
CA LEU C 157 73.22 1.68 4.16
C LEU C 157 74.13 2.71 4.86
N LYS C 158 74.82 2.28 5.94
CA LYS C 158 75.70 3.11 6.78
C LYS C 158 74.95 4.38 7.24
N LEU C 159 73.83 4.17 7.96
CA LEU C 159 72.97 5.23 8.48
C LEU C 159 73.63 5.86 9.70
N ASP C 160 73.65 7.20 9.78
CA ASP C 160 74.20 7.90 10.94
C ASP C 160 73.19 7.80 12.09
N SER C 161 73.67 8.04 13.34
CA SER C 161 72.88 7.96 14.57
C SER C 161 71.64 8.86 14.56
N GLN C 162 71.74 10.07 13.94
CA GLN C 162 70.66 11.06 13.82
C GLN C 162 69.51 10.50 12.98
N GLN C 163 69.82 10.00 11.77
CA GLN C 163 68.83 9.41 10.86
C GLN C 163 68.22 8.16 11.47
N LEU C 164 69.05 7.27 12.02
CA LEU C 164 68.61 6.03 12.66
C LEU C 164 67.61 6.26 13.82
N GLN C 165 67.86 7.23 14.71
N GLN C 165 67.88 7.26 14.69
CA GLN C 165 66.93 7.45 15.82
CA GLN C 165 67.02 7.55 15.83
C GLN C 165 65.63 8.10 15.36
C GLN C 165 65.68 8.14 15.38
N LEU C 166 65.70 9.02 14.36
CA LEU C 166 64.48 9.64 13.79
C LEU C 166 63.63 8.54 13.14
N MET C 167 64.30 7.59 12.45
CA MET C 167 63.66 6.46 11.76
C MET C 167 62.97 5.52 12.74
N ARG C 168 63.64 5.20 13.87
CA ARG C 168 63.09 4.35 14.93
C ARG C 168 61.88 4.97 15.62
N ASN C 169 61.95 6.29 15.89
CA ASN C 169 60.87 7.01 16.51
C ASN C 169 59.66 7.12 15.56
N ALA C 170 59.91 7.40 14.26
CA ALA C 170 58.85 7.50 13.26
C ALA C 170 58.15 6.16 13.06
N LEU C 171 58.93 5.05 12.97
CA LEU C 171 58.38 3.70 12.84
C LEU C 171 57.48 3.36 14.03
N LYS C 172 57.94 3.68 15.27
CA LYS C 172 57.21 3.50 16.52
C LYS C 172 55.86 4.21 16.48
N ARG C 173 55.85 5.46 15.99
CA ARG C 173 54.62 6.25 15.90
C ARG C 173 53.66 5.75 14.83
N LEU C 174 54.19 5.35 13.65
CA LEU C 174 53.40 4.83 12.53
C LEU C 174 52.69 3.51 12.82
N ILE C 175 53.29 2.59 13.60
CA ILE C 175 52.72 1.26 13.87
C ILE C 175 51.85 1.24 15.17
N ASN C 176 51.67 2.41 15.81
CA ASN C 176 50.85 2.55 17.01
C ASN C 176 49.56 3.32 16.65
N PRO C 177 48.40 2.63 16.50
CA PRO C 177 47.16 3.35 16.14
C PRO C 177 46.72 4.42 17.13
N LYS C 178 46.89 4.19 18.45
CA LYS C 178 46.54 5.16 19.50
C LYS C 178 47.31 6.49 19.31
N GLU C 179 48.61 6.38 18.99
CA GLU C 179 49.51 7.52 18.73
C GLU C 179 49.04 8.32 17.50
N VAL C 180 48.76 7.62 16.36
CA VAL C 180 48.29 8.23 15.11
C VAL C 180 46.92 8.91 15.28
N GLU C 181 46.02 8.28 16.06
CA GLU C 181 44.66 8.80 16.32
C GLU C 181 44.65 10.05 17.24
N SER C 182 45.75 10.31 17.98
CA SER C 182 45.86 11.48 18.87
C SER C 182 46.38 12.73 18.11
N LEU C 183 46.82 12.56 16.85
CA LEU C 183 47.38 13.62 16.01
C LEU C 183 46.33 14.62 15.51
N PRO C 184 46.71 15.90 15.21
CA PRO C 184 45.71 16.90 14.77
C PRO C 184 44.97 16.59 13.47
N ASN C 185 45.68 16.03 12.47
CA ASN C 185 45.09 15.73 11.18
C ASN C 185 44.78 14.26 11.04
N GLN C 186 43.49 13.93 10.91
CA GLN C 186 43.05 12.55 10.75
C GLN C 186 42.76 12.26 9.28
N VAL C 187 42.82 10.98 8.87
CA VAL C 187 42.57 10.58 7.48
C VAL C 187 41.17 11.02 7.02
N PRO C 188 41.06 11.95 6.02
CA PRO C 188 39.72 12.36 5.55
C PRO C 188 39.15 11.33 4.57
N ALA C 189 37.81 11.37 4.37
CA ALA C 189 37.09 10.45 3.47
C ALA C 189 37.58 10.46 2.03
N ASN C 190 38.12 11.59 1.54
CA ASN C 190 38.63 11.71 0.16
C ASN C 190 40.07 11.18 -0.01
N TYR C 191 40.77 10.79 1.08
CA TYR C 191 42.11 10.23 0.99
C TYR C 191 41.90 8.72 0.94
N GLN C 192 42.01 8.14 -0.27
CA GLN C 192 41.61 6.74 -0.49
C GLN C 192 42.71 5.82 -0.92
N LEU C 193 42.56 4.56 -0.49
CA LEU C 193 43.52 3.50 -0.75
C LEU C 193 43.19 2.74 -2.04
N SER C 194 44.22 2.46 -2.82
CA SER C 194 44.14 1.63 -4.02
C SER C 194 45.07 0.45 -3.88
N ILE C 195 44.60 -0.72 -4.32
CA ILE C 195 45.43 -1.93 -4.34
C ILE C 195 45.77 -2.21 -5.81
N PHE C 196 47.03 -2.42 -6.10
CA PHE C 196 47.50 -2.74 -7.45
C PHE C 196 47.88 -4.23 -7.48
N GLN C 197 47.05 -5.00 -8.18
CA GLN C 197 47.22 -6.45 -8.29
C GLN C 197 48.16 -6.79 -9.44
N SER C 198 49.25 -7.50 -9.13
CA SER C 198 50.22 -7.95 -10.12
C SER C 198 49.62 -8.99 -11.03
N SER C 199 49.79 -8.81 -12.37
CA SER C 199 49.38 -9.77 -13.40
C SER C 199 50.15 -11.11 -13.18
N ASP C 200 51.43 -10.99 -12.94
CA ASP C 200 52.36 -12.09 -12.74
C ASP C 200 52.34 -12.40 -11.22
N LYS C 201 51.86 -13.57 -10.84
CA LYS C 201 51.75 -14.00 -9.41
C LYS C 201 53.09 -14.19 -8.69
N THR C 202 54.19 -14.15 -9.43
CA THR C 202 55.56 -14.27 -8.93
C THR C 202 56.05 -12.93 -8.36
N PHE C 203 55.40 -11.81 -8.74
CA PHE C 203 55.74 -10.47 -8.29
C PHE C 203 54.81 -9.95 -7.19
N GLN C 204 55.37 -9.06 -6.34
CA GLN C 204 54.62 -8.42 -5.26
C GLN C 204 53.48 -7.54 -5.75
N ASN C 205 52.41 -7.49 -4.94
CA ASN C 205 51.27 -6.57 -5.19
C ASN C 205 51.67 -5.24 -4.61
N LEU C 206 51.00 -4.17 -5.05
CA LEU C 206 51.35 -2.84 -4.63
C LEU C 206 50.15 -2.11 -4.03
N LEU C 207 50.44 -1.08 -3.24
CA LEU C 207 49.41 -0.23 -2.64
C LEU C 207 49.81 1.24 -2.74
N SER C 208 48.79 2.09 -2.90
CA SER C 208 48.99 3.54 -3.03
C SER C 208 47.76 4.27 -2.56
N ALA C 209 47.95 5.48 -2.07
CA ALA C 209 46.82 6.30 -1.63
C ALA C 209 46.92 7.68 -2.22
N GLU C 210 45.78 8.27 -2.54
CA GLU C 210 45.71 9.60 -3.12
C GLU C 210 44.44 10.33 -2.67
N TYR C 211 44.43 11.65 -2.86
CA TYR C 211 43.25 12.46 -2.61
C TYR C 211 42.37 12.34 -3.86
N VAL C 212 41.10 12.03 -3.67
CA VAL C 212 40.12 11.84 -4.74
C VAL C 212 39.27 13.11 -4.88
N SER D 6 71.85 -29.92 -16.73
CA SER D 6 73.28 -29.63 -16.61
C SER D 6 73.62 -28.72 -15.41
N VAL D 7 74.71 -29.08 -14.71
CA VAL D 7 75.21 -28.36 -13.54
C VAL D 7 75.99 -27.09 -13.98
N PRO D 8 75.58 -25.88 -13.53
CA PRO D 8 76.29 -24.66 -13.94
C PRO D 8 77.74 -24.60 -13.48
N ASN D 9 78.62 -23.99 -14.30
CA ASN D 9 80.03 -23.79 -13.97
C ASN D 9 80.36 -22.32 -14.13
N LYS D 10 80.23 -21.57 -13.06
CA LYS D 10 80.52 -20.13 -13.05
C LYS D 10 81.58 -19.82 -11.99
N GLN D 11 82.65 -19.19 -12.43
CA GLN D 11 83.79 -18.85 -11.59
C GLN D 11 83.66 -17.41 -11.08
N SER D 12 83.80 -17.24 -9.76
CA SER D 12 83.72 -15.94 -9.12
C SER D 12 85.00 -15.15 -9.40
N SER D 13 84.90 -13.83 -9.49
CA SER D 13 86.07 -12.96 -9.61
C SER D 13 86.23 -12.19 -8.28
N VAL D 14 85.40 -12.54 -7.28
CA VAL D 14 85.42 -11.89 -5.97
C VAL D 14 86.20 -12.69 -4.94
N GLN D 15 87.25 -12.07 -4.36
CA GLN D 15 88.12 -12.68 -3.36
C GLN D 15 87.29 -13.06 -2.14
N ASP D 16 87.43 -14.32 -1.70
CA ASP D 16 86.73 -14.91 -0.54
C ASP D 16 85.24 -15.19 -0.77
N TYR D 17 84.71 -14.97 -2.00
CA TYR D 17 83.30 -15.26 -2.32
C TYR D 17 83.30 -16.18 -3.55
N PRO D 18 83.80 -17.43 -3.43
CA PRO D 18 83.88 -18.30 -4.63
C PRO D 18 82.62 -19.09 -5.00
N TRP D 19 81.66 -19.23 -4.06
CA TRP D 19 80.43 -19.99 -4.28
C TRP D 19 79.44 -19.27 -5.17
N TYR D 20 78.85 -20.00 -6.09
CA TYR D 20 77.80 -19.49 -6.96
C TYR D 20 76.48 -19.94 -6.37
N GLY D 21 75.59 -18.99 -6.10
CA GLY D 21 74.26 -19.26 -5.53
C GLY D 21 73.20 -18.80 -6.51
N TYR D 22 72.24 -19.70 -6.84
CA TYR D 22 71.20 -19.39 -7.86
C TYR D 22 69.91 -20.13 -7.67
N ASP D 23 68.89 -19.71 -8.43
CA ASP D 23 67.61 -20.39 -8.44
C ASP D 23 67.61 -21.30 -9.67
N SER D 24 67.64 -22.62 -9.45
CA SER D 24 67.62 -23.59 -10.55
C SER D 24 66.18 -23.82 -11.12
N TYR D 25 65.13 -23.25 -10.48
CA TYR D 25 63.77 -23.34 -11.02
C TYR D 25 63.74 -22.24 -12.10
N SER D 26 64.18 -22.62 -13.30
CA SER D 26 64.43 -21.73 -14.44
C SER D 26 64.19 -22.53 -15.73
N LYS D 27 64.21 -21.85 -16.92
CA LYS D 27 64.03 -22.48 -18.23
C LYS D 27 64.95 -23.71 -18.33
N GLY D 28 64.36 -24.86 -18.66
CA GLY D 28 65.09 -26.12 -18.74
C GLY D 28 64.80 -27.09 -17.60
N TYR D 29 64.35 -26.58 -16.43
CA TYR D 29 63.98 -27.40 -15.29
C TYR D 29 62.68 -28.19 -15.67
N PRO D 30 62.56 -29.48 -15.27
CA PRO D 30 61.34 -30.25 -15.64
C PRO D 30 60.03 -29.64 -15.10
N ASP D 31 59.02 -29.45 -15.97
N ASP D 31 59.09 -29.42 -16.02
CA ASP D 31 57.70 -28.85 -15.64
CA ASP D 31 57.76 -28.85 -15.81
C ASP D 31 57.83 -27.37 -15.19
C ASP D 31 57.84 -27.40 -15.24
N TYR D 32 58.89 -26.66 -15.65
CA TYR D 32 59.10 -25.25 -15.29
C TYR D 32 58.01 -24.36 -15.88
N SER D 33 57.47 -23.47 -15.04
CA SER D 33 56.52 -22.45 -15.44
C SER D 33 56.99 -21.13 -14.86
N PRO D 34 57.13 -20.06 -15.69
CA PRO D 34 57.55 -18.75 -15.14
C PRO D 34 56.47 -18.06 -14.32
N LEU D 35 55.25 -18.62 -14.28
CA LEU D 35 54.13 -18.06 -13.52
C LEU D 35 53.92 -18.75 -12.16
N LYS D 36 54.76 -19.76 -11.84
CA LYS D 36 54.66 -20.48 -10.58
C LYS D 36 55.65 -19.95 -9.58
N THR D 37 55.20 -19.75 -8.32
CA THR D 37 56.02 -19.23 -7.21
C THR D 37 56.97 -20.26 -6.59
N TYR D 38 57.41 -21.28 -7.37
CA TYR D 38 58.35 -22.27 -6.86
C TYR D 38 59.77 -21.72 -6.94
N HIS D 39 60.65 -22.31 -6.13
CA HIS D 39 62.08 -22.04 -6.13
C HIS D 39 62.80 -23.32 -5.91
N ASN D 40 64.05 -23.41 -6.38
CA ASN D 40 64.90 -24.53 -6.13
C ASN D 40 66.31 -23.96 -6.09
N LEU D 41 66.62 -23.36 -4.95
CA LEU D 41 67.91 -22.71 -4.74
C LEU D 41 69.05 -23.70 -4.55
N LYS D 42 70.19 -23.39 -5.19
CA LYS D 42 71.39 -24.23 -5.11
C LYS D 42 72.63 -23.37 -4.88
N VAL D 43 73.68 -24.00 -4.34
CA VAL D 43 75.02 -23.45 -4.24
C VAL D 43 75.95 -24.49 -4.83
N ASN D 44 76.97 -24.04 -5.58
CA ASN D 44 78.01 -24.92 -6.11
C ASN D 44 79.31 -24.13 -6.29
N LEU D 45 80.41 -24.87 -6.42
CA LEU D 45 81.72 -24.29 -6.52
C LEU D 45 82.34 -24.72 -7.79
N ASP D 46 82.47 -23.77 -8.76
CA ASP D 46 83.08 -23.98 -10.07
C ASP D 46 82.62 -25.29 -10.77
N GLY D 47 81.31 -25.45 -10.93
CA GLY D 47 80.74 -26.62 -11.60
C GLY D 47 80.73 -27.91 -10.83
N SER D 48 81.06 -27.87 -9.52
CA SER D 48 81.04 -29.07 -8.66
C SER D 48 79.58 -29.48 -8.36
N LYS D 49 79.40 -30.51 -7.53
CA LYS D 49 78.13 -31.03 -7.02
C LYS D 49 77.29 -29.85 -6.48
N GLU D 50 75.99 -29.80 -6.83
CA GLU D 50 75.07 -28.78 -6.35
C GLU D 50 74.59 -29.19 -4.96
N TYR D 51 74.51 -28.22 -4.05
CA TYR D 51 73.99 -28.45 -2.71
C TYR D 51 72.64 -27.73 -2.63
N GLN D 52 71.62 -28.40 -2.08
CA GLN D 52 70.30 -27.78 -1.89
C GLN D 52 70.44 -26.63 -0.90
N ALA D 53 69.97 -25.46 -1.29
CA ALA D 53 70.08 -24.27 -0.45
C ALA D 53 68.68 -23.70 -0.16
N TYR D 54 68.60 -22.91 0.90
CA TYR D 54 67.39 -22.20 1.31
C TYR D 54 67.78 -20.79 1.64
N CYS D 55 66.92 -19.83 1.30
CA CYS D 55 67.23 -18.41 1.55
C CYS D 55 66.72 -17.89 2.87
N PHE D 56 67.26 -16.75 3.28
CA PHE D 56 66.80 -15.94 4.41
C PHE D 56 66.96 -14.45 4.07
N ASN D 57 66.36 -13.54 4.87
CA ASN D 57 66.29 -12.08 4.66
C ASN D 57 65.15 -11.84 3.67
N LEU D 58 63.91 -11.89 4.16
CA LEU D 58 62.70 -11.73 3.32
C LEU D 58 62.61 -10.41 2.58
N THR D 59 63.25 -9.35 3.12
CA THR D 59 63.19 -8.03 2.49
C THR D 59 64.29 -7.83 1.41
N LYS D 60 65.19 -8.81 1.20
CA LYS D 60 66.23 -8.70 0.15
C LYS D 60 65.81 -9.44 -1.13
N HIS D 61 66.60 -9.39 -2.20
CA HIS D 61 66.25 -10.03 -3.48
C HIS D 61 66.53 -11.53 -3.48
N PHE D 62 65.65 -12.30 -4.16
CA PHE D 62 65.87 -13.74 -4.38
C PHE D 62 67.14 -13.87 -5.24
N PRO D 63 67.98 -14.93 -5.05
CA PRO D 63 69.09 -15.15 -5.99
C PRO D 63 68.52 -15.31 -7.41
N SER D 64 69.24 -14.76 -8.41
CA SER D 64 68.86 -14.82 -9.81
C SER D 64 68.75 -16.26 -10.32
N LYS D 65 67.91 -16.45 -11.34
CA LYS D 65 67.75 -17.75 -12.02
C LYS D 65 69.09 -18.10 -12.72
N SER D 66 69.35 -19.41 -12.90
CA SER D 66 70.60 -19.90 -13.50
C SER D 66 70.85 -19.36 -14.94
N ASP D 67 69.79 -18.97 -15.68
CA ASP D 67 69.96 -18.45 -17.03
C ASP D 67 70.12 -16.91 -17.08
N SER D 68 70.27 -16.26 -15.92
CA SER D 68 70.46 -14.81 -15.84
C SER D 68 71.90 -14.42 -16.20
N VAL D 69 72.08 -13.18 -16.70
CA VAL D 69 73.41 -12.64 -17.03
C VAL D 69 74.16 -12.23 -15.75
N ARG D 70 73.43 -11.78 -14.71
CA ARG D 70 73.99 -11.45 -13.40
C ARG D 70 74.00 -12.71 -12.50
N SER D 71 75.10 -12.92 -11.80
CA SER D 71 75.37 -14.05 -10.92
C SER D 71 75.60 -13.53 -9.50
N GLN D 72 75.16 -14.27 -8.49
CA GLN D 72 75.43 -13.85 -7.13
C GLN D 72 76.51 -14.74 -6.55
N TRP D 73 77.48 -14.13 -5.88
CA TRP D 73 78.65 -14.80 -5.29
C TRP D 73 78.53 -14.85 -3.79
N TYR D 74 78.97 -15.97 -3.20
CA TYR D 74 78.81 -16.25 -1.79
C TYR D 74 80.07 -16.73 -1.09
N LYS D 75 80.18 -16.40 0.21
CA LYS D 75 81.27 -16.80 1.09
C LYS D 75 80.67 -17.84 2.05
N LYS D 76 81.31 -19.01 2.12
CA LYS D 76 80.86 -20.08 2.99
C LYS D 76 81.37 -19.85 4.42
N LEU D 77 80.44 -19.75 5.38
CA LEU D 77 80.73 -19.55 6.81
C LEU D 77 80.18 -20.70 7.61
N GLU D 78 80.72 -20.90 8.83
CA GLU D 78 80.23 -21.87 9.81
C GLU D 78 78.82 -21.44 10.17
N GLY D 79 77.89 -22.41 10.17
CA GLY D 79 76.49 -22.12 10.48
C GLY D 79 76.23 -21.95 11.96
N THR D 80 76.92 -21.00 12.61
CA THR D 80 76.80 -20.75 14.06
C THR D 80 75.71 -19.73 14.36
N ASN D 81 75.24 -19.71 15.62
CA ASN D 81 74.25 -18.73 16.08
C ASN D 81 74.78 -17.30 15.89
N GLU D 82 76.09 -17.10 16.17
CA GLU D 82 76.80 -15.81 16.00
C GLU D 82 76.72 -15.30 14.54
N ASN D 83 76.97 -16.17 13.56
CA ASN D 83 76.91 -15.79 12.14
C ASN D 83 75.48 -15.50 11.68
N PHE D 84 74.47 -16.16 12.28
CA PHE D 84 73.05 -15.87 11.97
C PHE D 84 72.68 -14.50 12.52
N ILE D 85 73.09 -14.18 13.74
CA ILE D 85 72.80 -12.88 14.34
C ILE D 85 73.44 -11.75 13.51
N LYS D 86 74.65 -11.99 12.99
CA LYS D 86 75.37 -11.03 12.14
C LYS D 86 74.68 -10.79 10.78
N LEU D 87 74.09 -11.84 10.18
CA LEU D 87 73.52 -11.73 8.83
C LEU D 87 71.99 -11.74 8.70
N ALA D 88 71.28 -12.30 9.67
CA ALA D 88 69.81 -12.34 9.63
C ALA D 88 69.22 -11.05 10.17
N ASP D 89 68.10 -10.62 9.56
CA ASP D 89 67.38 -9.40 9.96
C ASP D 89 66.65 -9.62 11.30
N LYS D 90 65.76 -10.64 11.36
CA LYS D 90 64.92 -10.94 12.54
C LYS D 90 64.99 -12.43 12.92
N PRO D 91 66.13 -12.99 13.36
CA PRO D 91 66.14 -14.44 13.69
C PRO D 91 65.35 -14.77 14.96
N ARG D 92 64.70 -15.94 14.97
CA ARG D 92 63.92 -16.43 16.11
C ARG D 92 64.90 -17.15 17.05
N ILE D 93 65.57 -16.35 17.93
CA ILE D 93 66.64 -16.80 18.81
C ILE D 93 66.22 -17.11 20.27
N GLU D 94 64.95 -16.84 20.63
CA GLU D 94 64.35 -17.01 21.97
C GLU D 94 64.72 -18.30 22.72
N ASP D 95 64.93 -19.40 21.98
CA ASP D 95 65.23 -20.73 22.53
C ASP D 95 66.73 -21.05 22.69
N GLY D 96 67.61 -20.20 22.13
CA GLY D 96 69.05 -20.39 22.16
C GLY D 96 69.54 -21.56 21.30
N GLN D 97 68.62 -22.14 20.48
CA GLN D 97 68.84 -23.33 19.64
C GLN D 97 68.54 -23.12 18.15
N LEU D 98 68.73 -21.88 17.64
CA LEU D 98 68.51 -21.50 16.25
C LEU D 98 69.24 -22.42 15.26
N GLN D 99 70.57 -22.55 15.39
CA GLN D 99 71.40 -23.39 14.53
C GLN D 99 70.91 -24.86 14.48
N GLN D 100 70.59 -25.43 15.66
CA GLN D 100 70.12 -26.80 15.80
C GLN D 100 68.74 -26.99 15.15
N ASN D 101 67.83 -26.00 15.32
CA ASN D 101 66.50 -26.00 14.73
C ASN D 101 66.56 -26.03 13.21
N ILE D 102 67.44 -25.18 12.62
CA ILE D 102 67.65 -25.08 11.18
C ILE D 102 68.22 -26.40 10.65
N LEU D 103 69.25 -26.95 11.32
CA LEU D 103 69.86 -28.24 10.97
C LEU D 103 68.81 -29.36 10.95
N ARG D 104 67.96 -29.40 11.98
CA ARG D 104 66.90 -30.39 12.06
C ARG D 104 65.91 -30.30 10.89
N ILE D 105 65.56 -29.07 10.47
CA ILE D 105 64.66 -28.82 9.34
C ILE D 105 65.30 -29.32 8.05
N LEU D 106 66.59 -29.04 7.83
CA LEU D 106 67.30 -29.45 6.62
C LEU D 106 67.45 -30.96 6.56
N TYR D 107 67.73 -31.59 7.69
CA TYR D 107 67.90 -33.03 7.82
C TYR D 107 66.59 -33.79 7.56
N ASN D 108 65.46 -33.21 7.98
CA ASN D 108 64.11 -33.77 7.82
C ASN D 108 63.33 -33.32 6.59
N GLY D 109 63.77 -32.23 5.97
CA GLY D 109 63.10 -31.64 4.82
C GLY D 109 63.63 -32.12 3.48
N TYR D 110 63.32 -31.39 2.42
CA TYR D 110 63.77 -31.78 1.10
C TYR D 110 65.27 -31.48 0.85
N PRO D 111 66.06 -32.44 0.30
CA PRO D 111 65.70 -33.81 -0.13
C PRO D 111 65.98 -34.93 0.87
N ASN D 112 66.71 -34.60 1.97
CA ASN D 112 67.19 -35.56 2.96
C ASN D 112 66.06 -36.42 3.51
N ASP D 113 64.98 -35.79 4.00
CA ASP D 113 63.76 -36.46 4.49
C ASP D 113 64.08 -37.74 5.31
N ARG D 114 65.04 -37.65 6.23
CA ARG D 114 65.50 -38.82 6.98
C ARG D 114 64.48 -39.47 7.92
N ASN D 115 63.33 -38.83 8.23
CA ASN D 115 62.28 -39.47 9.05
C ASN D 115 60.94 -39.57 8.32
N GLY D 116 60.98 -39.40 7.01
CA GLY D 116 59.80 -39.51 6.16
C GLY D 116 58.71 -38.47 6.37
N ILE D 117 59.06 -37.29 6.95
CA ILE D 117 58.11 -36.19 7.16
C ILE D 117 57.55 -35.67 5.82
N MET D 118 58.38 -35.70 4.78
CA MET D 118 58.05 -35.22 3.45
C MET D 118 57.40 -36.27 2.55
N LYS D 119 57.20 -37.52 3.03
CA LYS D 119 56.61 -38.62 2.25
C LYS D 119 55.28 -38.23 1.59
N GLY D 120 55.19 -38.49 0.29
CA GLY D 120 54.02 -38.21 -0.52
C GLY D 120 53.97 -36.79 -1.09
N ILE D 121 54.89 -35.91 -0.64
CA ILE D 121 54.91 -34.51 -1.11
C ILE D 121 55.80 -34.39 -2.34
N ASP D 122 55.26 -33.81 -3.44
CA ASP D 122 55.98 -33.57 -4.71
C ASP D 122 57.23 -32.70 -4.44
N PRO D 123 58.36 -32.97 -5.14
CA PRO D 123 59.61 -32.23 -4.86
C PRO D 123 59.54 -30.71 -4.64
N LEU D 124 58.94 -29.96 -5.58
CA LEU D 124 58.83 -28.52 -5.47
C LEU D 124 57.94 -28.07 -4.29
N ASN D 125 56.90 -28.86 -3.95
CA ASN D 125 56.05 -28.61 -2.80
C ASN D 125 56.80 -28.90 -1.51
N ALA D 126 57.70 -29.90 -1.52
CA ALA D 126 58.51 -30.29 -0.38
C ALA D 126 59.55 -29.20 -0.09
N ILE D 127 60.16 -28.62 -1.15
CA ILE D 127 61.10 -27.49 -1.04
C ILE D 127 60.34 -26.30 -0.43
N LEU D 128 59.10 -26.05 -0.91
CA LEU D 128 58.27 -24.95 -0.42
C LEU D 128 57.98 -25.07 1.08
N VAL D 129 57.61 -26.29 1.56
CA VAL D 129 57.36 -26.55 2.99
C VAL D 129 58.65 -26.30 3.80
N THR D 130 59.77 -26.87 3.34
CA THR D 130 61.08 -26.72 4.01
C THR D 130 61.46 -25.23 4.11
N GLN D 131 61.32 -24.50 2.99
CA GLN D 131 61.63 -23.06 2.93
C GLN D 131 60.81 -22.24 3.93
N ASN D 132 59.52 -22.55 4.04
CA ASN D 132 58.62 -21.88 4.99
C ASN D 132 59.01 -22.19 6.44
N ALA D 133 59.41 -23.43 6.73
CA ALA D 133 59.91 -23.83 8.04
C ALA D 133 61.22 -23.07 8.34
N ILE D 134 62.10 -22.93 7.33
CA ILE D 134 63.37 -22.17 7.46
C ILE D 134 63.07 -20.68 7.79
N TRP D 135 62.16 -20.02 7.01
CA TRP D 135 61.77 -18.62 7.22
C TRP D 135 61.17 -18.36 8.60
N TYR D 136 60.45 -19.36 9.15
CA TYR D 136 59.88 -19.28 10.49
C TYR D 136 61.03 -18.98 11.50
N TYR D 137 62.21 -19.60 11.33
CA TYR D 137 63.34 -19.40 12.21
C TYR D 137 64.25 -18.26 11.81
N THR D 138 64.59 -18.15 10.53
CA THR D 138 65.52 -17.13 10.08
C THR D 138 64.99 -15.72 10.06
N ASP D 139 63.67 -15.57 9.78
CA ASP D 139 63.05 -14.27 9.62
C ASP D 139 61.86 -14.06 10.57
N SER D 140 61.67 -14.97 11.55
CA SER D 140 60.55 -14.95 12.51
C SER D 140 59.23 -14.76 11.75
N SER D 141 59.07 -15.46 10.59
CA SER D 141 57.82 -15.33 9.83
C SER D 141 56.67 -15.92 10.63
N TYR D 142 55.57 -15.19 10.64
CA TYR D 142 54.37 -15.52 11.41
C TYR D 142 53.67 -16.79 10.96
N ILE D 143 53.62 -17.79 11.86
CA ILE D 143 52.91 -19.06 11.66
C ILE D 143 52.19 -19.31 12.98
N SER D 144 50.88 -19.03 13.01
N SER D 144 50.87 -19.05 13.03
CA SER D 144 50.02 -19.22 14.19
CA SER D 144 50.08 -19.28 14.24
C SER D 144 49.31 -20.57 14.14
C SER D 144 49.31 -20.60 14.16
N ASP D 145 48.74 -20.91 12.97
CA ASP D 145 47.98 -22.14 12.74
C ASP D 145 48.30 -22.76 11.37
N THR D 146 48.98 -23.91 11.37
CA THR D 146 49.36 -24.65 10.18
C THR D 146 48.16 -25.19 9.38
N SER D 147 46.98 -25.32 10.04
CA SER D 147 45.71 -25.75 9.44
C SER D 147 45.25 -24.76 8.37
N LYS D 148 45.69 -23.50 8.50
CA LYS D 148 45.37 -22.38 7.62
C LYS D 148 46.53 -22.03 6.65
N ALA D 149 47.70 -22.68 6.80
CA ALA D 149 48.89 -22.37 5.97
C ALA D 149 48.71 -22.67 4.48
N PHE D 150 49.50 -21.99 3.62
CA PHE D 150 49.57 -22.15 2.17
C PHE D 150 48.27 -21.79 1.42
N GLN D 151 47.47 -20.87 1.97
CA GLN D 151 46.23 -20.42 1.30
C GLN D 151 46.51 -19.70 -0.04
N GLN D 152 47.52 -18.81 -0.07
CA GLN D 152 47.91 -18.11 -1.31
C GLN D 152 48.56 -19.09 -2.31
N GLU D 153 49.41 -20.01 -1.82
CA GLU D 153 50.08 -21.05 -2.62
C GLU D 153 49.06 -21.99 -3.23
N GLU D 154 47.97 -22.28 -2.50
CA GLU D 154 46.87 -23.14 -2.97
C GLU D 154 46.29 -22.59 -4.26
N THR D 155 46.02 -21.27 -4.33
CA THR D 155 45.44 -20.65 -5.53
C THR D 155 46.53 -20.36 -6.59
N ASP D 156 47.72 -19.88 -6.17
CA ASP D 156 48.82 -19.57 -7.10
C ASP D 156 49.42 -20.79 -7.80
N LEU D 157 49.58 -21.92 -7.08
CA LEU D 157 50.18 -23.16 -7.60
C LEU D 157 49.14 -24.23 -7.95
N LYS D 158 47.86 -23.96 -7.61
CA LYS D 158 46.71 -24.86 -7.83
C LYS D 158 47.00 -26.24 -7.22
N LEU D 159 47.25 -26.25 -5.90
CA LEU D 159 47.56 -27.46 -5.12
C LEU D 159 46.29 -28.23 -4.85
N ASP D 160 46.31 -29.56 -5.06
CA ASP D 160 45.14 -30.39 -4.76
C ASP D 160 45.06 -30.60 -3.24
N SER D 161 43.89 -31.01 -2.74
CA SER D 161 43.64 -31.23 -1.31
C SER D 161 44.61 -32.22 -0.64
N GLN D 162 45.02 -33.28 -1.38
CA GLN D 162 45.95 -34.30 -0.91
C GLN D 162 47.33 -33.68 -0.61
N GLN D 163 47.91 -32.93 -1.58
CA GLN D 163 49.20 -32.27 -1.43
C GLN D 163 49.13 -31.22 -0.33
N LEU D 164 48.07 -30.38 -0.34
CA LEU D 164 47.85 -29.31 0.65
C LEU D 164 47.81 -29.84 2.10
N GLN D 165 47.07 -30.94 2.34
CA GLN D 165 46.98 -31.54 3.67
C GLN D 165 48.32 -32.12 4.16
N LEU D 166 49.05 -32.80 3.26
CA LEU D 166 50.39 -33.34 3.57
C LEU D 166 51.36 -32.19 3.90
N MET D 167 51.28 -31.09 3.14
CA MET D 167 52.13 -29.91 3.30
C MET D 167 51.91 -29.22 4.65
N ARG D 168 50.65 -29.05 5.05
CA ARG D 168 50.25 -28.42 6.32
C ARG D 168 50.74 -29.23 7.51
N ASN D 169 50.59 -30.58 7.44
CA ASN D 169 51.05 -31.49 8.48
C ASN D 169 52.58 -31.50 8.58
N ALA D 170 53.28 -31.51 7.43
CA ALA D 170 54.76 -31.53 7.39
C ALA D 170 55.31 -30.24 7.99
N LEU D 171 54.71 -29.07 7.65
CA LEU D 171 55.13 -27.77 8.19
C LEU D 171 54.99 -27.75 9.71
N LYS D 172 53.87 -28.25 10.22
CA LYS D 172 53.55 -28.37 11.65
C LYS D 172 54.63 -29.16 12.39
N ARG D 173 55.04 -30.31 11.80
CA ARG D 173 56.05 -31.18 12.37
C ARG D 173 57.45 -30.56 12.32
N LEU D 174 57.80 -29.89 11.21
CA LEU D 174 59.11 -29.25 11.03
C LEU D 174 59.39 -28.06 11.97
N ILE D 175 58.37 -27.28 12.32
CA ILE D 175 58.54 -26.07 13.17
C ILE D 175 58.34 -26.36 14.65
N ASN D 176 58.12 -27.64 15.02
CA ASN D 176 57.96 -28.09 16.40
C ASN D 176 59.21 -28.87 16.82
N PRO D 177 60.13 -28.28 17.61
CA PRO D 177 61.35 -29.02 18.00
C PRO D 177 61.10 -30.31 18.76
N LYS D 178 60.10 -30.32 19.66
CA LYS D 178 59.72 -31.50 20.46
C LYS D 178 59.34 -32.67 19.54
N GLU D 179 58.57 -32.40 18.47
CA GLU D 179 58.14 -33.37 17.48
C GLU D 179 59.35 -33.97 16.72
N VAL D 180 60.26 -33.12 16.23
CA VAL D 180 61.46 -33.52 15.49
C VAL D 180 62.42 -34.35 16.36
N GLU D 181 62.58 -33.96 17.64
CA GLU D 181 63.44 -34.63 18.61
C GLU D 181 62.95 -36.02 19.04
N SER D 182 61.64 -36.29 18.87
CA SER D 182 61.03 -37.57 19.23
C SER D 182 61.20 -38.64 18.14
N LEU D 183 61.65 -38.23 16.93
CA LEU D 183 61.83 -39.08 15.75
C LEU D 183 63.02 -40.07 15.87
N PRO D 184 62.94 -41.25 15.19
CA PRO D 184 64.03 -42.24 15.32
C PRO D 184 65.41 -41.81 14.84
N ASN D 185 65.49 -41.05 13.74
CA ASN D 185 66.77 -40.62 13.18
C ASN D 185 67.09 -39.18 13.55
N GLN D 186 68.12 -38.99 14.35
CA GLN D 186 68.53 -37.65 14.76
C GLN D 186 69.71 -37.16 13.93
N VAL D 187 69.89 -35.84 13.89
CA VAL D 187 70.98 -35.20 13.17
C VAL D 187 72.34 -35.69 13.69
N PRO D 188 73.15 -36.37 12.84
CA PRO D 188 74.46 -36.83 13.29
C PRO D 188 75.49 -35.69 13.29
N ALA D 189 76.61 -35.88 14.01
CA ALA D 189 77.71 -34.90 14.15
C ALA D 189 78.31 -34.45 12.84
N ASN D 190 78.34 -35.36 11.84
CA ASN D 190 78.92 -35.08 10.52
C ASN D 190 77.94 -34.35 9.56
N TYR D 191 76.67 -34.15 9.94
CA TYR D 191 75.72 -33.41 9.11
C TYR D 191 75.79 -31.95 9.62
N GLN D 192 76.48 -31.09 8.86
CA GLN D 192 76.81 -29.74 9.33
C GLN D 192 76.21 -28.63 8.53
N LEU D 193 75.90 -27.52 9.25
CA LEU D 193 75.27 -26.32 8.70
C LEU D 193 76.26 -25.30 8.22
N SER D 194 76.00 -24.74 7.03
CA SER D 194 76.78 -23.69 6.44
C SER D 194 75.89 -22.51 6.12
N ILE D 195 76.43 -21.30 6.35
CA ILE D 195 75.77 -20.04 5.97
C ILE D 195 76.56 -19.51 4.78
N PHE D 196 75.84 -19.15 3.72
CA PHE D 196 76.43 -18.57 2.54
C PHE D 196 76.10 -17.09 2.51
N GLN D 197 77.13 -16.26 2.79
CA GLN D 197 77.04 -14.81 2.83
C GLN D 197 77.12 -14.21 1.44
N SER D 198 76.07 -13.48 1.03
CA SER D 198 76.03 -12.84 -0.26
C SER D 198 77.07 -11.69 -0.34
N SER D 199 77.84 -11.64 -1.43
CA SER D 199 78.80 -10.54 -1.68
C SER D 199 78.03 -9.23 -1.89
N ASP D 200 76.89 -9.30 -2.62
CA ASP D 200 76.03 -8.17 -2.90
C ASP D 200 74.98 -8.15 -1.75
N LYS D 201 75.00 -7.11 -0.91
CA LYS D 201 74.11 -6.94 0.26
C LYS D 201 72.62 -6.73 -0.10
N THR D 202 72.32 -6.60 -1.38
CA THR D 202 70.97 -6.41 -1.91
C THR D 202 70.27 -7.78 -2.08
N PHE D 203 71.07 -8.86 -2.09
CA PHE D 203 70.58 -10.22 -2.28
C PHE D 203 70.55 -11.01 -0.99
N GLN D 204 69.61 -11.95 -0.92
CA GLN D 204 69.44 -12.85 0.23
C GLN D 204 70.66 -13.73 0.49
N ASN D 205 70.91 -13.98 1.79
CA ASN D 205 71.93 -14.91 2.20
C ASN D 205 71.30 -16.30 2.08
N LEU D 206 72.13 -17.32 2.03
CA LEU D 206 71.66 -18.68 1.85
C LEU D 206 72.17 -19.58 2.96
N LEU D 207 71.53 -20.72 3.09
CA LEU D 207 71.96 -21.70 4.05
C LEU D 207 71.82 -23.10 3.46
N SER D 208 72.72 -24.00 3.88
CA SER D 208 72.78 -25.34 3.36
C SER D 208 73.44 -26.25 4.35
N ALA D 209 73.15 -27.53 4.25
CA ALA D 209 73.75 -28.51 5.12
C ALA D 209 74.23 -29.68 4.27
N GLU D 210 75.32 -30.29 4.70
CA GLU D 210 75.90 -31.42 4.01
C GLU D 210 76.54 -32.37 4.99
N TYR D 211 76.80 -33.61 4.53
CA TYR D 211 77.53 -34.59 5.31
C TYR D 211 79.01 -34.29 5.09
N VAL D 212 79.78 -34.20 6.18
CA VAL D 212 81.21 -33.90 6.16
C VAL D 212 82.01 -35.22 6.31
N PRO D 213 82.93 -35.52 5.36
CA PRO D 213 83.72 -36.77 5.48
C PRO D 213 84.86 -36.63 6.48
N VAL E 7 2.64 -51.45 25.09
CA VAL E 7 2.27 -50.22 24.39
C VAL E 7 1.72 -49.19 25.41
N PRO E 8 2.30 -47.95 25.48
CA PRO E 8 1.79 -46.96 26.44
C PRO E 8 0.34 -46.53 26.20
N ASN E 9 -0.38 -46.26 27.29
CA ASN E 9 -1.76 -45.79 27.25
C ASN E 9 -1.84 -44.50 28.07
N LYS E 10 -1.64 -43.38 27.38
CA LYS E 10 -1.69 -42.05 27.99
C LYS E 10 -2.74 -41.21 27.27
N GLN E 11 -3.69 -40.71 28.04
CA GLN E 11 -4.78 -39.88 27.55
C GLN E 11 -4.35 -38.41 27.64
N SER E 12 -4.59 -37.65 26.57
CA SER E 12 -4.24 -36.24 26.52
C SER E 12 -5.06 -35.37 27.46
N SER E 13 -4.38 -34.34 28.02
CA SER E 13 -4.90 -33.30 28.90
C SER E 13 -4.97 -32.00 28.09
N VAL E 14 -4.57 -32.07 26.82
CA VAL E 14 -4.58 -30.94 25.87
C VAL E 14 -5.65 -31.16 24.79
N GLN E 15 -6.63 -30.23 24.70
CA GLN E 15 -7.70 -30.25 23.70
C GLN E 15 -7.15 -30.02 22.30
N ASP E 16 -7.67 -30.76 21.27
CA ASP E 16 -7.29 -30.87 19.83
C ASP E 16 -5.92 -31.52 19.60
N TYR E 17 -5.28 -31.99 20.68
CA TYR E 17 -3.97 -32.62 20.61
C TYR E 17 -4.04 -33.98 21.32
N PRO E 18 -4.80 -34.96 20.75
CA PRO E 18 -4.99 -36.24 21.46
C PRO E 18 -3.89 -37.29 21.31
N TRP E 19 -3.02 -37.13 20.30
CA TRP E 19 -1.94 -38.08 20.05
C TRP E 19 -0.78 -37.95 21.03
N TYR E 20 -0.31 -39.08 21.52
CA TYR E 20 0.84 -39.16 22.43
C TYR E 20 2.06 -39.46 21.56
N GLY E 21 3.05 -38.58 21.58
CA GLY E 21 4.28 -38.70 20.83
C GLY E 21 5.43 -38.87 21.80
N TYR E 22 6.26 -39.90 21.63
CA TYR E 22 7.32 -40.21 22.60
C TYR E 22 8.48 -40.98 21.98
N ASP E 23 9.58 -41.06 22.70
CA ASP E 23 10.72 -41.85 22.28
C ASP E 23 10.64 -43.22 23.02
N SER E 24 10.41 -44.30 22.29
CA SER E 24 10.31 -45.64 22.87
C SER E 24 11.71 -46.28 23.14
N TYR E 25 12.80 -45.64 22.69
CA TYR E 25 14.15 -46.12 23.01
C TYR E 25 14.40 -45.62 24.42
N SER E 26 13.96 -46.43 25.40
CA SER E 26 13.90 -46.12 26.81
C SER E 26 14.06 -47.44 27.62
N LYS E 27 14.17 -47.35 28.97
CA LYS E 27 14.28 -48.51 29.85
C LYS E 27 13.21 -49.55 29.51
N GLY E 28 13.65 -50.79 29.28
CA GLY E 28 12.77 -51.88 28.89
C GLY E 28 12.91 -52.27 27.44
N TYR E 29 13.37 -51.35 26.58
CA TYR E 29 13.59 -51.61 25.16
C TYR E 29 14.77 -52.60 25.03
N PRO E 30 14.71 -53.61 24.12
CA PRO E 30 15.83 -54.57 24.02
C PRO E 30 17.18 -53.93 23.70
N ASP E 31 18.19 -54.24 24.54
CA ASP E 31 19.58 -53.75 24.47
C ASP E 31 19.71 -52.23 24.73
N TYR E 32 18.71 -51.63 25.40
CA TYR E 32 18.70 -50.20 25.70
C TYR E 32 19.92 -49.75 26.50
N SER E 33 20.55 -48.66 26.06
CA SER E 33 21.63 -47.99 26.78
C SER E 33 21.33 -46.49 26.79
N PRO E 34 21.34 -45.84 27.96
CA PRO E 34 21.05 -44.38 28.00
C PRO E 34 22.19 -43.55 27.43
N LEU E 35 23.33 -44.18 27.11
CA LEU E 35 24.49 -43.48 26.54
C LEU E 35 24.56 -43.58 25.01
N LYS E 36 23.62 -44.29 24.40
CA LYS E 36 23.55 -44.44 22.94
C LYS E 36 22.60 -43.43 22.33
N THR E 37 23.01 -42.78 21.21
CA THR E 37 22.24 -41.77 20.50
C THR E 37 21.14 -42.35 19.60
N TYR E 38 20.57 -43.50 19.98
CA TYR E 38 19.47 -44.07 19.20
C TYR E 38 18.15 -43.44 19.63
N HIS E 39 17.16 -43.49 18.75
CA HIS E 39 15.79 -43.06 18.99
C HIS E 39 14.86 -44.03 18.31
N ASN E 40 13.65 -44.13 18.82
CA ASN E 40 12.60 -44.92 18.21
C ASN E 40 11.30 -44.23 18.54
N LEU E 41 11.02 -43.18 17.79
CA LEU E 41 9.86 -42.31 18.01
C LEU E 41 8.59 -42.93 17.55
N LYS E 42 7.55 -42.71 18.35
CA LYS E 42 6.24 -43.29 18.09
C LYS E 42 5.13 -42.31 18.38
N VAL E 43 3.99 -42.55 17.79
CA VAL E 43 2.74 -41.84 18.04
C VAL E 43 1.68 -42.90 18.24
N ASN E 44 0.80 -42.70 19.21
CA ASN E 44 -0.35 -43.57 19.43
C ASN E 44 -1.49 -42.79 20.06
N LEU E 45 -2.71 -43.34 19.98
CA LEU E 45 -3.93 -42.74 20.49
C LEU E 45 -4.48 -43.63 21.59
N ASP E 46 -4.44 -43.18 22.85
CA ASP E 46 -4.99 -43.88 24.01
C ASP E 46 -4.70 -45.41 24.03
N GLY E 47 -3.43 -45.77 23.96
CA GLY E 47 -3.02 -47.17 24.00
C GLY E 47 -3.25 -47.98 22.76
N SER E 48 -3.65 -47.33 21.64
CA SER E 48 -3.86 -48.00 20.35
C SER E 48 -2.52 -48.40 19.73
N LYS E 49 -2.57 -49.00 18.52
CA LYS E 49 -1.41 -49.37 17.71
C LYS E 49 -0.41 -48.18 17.63
N GLU E 50 0.89 -48.47 17.83
CA GLU E 50 1.95 -47.47 17.72
C GLU E 50 2.30 -47.30 16.25
N TYR E 51 2.49 -46.05 15.82
CA TYR E 51 2.87 -45.72 14.46
C TYR E 51 4.31 -45.22 14.51
N GLN E 52 5.16 -45.71 13.59
CA GLN E 52 6.55 -45.27 13.54
C GLN E 52 6.56 -43.77 13.16
N ALA E 53 7.22 -42.95 13.97
CA ALA E 53 7.30 -41.52 13.72
C ALA E 53 8.75 -41.11 13.55
N TYR E 54 8.94 -39.95 12.91
CA TYR E 54 10.22 -39.30 12.69
C TYR E 54 10.02 -37.85 13.04
N CYS E 55 11.04 -37.26 13.62
CA CYS E 55 10.97 -35.88 14.05
C CYS E 55 11.54 -34.90 13.03
N PHE E 56 11.18 -33.64 13.19
CA PHE E 56 11.75 -32.51 12.44
C PHE E 56 11.85 -31.31 13.36
N ASN E 57 12.53 -30.22 12.96
CA ASN E 57 12.85 -29.02 13.75
C ASN E 57 14.05 -29.38 14.64
N LEU E 58 15.24 -29.38 14.06
CA LEU E 58 16.50 -29.73 14.74
C LEU E 58 16.83 -28.88 15.95
N THR E 59 16.34 -27.64 16.00
CA THR E 59 16.64 -26.74 17.09
C THR E 59 15.66 -26.90 18.26
N LYS E 60 14.65 -27.76 18.14
CA LYS E 60 13.66 -27.98 19.21
C LYS E 60 13.99 -29.23 20.03
N HIS E 61 13.25 -29.49 21.12
CA HIS E 61 13.51 -30.64 21.99
C HIS E 61 12.99 -31.93 21.41
N PHE E 62 13.75 -33.00 21.57
CA PHE E 62 13.34 -34.36 21.21
C PHE E 62 12.12 -34.70 22.08
N PRO E 63 11.12 -35.47 21.58
CA PRO E 63 10.04 -35.94 22.47
C PRO E 63 10.66 -36.74 23.62
N SER E 64 10.09 -36.61 24.82
CA SER E 64 10.57 -37.29 26.02
C SER E 64 10.46 -38.81 25.87
N LYS E 65 11.33 -39.56 26.59
CA LYS E 65 11.30 -41.01 26.64
C LYS E 65 9.99 -41.47 27.27
N SER E 66 9.49 -42.66 26.90
CA SER E 66 8.21 -43.19 27.41
C SER E 66 8.13 -43.31 28.94
N ASP E 67 9.28 -43.48 29.62
CA ASP E 67 9.30 -43.60 31.08
C ASP E 67 9.47 -42.25 31.80
N SER E 68 9.40 -41.12 31.05
CA SER E 68 9.50 -39.80 31.65
C SER E 68 8.15 -39.41 32.25
N VAL E 69 8.19 -38.54 33.28
CA VAL E 69 6.99 -38.00 33.94
C VAL E 69 6.29 -36.99 32.97
N ARG E 70 7.06 -36.33 32.11
CA ARG E 70 6.56 -35.35 31.14
C ARG E 70 6.18 -36.05 29.80
N SER E 71 4.97 -35.72 29.26
CA SER E 71 4.39 -36.29 28.01
C SER E 71 4.14 -35.20 26.99
N GLN E 72 4.36 -35.47 25.69
CA GLN E 72 4.09 -34.48 24.65
C GLN E 72 2.87 -34.87 23.84
N TRP E 73 1.99 -33.89 23.59
CA TRP E 73 0.73 -34.08 22.89
C TRP E 73 0.74 -33.48 21.50
N TYR E 74 0.15 -34.21 20.54
CA TYR E 74 0.18 -33.86 19.12
C TYR E 74 -1.18 -33.85 18.43
N LYS E 75 -1.31 -32.99 17.41
CA LYS E 75 -2.49 -32.86 16.56
C LYS E 75 -2.11 -33.45 15.19
N LYS E 76 -2.93 -34.39 14.69
CA LYS E 76 -2.71 -35.03 13.39
C LYS E 76 -3.23 -34.14 12.25
N LEU E 77 -2.33 -33.76 11.32
CA LEU E 77 -2.64 -32.93 10.16
C LEU E 77 -2.30 -33.68 8.87
N GLU E 78 -2.91 -33.24 7.76
CA GLU E 78 -2.62 -33.73 6.40
C GLU E 78 -1.16 -33.41 6.10
N GLY E 79 -0.44 -34.37 5.56
CA GLY E 79 0.98 -34.19 5.22
C GLY E 79 1.21 -33.42 3.95
N THR E 80 0.70 -32.18 3.87
CA THR E 80 0.83 -31.32 2.68
C THR E 80 2.07 -30.44 2.73
N ASN E 81 2.49 -29.89 1.57
CA ASN E 81 3.62 -28.97 1.49
C ASN E 81 3.33 -27.72 2.31
N GLU E 82 2.07 -27.26 2.29
CA GLU E 82 1.59 -26.09 3.04
C GLU E 82 1.82 -26.27 4.54
N ASN E 83 1.47 -27.45 5.10
CA ASN E 83 1.67 -27.75 6.51
C ASN E 83 3.15 -27.86 6.91
N PHE E 84 4.02 -28.32 5.97
CA PHE E 84 5.47 -28.37 6.21
C PHE E 84 6.05 -26.97 6.26
N ILE E 85 5.65 -26.11 5.32
CA ILE E 85 6.13 -24.73 5.28
C ILE E 85 5.71 -24.00 6.57
N LYS E 86 4.50 -24.27 7.07
CA LYS E 86 3.97 -23.67 8.31
C LYS E 86 4.70 -24.13 9.57
N LEU E 87 5.17 -25.39 9.62
CA LEU E 87 5.77 -25.95 10.82
C LEU E 87 7.28 -26.16 10.77
N ALA E 88 7.88 -26.22 9.58
CA ALA E 88 9.31 -26.47 9.43
C ALA E 88 10.08 -25.21 9.43
N ASP E 89 11.23 -25.21 10.11
CA ASP E 89 12.14 -24.08 10.20
C ASP E 89 12.87 -23.84 8.86
N LYS E 90 13.55 -24.87 8.31
CA LYS E 90 14.35 -24.76 7.08
C LYS E 90 14.02 -25.92 6.10
N PRO E 91 12.81 -26.04 5.53
CA PRO E 91 12.55 -27.18 4.63
C PRO E 91 13.30 -27.08 3.29
N ARG E 92 13.71 -28.23 2.74
CA ARG E 92 14.40 -28.30 1.47
C ARG E 92 13.31 -28.36 0.37
N ILE E 93 12.84 -27.18 -0.06
CA ILE E 93 11.76 -27.01 -1.03
C ILE E 93 12.29 -26.75 -2.46
N GLU E 94 13.59 -26.94 -2.67
N GLU E 94 13.62 -26.99 -2.65
CA GLU E 94 14.30 -26.65 -3.93
CA GLU E 94 14.39 -26.79 -3.89
C GLU E 94 13.68 -27.35 -5.17
C GLU E 94 13.70 -27.36 -5.14
N ASP E 95 13.22 -28.60 -5.09
CA ASP E 95 12.60 -29.27 -6.24
C ASP E 95 11.07 -29.13 -6.32
N GLY E 96 10.45 -28.49 -5.31
CA GLY E 96 9.00 -28.32 -5.23
C GLY E 96 8.21 -29.61 -5.08
N GLN E 97 8.87 -30.67 -4.59
CA GLN E 97 8.33 -32.02 -4.35
C GLN E 97 8.65 -32.47 -2.92
N LEU E 98 8.61 -31.55 -1.94
CA LEU E 98 8.94 -31.87 -0.56
C LEU E 98 8.11 -33.03 0.03
N GLN E 99 6.75 -32.92 -0.03
CA GLN E 99 5.80 -33.93 0.49
C GLN E 99 6.04 -35.32 -0.15
N GLN E 100 6.26 -35.33 -1.45
CA GLN E 100 6.47 -36.56 -2.24
C GLN E 100 7.79 -37.21 -1.82
N ASN E 101 8.85 -36.41 -1.65
CA ASN E 101 10.17 -36.92 -1.25
C ASN E 101 10.10 -37.54 0.12
N ILE E 102 9.45 -36.86 1.09
CA ILE E 102 9.29 -37.39 2.44
C ILE E 102 8.53 -38.72 2.41
N LEU E 103 7.39 -38.77 1.66
CA LEU E 103 6.56 -39.98 1.49
C LEU E 103 7.40 -41.12 0.91
N ARG E 104 8.20 -40.82 -0.13
CA ARG E 104 9.07 -41.82 -0.75
C ARG E 104 10.07 -42.39 0.26
N ILE E 105 10.65 -41.53 1.16
CA ILE E 105 11.61 -41.95 2.18
C ILE E 105 10.93 -42.88 3.17
N LEU E 106 9.72 -42.52 3.65
CA LEU E 106 8.98 -43.34 4.61
C LEU E 106 8.55 -44.68 4.02
N TYR E 107 8.14 -44.66 2.74
CA TYR E 107 7.75 -45.86 1.99
C TYR E 107 8.92 -46.85 1.83
N ASN E 108 10.14 -46.33 1.64
CA ASN E 108 11.37 -47.09 1.44
C ASN E 108 12.22 -47.33 2.70
N GLY E 109 11.94 -46.60 3.77
CA GLY E 109 12.69 -46.65 5.02
C GLY E 109 12.11 -47.58 6.06
N TYR E 110 12.56 -47.43 7.33
CA TYR E 110 12.11 -48.29 8.40
C TYR E 110 10.69 -47.96 8.89
N PRO E 111 9.77 -48.95 9.04
CA PRO E 111 9.93 -50.38 8.75
C PRO E 111 9.40 -50.85 7.38
N ASN E 112 8.68 -49.98 6.62
CA ASN E 112 8.06 -50.36 5.35
C ASN E 112 9.01 -51.02 4.36
N ASP E 113 10.19 -50.39 4.10
CA ASP E 113 11.28 -50.94 3.27
C ASP E 113 10.76 -51.68 1.99
N ARG E 114 9.83 -51.04 1.26
CA ARG E 114 9.16 -51.67 0.12
C ARG E 114 10.07 -52.03 -1.07
N ASN E 115 11.30 -51.49 -1.17
CA ASN E 115 12.23 -51.85 -2.24
C ASN E 115 13.54 -52.48 -1.72
N GLY E 116 13.54 -52.85 -0.44
CA GLY E 116 14.66 -53.50 0.22
C GLY E 116 15.91 -52.64 0.41
N ILE E 117 15.77 -51.30 0.41
CA ILE E 117 16.90 -50.38 0.61
C ILE E 117 17.56 -50.59 1.99
N MET E 118 16.73 -50.94 3.00
CA MET E 118 17.15 -51.14 4.40
C MET E 118 17.62 -52.56 4.72
N LYS E 119 17.66 -53.46 3.71
CA LYS E 119 18.08 -54.84 3.88
C LYS E 119 19.46 -54.97 4.55
N GLY E 120 19.52 -55.79 5.60
CA GLY E 120 20.76 -56.08 6.34
C GLY E 120 21.08 -55.09 7.43
N ILE E 121 20.33 -53.97 7.50
CA ILE E 121 20.54 -52.93 8.52
C ILE E 121 19.71 -53.25 9.76
N ASP E 122 20.36 -53.27 10.96
CA ASP E 122 19.73 -53.52 12.25
C ASP E 122 18.62 -52.46 12.52
N PRO E 123 17.47 -52.83 13.12
CA PRO E 123 16.34 -51.88 13.27
C PRO E 123 16.68 -50.45 13.75
N LEU E 124 17.45 -50.29 14.85
CA LEU E 124 17.80 -48.96 15.36
C LEU E 124 18.70 -48.17 14.41
N ASN E 125 19.59 -48.88 13.68
CA ASN E 125 20.43 -48.28 12.65
C ASN E 125 19.59 -47.87 11.44
N ALA E 126 18.53 -48.66 11.11
CA ALA E 126 17.62 -48.40 9.99
C ALA E 126 16.77 -47.16 10.28
N ILE E 127 16.30 -47.02 11.54
CA ILE E 127 15.56 -45.83 11.99
C ILE E 127 16.48 -44.60 11.89
N LEU E 128 17.75 -44.73 12.34
CA LEU E 128 18.75 -43.69 12.28
C LEU E 128 18.98 -43.19 10.83
N VAL E 129 19.13 -44.12 9.86
CA VAL E 129 19.32 -43.78 8.44
C VAL E 129 18.07 -43.03 7.93
N THR E 130 16.85 -43.58 8.19
CA THR E 130 15.58 -43.00 7.74
C THR E 130 15.44 -41.57 8.32
N GLN E 131 15.69 -41.41 9.62
CA GLN E 131 15.63 -40.13 10.31
C GLN E 131 16.57 -39.11 9.70
N ASN E 132 17.81 -39.53 9.37
CA ASN E 132 18.78 -38.64 8.74
C ASN E 132 18.33 -38.23 7.34
N ALA E 133 17.68 -39.14 6.59
CA ALA E 133 17.15 -38.85 5.26
C ALA E 133 15.98 -37.88 5.41
N ILE E 134 15.15 -38.04 6.48
CA ILE E 134 14.04 -37.13 6.78
C ILE E 134 14.59 -35.72 7.08
N TRP E 135 15.59 -35.61 7.99
CA TRP E 135 16.21 -34.34 8.35
C TRP E 135 16.84 -33.62 7.17
N TYR E 136 17.38 -34.36 6.20
CA TYR E 136 17.92 -33.78 4.96
C TYR E 136 16.83 -32.93 4.27
N TYR E 137 15.58 -33.41 4.25
CA TYR E 137 14.48 -32.68 3.64
C TYR E 137 13.75 -31.69 4.57
N THR E 138 13.47 -32.09 5.80
CA THR E 138 12.68 -31.24 6.71
C THR E 138 13.47 -30.07 7.28
N ASP E 139 14.80 -30.25 7.44
CA ASP E 139 15.66 -29.26 8.08
C ASP E 139 16.85 -28.85 7.25
N SER E 140 16.88 -29.27 5.96
CA SER E 140 17.99 -29.00 5.04
C SER E 140 19.33 -29.36 5.69
N SER E 141 19.39 -30.48 6.43
CA SER E 141 20.64 -30.87 7.07
C SER E 141 21.68 -31.23 6.01
N TYR E 142 22.89 -30.72 6.20
CA TYR E 142 23.99 -30.84 5.23
C TYR E 142 24.48 -32.27 5.04
N ILE E 143 24.35 -32.78 3.81
CA ILE E 143 24.86 -34.10 3.42
C ILE E 143 25.47 -33.90 2.02
N SER E 144 26.80 -33.82 1.94
CA SER E 144 27.49 -33.65 0.66
C SER E 144 27.98 -35.00 0.16
N ASP E 145 28.73 -35.71 1.03
CA ASP E 145 29.29 -37.02 0.73
C ASP E 145 28.87 -38.06 1.77
N THR E 146 28.00 -38.99 1.36
CA THR E 146 27.47 -40.09 2.18
C THR E 146 28.56 -41.08 2.59
N SER E 147 29.69 -41.10 1.84
CA SER E 147 30.86 -41.95 2.13
C SER E 147 31.49 -41.55 3.47
N LYS E 148 31.27 -40.30 3.89
CA LYS E 148 31.80 -39.70 5.12
C LYS E 148 30.72 -39.59 6.22
N ALA E 149 29.44 -39.96 5.92
CA ALA E 149 28.32 -39.88 6.87
C ALA E 149 28.48 -40.82 8.08
N PHE E 150 27.80 -40.47 9.20
CA PHE E 150 27.74 -41.21 10.45
C PHE E 150 29.11 -41.38 11.17
N GLN E 151 30.03 -40.40 11.00
CA GLN E 151 31.34 -40.45 11.66
C GLN E 151 31.23 -40.34 13.18
N GLN E 152 30.36 -39.43 13.69
CA GLN E 152 30.11 -39.30 15.13
C GLN E 152 29.39 -40.55 15.68
N GLU E 153 28.38 -41.05 14.95
CA GLU E 153 27.59 -42.25 15.28
C GLU E 153 28.50 -43.49 15.31
N GLU E 154 29.50 -43.56 14.41
CA GLU E 154 30.46 -44.65 14.34
C GLU E 154 31.19 -44.80 15.67
N THR E 155 31.67 -43.68 16.27
CA THR E 155 32.39 -43.73 17.55
C THR E 155 31.42 -43.80 18.74
N ASP E 156 30.30 -43.05 18.71
CA ASP E 156 29.30 -43.04 19.79
C ASP E 156 28.56 -44.38 19.96
N LEU E 157 28.16 -45.04 18.85
CA LEU E 157 27.40 -46.29 18.84
C LEU E 157 28.27 -47.52 18.58
N LYS E 158 29.56 -47.30 18.25
CA LYS E 158 30.56 -48.33 17.94
C LYS E 158 30.04 -49.27 16.83
N LEU E 159 29.71 -48.67 15.67
CA LEU E 159 29.18 -49.36 14.51
C LEU E 159 30.30 -50.09 13.80
N ASP E 160 30.08 -51.38 13.44
CA ASP E 160 31.06 -52.17 12.71
C ASP E 160 31.04 -51.71 11.24
N SER E 161 32.12 -52.03 10.50
CA SER E 161 32.29 -51.66 9.09
C SER E 161 31.14 -52.11 8.18
N GLN E 162 30.56 -53.31 8.43
CA GLN E 162 29.44 -53.89 7.68
C GLN E 162 28.19 -53.03 7.82
N GLN E 163 27.78 -52.71 9.07
CA GLN E 163 26.62 -51.86 9.35
C GLN E 163 26.82 -50.45 8.80
N LEU E 164 27.98 -49.86 9.05
CA LEU E 164 28.34 -48.51 8.59
C LEU E 164 28.27 -48.37 7.07
N GLN E 165 28.82 -49.35 6.32
CA GLN E 165 28.78 -49.33 4.85
C GLN E 165 27.35 -49.44 4.30
N LEU E 166 26.51 -50.34 4.89
CA LEU E 166 25.11 -50.51 4.51
C LEU E 166 24.31 -49.22 4.79
N MET E 167 24.58 -48.59 5.94
CA MET E 167 23.94 -47.35 6.35
C MET E 167 24.24 -46.20 5.42
N ARG E 168 25.53 -46.03 5.04
CA ARG E 168 25.99 -44.97 4.14
C ARG E 168 25.38 -45.11 2.75
N ASN E 169 25.30 -46.36 2.23
CA ASN E 169 24.70 -46.67 0.94
C ASN E 169 23.18 -46.45 0.95
N ALA E 170 22.49 -46.86 2.03
CA ALA E 170 21.03 -46.66 2.15
C ALA E 170 20.70 -45.16 2.23
N LEU E 171 21.50 -44.37 2.98
CA LEU E 171 21.30 -42.91 3.10
C LEU E 171 21.45 -42.25 1.74
N LYS E 172 22.50 -42.65 0.97
CA LYS E 172 22.77 -42.19 -0.40
C LYS E 172 21.57 -42.42 -1.30
N ARG E 173 20.98 -43.61 -1.22
CA ARG E 173 19.82 -43.98 -2.02
C ARG E 173 18.56 -43.23 -1.62
N LEU E 174 18.28 -43.10 -0.31
CA LEU E 174 17.11 -42.42 0.21
C LEU E 174 17.04 -40.93 -0.10
N ILE E 175 18.18 -40.22 -0.11
CA ILE E 175 18.19 -38.77 -0.34
C ILE E 175 18.36 -38.38 -1.83
N ASN E 176 18.44 -39.38 -2.71
CA ASN E 176 18.53 -39.13 -4.15
C ASN E 176 17.15 -39.45 -4.77
N PRO E 177 16.32 -38.43 -5.14
CA PRO E 177 14.98 -38.74 -5.70
C PRO E 177 15.04 -39.57 -6.97
N LYS E 178 16.03 -39.34 -7.86
CA LYS E 178 16.20 -40.08 -9.11
C LYS E 178 16.38 -41.58 -8.83
N GLU E 179 17.18 -41.93 -7.80
CA GLU E 179 17.44 -43.29 -7.35
C GLU E 179 16.16 -43.96 -6.82
N VAL E 180 15.41 -43.28 -5.94
CA VAL E 180 14.14 -43.78 -5.37
C VAL E 180 13.06 -43.98 -6.45
N GLU E 181 12.97 -43.04 -7.41
CA GLU E 181 12.01 -43.09 -8.52
C GLU E 181 12.30 -44.19 -9.53
N SER E 182 13.54 -44.70 -9.58
CA SER E 182 13.95 -45.75 -10.50
C SER E 182 13.61 -47.16 -10.00
N LEU E 183 13.18 -47.26 -8.73
CA LEU E 183 12.85 -48.51 -8.04
C LEU E 183 11.54 -49.14 -8.53
N PRO E 184 11.41 -50.49 -8.48
CA PRO E 184 10.19 -51.13 -9.01
C PRO E 184 8.87 -50.76 -8.31
N ASN E 185 8.89 -50.61 -6.97
CA ASN E 185 7.67 -50.30 -6.22
C ASN E 185 7.58 -48.83 -5.88
N GLN E 186 6.57 -48.16 -6.47
CA GLN E 186 6.36 -46.73 -6.23
C GLN E 186 5.25 -46.52 -5.22
N VAL E 187 5.24 -45.34 -4.57
CA VAL E 187 4.28 -44.98 -3.56
C VAL E 187 2.82 -45.04 -4.10
N PRO E 188 1.96 -45.93 -3.58
CA PRO E 188 0.56 -45.98 -4.06
C PRO E 188 -0.28 -44.87 -3.42
N ALA E 189 -1.45 -44.57 -4.04
CA ALA E 189 -2.41 -43.54 -3.61
C ALA E 189 -2.89 -43.71 -2.16
N ASN E 190 -2.98 -44.96 -1.67
CA ASN E 190 -3.43 -45.25 -0.32
C ASN E 190 -2.32 -45.18 0.75
N TYR E 191 -1.04 -44.97 0.37
CA TYR E 191 0.04 -44.80 1.34
C TYR E 191 0.17 -43.28 1.57
N GLN E 192 -0.33 -42.79 2.72
CA GLN E 192 -0.44 -41.35 2.95
C GLN E 192 0.36 -40.82 4.12
N LEU E 193 0.82 -39.56 3.96
CA LEU E 193 1.63 -38.82 4.93
C LEU E 193 0.81 -38.01 5.91
N SER E 194 1.21 -38.06 7.19
CA SER E 194 0.61 -37.29 8.27
C SER E 194 1.68 -36.47 8.98
N ILE E 195 1.35 -35.24 9.35
CA ILE E 195 2.22 -34.38 10.15
C ILE E 195 1.57 -34.30 11.54
N PHE E 196 2.38 -34.49 12.58
CA PHE E 196 1.92 -34.40 13.96
C PHE E 196 2.48 -33.10 14.55
N GLN E 197 1.59 -32.14 14.79
CA GLN E 197 1.93 -30.83 15.32
C GLN E 197 1.98 -30.86 16.84
N SER E 198 3.13 -30.50 17.39
CA SER E 198 3.35 -30.46 18.84
C SER E 198 2.53 -29.35 19.48
N SER E 199 1.82 -29.68 20.61
CA SER E 199 1.06 -28.69 21.38
C SER E 199 2.04 -27.66 21.95
N ASP E 200 3.16 -28.16 22.50
CA ASP E 200 4.23 -27.38 23.08
C ASP E 200 5.22 -27.00 21.95
N LYS E 201 5.33 -25.71 21.62
CA LYS E 201 6.20 -25.18 20.56
C LYS E 201 7.71 -25.37 20.83
N THR E 202 8.06 -25.78 22.04
CA THR E 202 9.40 -26.06 22.55
C THR E 202 9.89 -27.46 22.09
N PHE E 203 8.96 -28.35 21.67
CA PHE E 203 9.20 -29.72 21.23
C PHE E 203 9.08 -29.90 19.72
N GLN E 204 9.82 -30.88 19.18
CA GLN E 204 9.82 -31.18 17.75
C GLN E 204 8.45 -31.66 17.24
N ASN E 205 8.14 -31.30 16.00
CA ASN E 205 6.95 -31.83 15.33
C ASN E 205 7.31 -33.21 14.80
N LEU E 206 6.30 -34.03 14.51
CA LEU E 206 6.55 -35.39 14.07
C LEU E 206 5.90 -35.67 12.74
N LEU E 207 6.31 -36.74 12.09
CA LEU E 207 5.71 -37.14 10.82
C LEU E 207 5.64 -38.66 10.76
N SER E 208 4.61 -39.16 10.09
CA SER E 208 4.37 -40.61 9.97
C SER E 208 3.59 -40.90 8.70
N ALA E 209 3.70 -42.12 8.19
CA ALA E 209 2.95 -42.52 7.01
C ALA E 209 2.34 -43.88 7.27
N GLU E 210 1.16 -44.12 6.69
CA GLU E 210 0.45 -45.39 6.84
C GLU E 210 -0.38 -45.68 5.59
N TYR E 211 -0.81 -46.96 5.44
CA TYR E 211 -1.71 -47.37 4.39
C TYR E 211 -3.11 -47.04 4.91
N VAL E 212 -3.93 -46.39 4.08
CA VAL E 212 -5.29 -45.97 4.40
C VAL E 212 -6.27 -46.96 3.78
N GLN F 5 19.00 -13.78 41.01
CA GLN F 5 19.22 -15.19 40.74
C GLN F 5 20.57 -15.67 41.32
N SER F 6 20.64 -16.96 41.71
CA SER F 6 21.84 -17.56 42.30
C SER F 6 22.59 -18.52 41.35
N VAL F 7 23.93 -18.48 41.43
CA VAL F 7 24.83 -19.30 40.63
C VAL F 7 24.87 -20.75 41.16
N PRO F 8 24.58 -21.76 40.30
CA PRO F 8 24.59 -23.16 40.77
C PRO F 8 25.97 -23.65 41.23
N ASN F 9 25.99 -24.53 42.22
CA ASN F 9 27.23 -25.14 42.73
C ASN F 9 27.09 -26.66 42.70
N LYS F 10 27.55 -27.27 41.59
CA LYS F 10 27.50 -28.72 41.44
C LYS F 10 28.90 -29.26 41.10
N GLN F 11 29.32 -30.32 41.84
CA GLN F 11 30.62 -30.96 41.73
C GLN F 11 30.54 -32.29 40.95
N SER F 12 31.47 -32.46 39.98
CA SER F 12 31.56 -33.68 39.19
C SER F 12 32.23 -34.83 39.93
N SER F 13 31.69 -36.02 39.66
CA SER F 13 32.13 -37.32 40.16
C SER F 13 32.88 -38.07 39.02
N VAL F 14 33.00 -37.45 37.84
CA VAL F 14 33.62 -38.03 36.65
C VAL F 14 35.07 -37.50 36.43
N GLN F 15 36.07 -38.41 36.47
CA GLN F 15 37.49 -38.07 36.24
C GLN F 15 37.70 -37.36 34.89
N ASP F 16 38.40 -36.22 34.91
CA ASP F 16 38.73 -35.35 33.77
C ASP F 16 37.54 -34.56 33.23
N TYR F 17 36.37 -34.60 33.92
CA TYR F 17 35.17 -33.86 33.45
C TYR F 17 34.56 -32.98 34.59
N PRO F 18 35.30 -31.95 35.09
CA PRO F 18 34.81 -31.19 36.26
C PRO F 18 33.84 -30.03 36.01
N TRP F 19 33.64 -29.57 34.76
CA TRP F 19 32.73 -28.45 34.45
C TRP F 19 31.26 -28.87 34.42
N TYR F 20 30.39 -28.01 34.99
CA TYR F 20 28.93 -28.21 34.99
C TYR F 20 28.38 -27.34 33.85
N GLY F 21 27.71 -27.97 32.89
CA GLY F 21 27.09 -27.29 31.75
C GLY F 21 25.58 -27.44 31.83
N TYR F 22 24.84 -26.33 31.71
CA TYR F 22 23.38 -26.31 31.89
C TYR F 22 22.66 -25.16 31.16
N ASP F 23 21.33 -25.23 31.07
CA ASP F 23 20.49 -24.18 30.51
C ASP F 23 19.92 -23.34 31.67
N SER F 24 20.36 -22.08 31.78
CA SER F 24 19.88 -21.19 32.84
C SER F 24 18.49 -20.56 32.51
N TYR F 25 17.96 -20.76 31.29
CA TYR F 25 16.61 -20.27 30.94
C TYR F 25 15.67 -21.32 31.52
N SER F 26 15.35 -21.16 32.80
CA SER F 26 14.64 -22.10 33.65
C SER F 26 13.83 -21.31 34.67
N LYS F 27 12.98 -22.01 35.46
CA LYS F 27 12.17 -21.40 36.54
C LYS F 27 13.05 -20.50 37.41
N GLY F 28 12.65 -19.24 37.56
CA GLY F 28 13.41 -18.27 38.34
C GLY F 28 14.09 -17.21 37.50
N TYR F 29 14.39 -17.53 36.22
CA TYR F 29 15.00 -16.58 35.28
C TYR F 29 13.98 -15.46 35.00
N PRO F 30 14.41 -14.17 34.89
CA PRO F 30 13.43 -13.09 34.63
C PRO F 30 12.63 -13.25 33.33
N ASP F 31 11.29 -13.19 33.46
CA ASP F 31 10.30 -13.33 32.38
C ASP F 31 10.27 -14.75 31.77
N TYR F 32 10.78 -15.76 32.49
CA TYR F 32 10.82 -17.15 32.03
C TYR F 32 9.45 -17.68 31.66
N SER F 33 9.37 -18.29 30.48
CA SER F 33 8.16 -18.97 30.02
C SER F 33 8.57 -20.34 29.51
N PRO F 34 7.92 -21.43 29.98
CA PRO F 34 8.27 -22.76 29.48
C PRO F 34 7.78 -23.02 28.06
N LEU F 35 7.03 -22.07 27.47
CA LEU F 35 6.51 -22.19 26.11
C LEU F 35 7.36 -21.45 25.08
N LYS F 36 8.41 -20.74 25.54
CA LYS F 36 9.34 -20.01 24.68
C LYS F 36 10.58 -20.81 24.34
N THR F 37 11.00 -20.79 23.08
CA THR F 37 12.17 -21.52 22.56
C THR F 37 13.51 -20.81 22.86
N TYR F 38 13.59 -20.05 23.96
CA TYR F 38 14.84 -19.40 24.32
C TYR F 38 15.75 -20.36 25.08
N HIS F 39 17.03 -20.06 25.10
CA HIS F 39 18.06 -20.78 25.87
C HIS F 39 19.06 -19.76 26.39
N ASN F 40 19.73 -20.10 27.48
CA ASN F 40 20.79 -19.29 28.03
C ASN F 40 21.75 -20.28 28.68
N LEU F 41 22.56 -20.91 27.84
CA LEU F 41 23.51 -21.93 28.28
C LEU F 41 24.69 -21.34 29.01
N LYS F 42 25.11 -22.04 30.08
CA LYS F 42 26.23 -21.63 30.92
C LYS F 42 27.10 -22.81 31.29
N VAL F 43 28.37 -22.52 31.60
CA VAL F 43 29.34 -23.47 32.14
C VAL F 43 29.94 -22.81 33.38
N ASN F 44 30.16 -23.60 34.43
CA ASN F 44 30.83 -23.10 35.64
C ASN F 44 31.54 -24.26 36.35
N LEU F 45 32.49 -23.91 37.22
CA LEU F 45 33.29 -24.85 37.98
C LEU F 45 32.98 -24.70 39.44
N ASP F 46 32.31 -25.69 40.04
CA ASP F 46 32.00 -25.73 41.48
C ASP F 46 31.50 -24.38 42.05
N GLY F 47 30.44 -23.83 41.45
CA GLY F 47 29.85 -22.59 41.91
C GLY F 47 30.60 -21.31 41.60
N SER F 48 31.64 -21.38 40.76
CA SER F 48 32.43 -20.22 40.34
C SER F 48 31.61 -19.37 39.34
N LYS F 49 32.23 -18.30 38.80
CA LYS F 49 31.67 -17.41 37.78
C LYS F 49 31.11 -18.24 36.61
N GLU F 50 29.91 -17.90 36.14
CA GLU F 50 29.26 -18.53 35.00
C GLU F 50 29.83 -17.93 33.73
N TYR F 51 30.12 -18.78 32.75
CA TYR F 51 30.62 -18.36 31.44
C TYR F 51 29.51 -18.60 30.43
N GLN F 52 29.26 -17.63 29.53
CA GLN F 52 28.24 -17.78 28.51
C GLN F 52 28.69 -18.88 27.56
N ALA F 53 27.82 -19.87 27.34
CA ALA F 53 28.13 -20.98 26.48
C ALA F 53 27.13 -21.04 25.31
N TYR F 54 27.55 -21.71 24.23
CA TYR F 54 26.74 -21.98 23.05
C TYR F 54 26.94 -23.43 22.71
N CYS F 55 25.87 -24.09 22.28
CA CYS F 55 25.92 -25.51 21.95
C CYS F 55 26.21 -25.78 20.49
N PHE F 56 26.61 -27.02 20.22
CA PHE F 56 26.77 -27.58 18.89
C PHE F 56 26.35 -29.04 18.94
N ASN F 57 26.17 -29.68 17.78
CA ASN F 57 25.65 -31.06 17.59
C ASN F 57 24.13 -30.98 17.67
N LEU F 58 23.50 -30.52 16.59
CA LEU F 58 22.04 -30.30 16.50
C LEU F 58 21.20 -31.54 16.78
N THR F 59 21.72 -32.74 16.48
CA THR F 59 20.96 -33.99 16.68
C THR F 59 21.10 -34.55 18.11
N LYS F 60 21.86 -33.89 19.00
CA LYS F 60 22.03 -34.37 20.38
C LYS F 60 21.14 -33.58 21.32
N HIS F 61 21.07 -33.97 22.60
CA HIS F 61 20.19 -33.32 23.55
C HIS F 61 20.75 -32.00 24.04
N PHE F 62 19.84 -31.02 24.23
CA PHE F 62 20.18 -29.74 24.85
C PHE F 62 20.65 -30.04 26.28
N PRO F 63 21.62 -29.30 26.86
CA PRO F 63 21.94 -29.49 28.28
C PRO F 63 20.67 -29.24 29.10
N SER F 64 20.49 -30.01 30.18
CA SER F 64 19.31 -29.92 31.06
C SER F 64 19.23 -28.53 31.71
N LYS F 65 18.00 -28.11 32.08
CA LYS F 65 17.76 -26.86 32.79
C LYS F 65 18.42 -26.96 34.19
N SER F 66 18.83 -25.82 34.76
CA SER F 66 19.51 -25.76 36.06
C SER F 66 18.71 -26.38 37.23
N ASP F 67 17.36 -26.40 37.13
CA ASP F 67 16.51 -26.97 38.17
C ASP F 67 16.24 -28.49 37.97
N SER F 68 16.92 -29.13 37.02
CA SER F 68 16.80 -30.57 36.76
C SER F 68 17.57 -31.38 37.79
N VAL F 69 17.15 -32.64 38.02
CA VAL F 69 17.84 -33.58 38.90
C VAL F 69 19.10 -34.14 38.24
N ARG F 70 19.05 -34.34 36.91
CA ARG F 70 20.23 -34.79 36.17
C ARG F 70 21.09 -33.57 35.73
N SER F 71 22.43 -33.77 35.78
CA SER F 71 23.47 -32.80 35.46
C SER F 71 24.40 -33.33 34.39
N GLN F 72 24.92 -32.44 33.53
CA GLN F 72 25.84 -32.84 32.47
C GLN F 72 27.21 -32.30 32.80
N TRP F 73 28.23 -33.16 32.65
CA TRP F 73 29.63 -32.86 32.97
C TRP F 73 30.47 -32.68 31.75
N TYR F 74 31.39 -31.71 31.80
CA TYR F 74 32.21 -31.33 30.66
C TYR F 74 33.70 -31.25 30.95
N LYS F 75 34.50 -31.53 29.90
CA LYS F 75 35.97 -31.43 29.91
C LYS F 75 36.31 -30.20 29.07
N LYS F 76 37.11 -29.27 29.62
CA LYS F 76 37.53 -28.06 28.91
C LYS F 76 38.73 -28.40 27.99
N LEU F 77 38.58 -28.13 26.67
CA LEU F 77 39.62 -28.36 25.67
C LEU F 77 39.95 -27.05 24.95
N GLU F 78 41.13 -27.00 24.34
CA GLU F 78 41.59 -25.89 23.49
C GLU F 78 40.64 -25.81 22.30
N GLY F 79 40.17 -24.62 21.97
CA GLY F 79 39.25 -24.42 20.86
C GLY F 79 39.93 -24.43 19.49
N THR F 80 40.58 -25.55 19.13
CA THR F 80 41.30 -25.68 17.85
C THR F 80 40.41 -26.29 16.77
N ASN F 81 40.81 -26.14 15.48
CA ASN F 81 40.12 -26.77 14.34
C ASN F 81 40.11 -28.31 14.51
N GLU F 82 41.23 -28.87 15.02
CA GLU F 82 41.37 -30.30 15.28
C GLU F 82 40.32 -30.82 16.27
N ASN F 83 40.10 -30.09 17.38
CA ASN F 83 39.08 -30.47 18.38
C ASN F 83 37.64 -30.33 17.87
N PHE F 84 37.40 -29.39 16.93
CA PHE F 84 36.08 -29.26 16.30
C PHE F 84 35.83 -30.41 15.35
N ILE F 85 36.83 -30.80 14.56
CA ILE F 85 36.70 -31.93 13.64
C ILE F 85 36.42 -33.23 14.43
N LYS F 86 37.05 -33.36 15.61
CA LYS F 86 36.88 -34.52 16.49
C LYS F 86 35.47 -34.61 17.10
N LEU F 87 34.88 -33.48 17.47
CA LEU F 87 33.61 -33.46 18.21
C LEU F 87 32.37 -32.98 17.45
N ALA F 88 32.54 -32.19 16.40
CA ALA F 88 31.39 -31.72 15.61
C ALA F 88 30.98 -32.75 14.57
N ASP F 89 29.67 -32.87 14.32
CA ASP F 89 29.09 -33.77 13.35
C ASP F 89 29.37 -33.30 11.91
N LYS F 90 28.96 -32.06 11.56
CA LYS F 90 29.12 -31.50 10.22
C LYS F 90 29.75 -30.08 10.26
N PRO F 91 31.02 -29.88 10.70
CA PRO F 91 31.56 -28.51 10.76
C PRO F 91 31.81 -27.91 9.37
N ARG F 92 31.61 -26.60 9.25
CA ARG F 92 31.83 -25.88 7.99
C ARG F 92 33.35 -25.47 7.99
N ILE F 93 34.26 -26.43 7.69
CA ILE F 93 35.72 -26.24 7.82
C ILE F 93 36.27 -25.00 7.01
N GLU F 94 35.83 -24.83 5.73
CA GLU F 94 36.21 -23.71 4.84
C GLU F 94 37.73 -23.42 4.83
N ASP F 95 38.52 -24.44 4.49
CA ASP F 95 39.99 -24.39 4.31
C ASP F 95 40.74 -23.94 5.60
N GLY F 96 40.21 -24.37 6.74
CA GLY F 96 40.76 -24.12 8.06
C GLY F 96 40.39 -22.78 8.68
N GLN F 97 39.38 -22.10 8.15
CA GLN F 97 38.96 -20.81 8.71
C GLN F 97 37.97 -20.95 9.89
N LEU F 98 37.58 -22.20 10.26
CA LEU F 98 36.56 -22.50 11.27
C LEU F 98 36.77 -21.84 12.65
N GLN F 99 37.92 -22.13 13.34
CA GLN F 99 38.24 -21.60 14.68
C GLN F 99 38.08 -20.08 14.75
N GLN F 100 38.74 -19.37 13.82
CA GLN F 100 38.74 -17.93 13.74
C GLN F 100 37.33 -17.37 13.45
N ASN F 101 36.51 -18.09 12.65
CA ASN F 101 35.12 -17.69 12.35
C ASN F 101 34.28 -17.74 13.61
N ILE F 102 34.39 -18.84 14.39
CA ILE F 102 33.65 -19.02 15.64
C ILE F 102 34.07 -17.96 16.66
N LEU F 103 35.39 -17.76 16.83
CA LEU F 103 35.94 -16.75 17.73
C LEU F 103 35.43 -15.37 17.39
N ARG F 104 35.41 -15.01 16.07
CA ARG F 104 34.89 -13.73 15.60
C ARG F 104 33.40 -13.56 15.98
N ILE F 105 32.58 -14.64 15.88
CA ILE F 105 31.16 -14.63 16.24
C ILE F 105 30.99 -14.37 17.73
N LEU F 106 31.77 -15.08 18.56
CA LEU F 106 31.69 -14.93 20.02
C LEU F 106 32.14 -13.55 20.48
N TYR F 107 33.19 -13.01 19.83
CA TYR F 107 33.73 -11.69 20.11
C TYR F 107 32.73 -10.60 19.77
N ASN F 108 31.94 -10.80 18.70
CA ASN F 108 30.94 -9.84 18.22
C ASN F 108 29.52 -10.08 18.68
N GLY F 109 29.25 -11.26 19.23
CA GLY F 109 27.92 -11.68 19.69
C GLY F 109 27.65 -11.41 21.15
N TYR F 110 26.59 -12.03 21.69
CA TYR F 110 26.20 -11.84 23.09
C TYR F 110 27.11 -12.59 24.08
N PRO F 111 27.61 -11.93 25.15
CA PRO F 111 27.42 -10.52 25.53
C PRO F 111 28.55 -9.56 25.12
N ASN F 112 29.68 -10.07 24.61
CA ASN F 112 30.87 -9.27 24.27
C ASN F 112 30.56 -8.09 23.35
N ASP F 113 29.86 -8.34 22.22
CA ASP F 113 29.37 -7.31 21.27
C ASP F 113 30.38 -6.15 21.04
N ARG F 114 31.65 -6.51 20.75
CA ARG F 114 32.73 -5.54 20.65
C ARG F 114 32.60 -4.51 19.50
N ASN F 115 31.76 -4.75 18.48
CA ASN F 115 31.56 -3.81 17.39
C ASN F 115 30.12 -3.31 17.28
N GLY F 116 29.33 -3.54 18.33
CA GLY F 116 27.93 -3.14 18.43
C GLY F 116 26.98 -3.81 17.44
N ILE F 117 27.33 -4.99 16.90
CA ILE F 117 26.46 -5.73 15.96
C ILE F 117 25.12 -6.09 16.64
N MET F 118 25.15 -6.41 17.94
CA MET F 118 24.00 -6.80 18.75
C MET F 118 23.21 -5.65 19.36
N LYS F 119 23.62 -4.38 19.09
CA LYS F 119 22.97 -3.18 19.65
C LYS F 119 21.48 -3.14 19.38
N GLY F 120 20.69 -2.90 20.43
CA GLY F 120 19.24 -2.80 20.33
C GLY F 120 18.50 -4.14 20.39
N ILE F 121 19.24 -5.27 20.36
CA ILE F 121 18.65 -6.61 20.44
C ILE F 121 18.58 -7.04 21.91
N ASP F 122 17.38 -7.42 22.37
CA ASP F 122 17.11 -7.89 23.73
C ASP F 122 18.00 -9.11 24.06
N PRO F 123 18.53 -9.23 25.31
CA PRO F 123 19.47 -10.33 25.63
C PRO F 123 19.15 -11.72 25.11
N LEU F 124 17.94 -12.24 25.35
CA LEU F 124 17.57 -13.60 24.89
C LEU F 124 17.52 -13.73 23.35
N ASN F 125 17.12 -12.64 22.67
CA ASN F 125 17.13 -12.56 21.20
C ASN F 125 18.57 -12.50 20.67
N ALA F 126 19.47 -11.83 21.41
CA ALA F 126 20.87 -11.68 21.04
C ALA F 126 21.60 -13.03 21.17
N ILE F 127 21.27 -13.80 22.23
CA ILE F 127 21.77 -15.15 22.45
C ILE F 127 21.31 -16.02 21.28
N LEU F 128 20.03 -15.90 20.90
CA LEU F 128 19.44 -16.66 19.81
C LEU F 128 20.15 -16.40 18.48
N VAL F 129 20.42 -15.12 18.14
CA VAL F 129 21.15 -14.75 16.91
C VAL F 129 22.57 -15.36 16.95
N THR F 130 23.29 -15.18 18.07
CA THR F 130 24.66 -15.71 18.25
C THR F 130 24.69 -17.22 18.07
N GLN F 131 23.75 -17.92 18.73
CA GLN F 131 23.59 -19.36 18.64
C GLN F 131 23.36 -19.83 17.19
N ASN F 132 22.51 -19.14 16.44
CA ASN F 132 22.24 -19.46 15.04
C ASN F 132 23.48 -19.24 14.15
N ALA F 133 24.27 -18.21 14.45
CA ALA F 133 25.51 -17.91 13.72
C ALA F 133 26.54 -19.03 14.06
N ILE F 134 26.56 -19.49 15.33
CA ILE F 134 27.43 -20.60 15.78
C ILE F 134 27.05 -21.89 15.03
N TRP F 135 25.74 -22.24 15.00
CA TRP F 135 25.23 -23.43 14.29
C TRP F 135 25.56 -23.44 12.83
N TYR F 136 25.59 -22.25 12.18
CA TYR F 136 25.96 -22.13 10.77
C TYR F 136 27.37 -22.73 10.54
N TYR F 137 28.30 -22.50 11.48
CA TYR F 137 29.65 -23.03 11.38
C TYR F 137 29.84 -24.39 11.98
N THR F 138 29.29 -24.64 13.17
CA THR F 138 29.49 -25.92 13.86
C THR F 138 28.74 -27.09 13.27
N ASP F 139 27.57 -26.84 12.69
CA ASP F 139 26.70 -27.88 12.20
C ASP F 139 26.29 -27.67 10.73
N SER F 140 26.96 -26.73 10.02
CA SER F 140 26.69 -26.36 8.61
C SER F 140 25.18 -26.15 8.41
N SER F 141 24.52 -25.47 9.38
CA SER F 141 23.08 -25.25 9.26
C SER F 141 22.81 -24.31 8.09
N TYR F 142 21.80 -24.66 7.31
CA TYR F 142 21.42 -23.95 6.09
C TYR F 142 20.91 -22.54 6.34
N ILE F 143 21.63 -21.54 5.82
CA ILE F 143 21.25 -20.13 5.86
C ILE F 143 21.54 -19.57 4.45
N SER F 144 20.49 -19.40 3.65
CA SER F 144 20.64 -18.86 2.28
C SER F 144 20.34 -17.36 2.29
N ASP F 145 19.15 -16.99 2.81
CA ASP F 145 18.67 -15.62 2.87
C ASP F 145 18.23 -15.25 4.28
N THR F 146 19.03 -14.38 4.92
CA THR F 146 18.80 -13.86 6.27
C THR F 146 17.54 -13.00 6.37
N SER F 147 17.05 -12.47 5.22
CA SER F 147 15.82 -11.67 5.12
C SER F 147 14.60 -12.52 5.50
N LYS F 148 14.72 -13.85 5.34
CA LYS F 148 13.68 -14.83 5.62
C LYS F 148 13.93 -15.59 6.94
N ALA F 149 15.07 -15.34 7.63
CA ALA F 149 15.43 -16.02 8.89
C ALA F 149 14.47 -15.73 10.05
N PHE F 150 14.40 -16.64 11.04
CA PHE F 150 13.61 -16.55 12.27
C PHE F 150 12.08 -16.49 12.05
N GLN F 151 11.58 -17.12 10.97
CA GLN F 151 10.14 -17.14 10.69
C GLN F 151 9.35 -17.93 11.76
N GLN F 152 9.89 -19.10 12.19
CA GLN F 152 9.28 -19.90 13.24
C GLN F 152 9.37 -19.20 14.59
N GLU F 153 10.54 -18.59 14.89
CA GLU F 153 10.82 -17.83 16.12
C GLU F 153 9.89 -16.62 16.21
N GLU F 154 9.57 -15.98 15.07
CA GLU F 154 8.67 -14.83 15.00
C GLU F 154 7.30 -15.20 15.56
N THR F 155 6.75 -16.36 15.18
CA THR F 155 5.42 -16.78 15.67
C THR F 155 5.52 -17.42 17.07
N ASP F 156 6.55 -18.26 17.32
CA ASP F 156 6.74 -18.91 18.62
C ASP F 156 7.09 -17.95 19.78
N LEU F 157 7.94 -16.93 19.53
CA LEU F 157 8.38 -15.98 20.55
C LEU F 157 7.63 -14.64 20.45
N LYS F 158 6.78 -14.47 19.41
CA LYS F 158 6.01 -13.25 19.14
C LYS F 158 6.94 -12.01 19.12
N LEU F 159 7.92 -12.06 18.20
CA LEU F 159 8.90 -11.01 18.01
C LEU F 159 8.25 -9.86 17.23
N ASP F 160 8.48 -8.61 17.67
CA ASP F 160 8.01 -7.43 16.95
C ASP F 160 8.92 -7.18 15.74
N SER F 161 8.44 -6.41 14.76
CA SER F 161 9.17 -6.07 13.52
C SER F 161 10.56 -5.46 13.76
N GLN F 162 10.69 -4.62 14.81
CA GLN F 162 11.93 -3.94 15.20
C GLN F 162 13.00 -4.97 15.63
N GLN F 163 12.65 -5.87 16.57
CA GLN F 163 13.55 -6.92 17.05
C GLN F 163 13.90 -7.88 15.91
N LEU F 164 12.89 -8.32 15.13
CA LEU F 164 13.07 -9.25 14.01
C LEU F 164 14.04 -8.71 12.95
N GLN F 165 13.88 -7.41 12.57
CA GLN F 165 14.77 -6.79 11.58
C GLN F 165 16.21 -6.67 12.07
N LEU F 166 16.40 -6.28 13.35
CA LEU F 166 17.75 -6.15 13.96
C LEU F 166 18.42 -7.54 14.01
N MET F 167 17.63 -8.58 14.35
CA MET F 167 18.09 -9.96 14.45
C MET F 167 18.56 -10.49 13.11
N ARG F 168 17.78 -10.26 12.03
CA ARG F 168 18.08 -10.68 10.66
C ARG F 168 19.35 -10.02 10.13
N ASN F 169 19.51 -8.71 10.38
CA ASN F 169 20.68 -7.95 9.98
C ASN F 169 21.93 -8.39 10.75
N ALA F 170 21.80 -8.63 12.09
CA ALA F 170 22.93 -9.09 12.91
C ALA F 170 23.40 -10.48 12.47
N LEU F 171 22.46 -11.39 12.17
CA LEU F 171 22.80 -12.75 11.70
C LEU F 171 23.59 -12.68 10.38
N LYS F 172 23.12 -11.84 9.44
CA LYS F 172 23.74 -11.58 8.13
C LYS F 172 25.19 -11.15 8.30
N ARG F 173 25.43 -10.19 9.22
CA ARG F 173 26.75 -9.66 9.52
C ARG F 173 27.65 -10.69 10.18
N LEU F 174 27.14 -11.45 11.17
CA LEU F 174 27.91 -12.46 11.90
C LEU F 174 28.40 -13.64 11.07
N ILE F 175 27.61 -14.09 10.08
CA ILE F 175 27.99 -15.24 9.26
C ILE F 175 28.81 -14.86 8.00
N ASN F 176 29.09 -13.57 7.80
CA ASN F 176 29.86 -13.11 6.65
C ASN F 176 31.25 -12.68 7.12
N PRO F 177 32.32 -13.52 6.90
CA PRO F 177 33.68 -13.13 7.36
C PRO F 177 34.17 -11.78 6.84
N LYS F 178 33.77 -11.42 5.60
CA LYS F 178 34.09 -10.15 4.92
C LYS F 178 33.46 -8.93 5.62
N GLU F 179 32.32 -9.13 6.29
N GLU F 179 32.31 -9.12 6.30
CA GLU F 179 31.63 -8.06 7.03
CA GLU F 179 31.62 -8.07 7.04
C GLU F 179 32.29 -7.88 8.41
C GLU F 179 32.25 -7.88 8.42
N VAL F 180 32.63 -9.01 9.09
CA VAL F 180 33.24 -9.02 10.42
C VAL F 180 34.68 -8.48 10.39
N GLU F 181 35.46 -8.84 9.35
CA GLU F 181 36.86 -8.43 9.19
C GLU F 181 37.02 -6.94 8.84
N SER F 182 35.96 -6.29 8.33
CA SER F 182 35.98 -4.87 7.97
C SER F 182 35.69 -3.95 9.19
N LEU F 183 35.29 -4.54 10.33
CA LEU F 183 34.94 -3.83 11.57
C LEU F 183 36.15 -3.24 12.30
N PRO F 184 35.98 -2.12 13.07
CA PRO F 184 37.15 -1.51 13.76
C PRO F 184 37.87 -2.37 14.79
N ASN F 185 37.13 -3.17 15.57
CA ASN F 185 37.71 -4.01 16.62
C ASN F 185 37.81 -5.45 16.18
N GLN F 186 39.04 -5.94 16.04
CA GLN F 186 39.26 -7.34 15.65
C GLN F 186 39.65 -8.17 16.86
N VAL F 187 39.49 -9.49 16.75
CA VAL F 187 39.80 -10.45 17.82
C VAL F 187 41.27 -10.34 18.27
N PRO F 188 41.56 -9.93 19.53
CA PRO F 188 42.95 -9.92 20.00
C PRO F 188 43.43 -11.32 20.38
N ALA F 189 44.77 -11.52 20.45
CA ALA F 189 45.44 -12.78 20.80
C ALA F 189 44.99 -13.37 22.16
N ASN F 190 44.66 -12.49 23.14
CA ASN F 190 44.22 -12.91 24.49
C ASN F 190 42.71 -13.28 24.57
N TYR F 191 41.94 -13.09 23.49
CA TYR F 191 40.52 -13.53 23.49
C TYR F 191 40.50 -14.94 22.88
N GLN F 192 40.35 -15.96 23.73
CA GLN F 192 40.52 -17.35 23.32
C GLN F 192 39.29 -18.24 23.44
N LEU F 193 39.21 -19.21 22.52
CA LEU F 193 38.12 -20.17 22.41
C LEU F 193 38.37 -21.45 23.19
N SER F 194 37.33 -21.93 23.87
CA SER F 194 37.34 -23.18 24.60
C SER F 194 36.19 -24.06 24.13
N ILE F 195 36.46 -25.36 23.98
CA ILE F 195 35.44 -26.35 23.63
C ILE F 195 35.21 -27.17 24.92
N PHE F 196 33.95 -27.37 25.27
CA PHE F 196 33.54 -28.16 26.41
C PHE F 196 32.96 -29.47 25.90
N GLN F 197 33.72 -30.55 26.11
CA GLN F 197 33.34 -31.89 25.67
C GLN F 197 32.42 -32.56 26.69
N SER F 198 31.21 -32.94 26.26
CA SER F 198 30.23 -33.63 27.11
C SER F 198 30.72 -35.03 27.47
N SER F 199 30.63 -35.40 28.77
CA SER F 199 30.97 -36.74 29.24
C SER F 199 29.96 -37.74 28.65
N ASP F 200 28.67 -37.33 28.67
CA ASP F 200 27.56 -38.10 28.14
C ASP F 200 27.45 -37.78 26.62
N LYS F 201 27.74 -38.76 25.75
CA LYS F 201 27.74 -38.58 24.30
C LYS F 201 26.33 -38.30 23.69
N THR F 202 25.28 -38.43 24.48
CA THR F 202 23.90 -38.19 24.13
C THR F 202 23.55 -36.66 24.19
N PHE F 203 24.40 -35.89 24.87
CA PHE F 203 24.23 -34.44 25.07
C PHE F 203 25.17 -33.64 24.21
N GLN F 204 24.73 -32.42 23.85
CA GLN F 204 25.51 -31.50 23.03
C GLN F 204 26.83 -31.06 23.69
N ASN F 205 27.85 -30.82 22.87
CA ASN F 205 29.09 -30.25 23.32
C ASN F 205 28.87 -28.74 23.39
N LEU F 206 29.71 -28.04 24.14
CA LEU F 206 29.53 -26.59 24.31
C LEU F 206 30.79 -25.86 23.91
N LEU F 207 30.65 -24.56 23.68
CA LEU F 207 31.79 -23.72 23.38
C LEU F 207 31.63 -22.38 24.07
N SER F 208 32.76 -21.75 24.44
CA SER F 208 32.78 -20.48 25.14
C SER F 208 34.10 -19.75 24.85
N ALA F 209 34.11 -18.43 24.98
CA ALA F 209 35.34 -17.66 24.77
C ALA F 209 35.50 -16.68 25.88
N GLU F 210 36.75 -16.40 26.25
CA GLU F 210 37.07 -15.46 27.33
C GLU F 210 38.38 -14.75 27.08
N TYR F 211 38.59 -13.63 27.80
CA TYR F 211 39.87 -12.92 27.77
C TYR F 211 40.77 -13.66 28.75
N VAL F 212 41.98 -14.00 28.31
CA VAL F 212 42.98 -14.72 29.11
C VAL F 212 43.99 -13.70 29.69
N PRO F 213 44.19 -13.69 31.05
CA PRO F 213 45.15 -12.74 31.64
C PRO F 213 46.59 -13.24 31.58
N SER G 6 -62.50 38.58 15.67
CA SER G 6 -63.78 39.21 15.33
C SER G 6 -63.90 39.49 13.82
N VAL G 7 -65.12 39.35 13.29
CA VAL G 7 -65.44 39.53 11.86
C VAL G 7 -65.45 41.03 11.48
N PRO G 8 -64.61 41.45 10.51
CA PRO G 8 -64.61 42.87 10.09
C PRO G 8 -65.92 43.33 9.44
N ASN G 9 -66.27 44.60 9.66
CA ASN G 9 -67.45 45.22 9.09
C ASN G 9 -67.04 46.51 8.39
N LYS G 10 -66.75 46.41 7.10
CA LYS G 10 -66.37 47.55 6.26
C LYS G 10 -67.29 47.68 5.07
N GLN G 11 -67.82 48.87 4.89
CA GLN G 11 -68.77 49.16 3.80
C GLN G 11 -68.06 49.79 2.62
N SER G 12 -68.32 49.23 1.43
CA SER G 12 -67.76 49.74 0.18
C SER G 12 -68.44 51.07 -0.21
N SER G 13 -67.71 51.95 -0.85
CA SER G 13 -68.23 53.21 -1.39
C SER G 13 -68.18 53.11 -2.93
N VAL G 14 -67.83 51.93 -3.44
CA VAL G 14 -67.72 51.67 -4.87
C VAL G 14 -68.93 50.91 -5.42
N GLN G 15 -69.64 51.55 -6.40
CA GLN G 15 -70.79 50.96 -7.08
C GLN G 15 -70.40 49.63 -7.75
N ASP G 16 -71.19 48.58 -7.45
CA ASP G 16 -71.03 47.21 -7.98
C ASP G 16 -69.87 46.42 -7.38
N TYR G 17 -69.14 47.00 -6.41
CA TYR G 17 -68.03 46.30 -5.73
C TYR G 17 -68.29 46.33 -4.22
N PRO G 18 -69.33 45.60 -3.74
CA PRO G 18 -69.66 45.68 -2.29
C PRO G 18 -68.89 44.75 -1.37
N TRP G 19 -68.25 43.70 -1.92
CA TRP G 19 -67.50 42.73 -1.14
C TRP G 19 -66.17 43.26 -0.63
N TYR G 20 -65.89 42.99 0.64
CA TYR G 20 -64.62 43.36 1.29
C TYR G 20 -63.73 42.12 1.26
N GLY G 21 -62.56 42.24 0.62
CA GLY G 21 -61.61 41.13 0.49
C GLY G 21 -60.35 41.49 1.22
N TYR G 22 -59.86 40.61 2.10
CA TYR G 22 -58.73 40.92 2.97
C TYR G 22 -57.99 39.68 3.46
N ASP G 23 -56.82 39.91 4.06
CA ASP G 23 -56.02 38.84 4.66
C ASP G 23 -56.28 38.86 6.17
N SER G 24 -56.96 37.84 6.69
CA SER G 24 -57.28 37.73 8.12
C SER G 24 -56.08 37.25 8.95
N TYR G 25 -54.96 36.81 8.30
CA TYR G 25 -53.76 36.44 9.04
C TYR G 25 -53.09 37.77 9.39
N SER G 26 -53.49 38.33 10.53
CA SER G 26 -53.16 39.68 10.97
C SER G 26 -53.19 39.71 12.50
N LYS G 27 -52.75 40.84 13.13
CA LYS G 27 -52.77 41.02 14.59
C LYS G 27 -54.14 40.63 15.16
N GLY G 28 -54.13 39.74 16.15
CA GLY G 28 -55.33 39.23 16.79
C GLY G 28 -55.69 37.81 16.39
N TYR G 29 -55.18 37.34 15.21
CA TYR G 29 -55.40 35.96 14.72
C TYR G 29 -54.62 35.03 15.69
N PRO G 30 -55.17 33.85 16.07
CA PRO G 30 -54.44 32.97 17.01
C PRO G 30 -53.07 32.51 16.48
N ASP G 31 -52.02 32.70 17.30
CA ASP G 31 -50.61 32.34 16.99
C ASP G 31 -50.01 33.16 15.82
N TYR G 32 -50.59 34.34 15.56
CA TYR G 32 -50.12 35.23 14.50
C TYR G 32 -48.66 35.65 14.70
N SER G 33 -47.87 35.59 13.64
CA SER G 33 -46.51 36.11 13.61
C SER G 33 -46.35 36.94 12.34
N PRO G 34 -45.87 38.19 12.46
CA PRO G 34 -45.67 39.02 11.26
C PRO G 34 -44.48 38.56 10.41
N LEU G 35 -43.71 37.59 10.88
CA LEU G 35 -42.55 37.07 10.16
C LEU G 35 -42.84 35.77 9.38
N LYS G 36 -44.08 35.24 9.50
CA LYS G 36 -44.52 34.01 8.84
C LYS G 36 -45.26 34.32 7.55
N THR G 37 -44.97 33.54 6.49
CA THR G 37 -45.56 33.69 5.16
C THR G 37 -46.94 33.06 5.00
N TYR G 38 -47.72 32.98 6.09
CA TYR G 38 -49.06 32.44 6.02
C TYR G 38 -50.02 33.53 5.55
N HIS G 39 -51.16 33.08 4.98
CA HIS G 39 -52.25 33.92 4.58
C HIS G 39 -53.53 33.21 4.97
N ASN G 40 -54.59 33.98 5.18
CA ASN G 40 -55.90 33.44 5.41
C ASN G 40 -56.85 34.44 4.82
N LEU G 41 -56.99 34.38 3.50
CA LEU G 41 -57.82 35.31 2.75
C LEU G 41 -59.30 35.05 2.94
N LYS G 42 -60.06 36.14 3.10
CA LYS G 42 -61.50 36.07 3.28
C LYS G 42 -62.21 37.13 2.46
N VAL G 43 -63.51 36.88 2.18
CA VAL G 43 -64.45 37.83 1.59
C VAL G 43 -65.67 37.85 2.47
N ASN G 44 -66.23 39.04 2.69
CA ASN G 44 -67.47 39.19 3.42
C ASN G 44 -68.21 40.42 2.93
N LEU G 45 -69.49 40.50 3.25
CA LEU G 45 -70.35 41.60 2.85
C LEU G 45 -70.81 42.32 4.11
N ASP G 46 -70.36 43.55 4.34
CA ASP G 46 -70.76 44.40 5.48
C ASP G 46 -70.87 43.67 6.81
N GLY G 47 -69.78 43.02 7.23
CA GLY G 47 -69.74 42.30 8.50
C GLY G 47 -70.47 40.98 8.59
N SER G 48 -70.95 40.45 7.45
CA SER G 48 -71.64 39.16 7.36
C SER G 48 -70.63 38.01 7.54
N LYS G 49 -71.11 36.75 7.40
CA LYS G 49 -70.32 35.52 7.44
C LYS G 49 -69.11 35.64 6.50
N GLU G 50 -67.92 35.24 6.97
CA GLU G 50 -66.70 35.26 6.17
C GLU G 50 -66.66 34.01 5.30
N TYR G 51 -66.26 34.16 4.05
CA TYR G 51 -66.10 33.03 3.13
C TYR G 51 -64.61 32.85 2.86
N GLN G 52 -64.12 31.61 2.91
CA GLN G 52 -62.69 31.30 2.65
C GLN G 52 -62.38 31.66 1.18
N ALA G 53 -61.38 32.47 0.97
CA ALA G 53 -60.99 32.92 -0.35
C ALA G 53 -59.53 32.51 -0.63
N TYR G 54 -59.19 32.41 -1.93
CA TYR G 54 -57.86 32.14 -2.46
C TYR G 54 -57.60 33.16 -3.54
N CYS G 55 -56.36 33.61 -3.67
CA CYS G 55 -55.98 34.61 -4.63
C CYS G 55 -55.41 34.04 -5.92
N PHE G 56 -55.39 34.89 -6.94
CA PHE G 56 -54.73 34.65 -8.23
C PHE G 56 -54.14 35.93 -8.73
N ASN G 57 -53.29 35.89 -9.76
CA ASN G 57 -52.50 37.02 -10.30
C ASN G 57 -51.25 37.16 -9.42
N LEU G 58 -50.26 36.27 -9.60
CA LEU G 58 -49.02 36.28 -8.81
C LEU G 58 -48.22 37.59 -8.85
N THR G 59 -48.36 38.39 -9.92
CA THR G 59 -47.60 39.64 -10.07
C THR G 59 -48.31 40.83 -9.45
N LYS G 60 -49.51 40.65 -8.90
CA LYS G 60 -50.30 41.73 -8.29
C LYS G 60 -50.16 41.70 -6.79
N HIS G 61 -50.67 42.71 -6.10
CA HIS G 61 -50.51 42.82 -4.65
C HIS G 61 -51.47 41.92 -3.93
N PHE G 62 -51.00 41.35 -2.80
CA PHE G 62 -51.84 40.55 -1.92
C PHE G 62 -52.93 41.48 -1.36
N PRO G 63 -54.16 41.01 -1.08
CA PRO G 63 -55.12 41.89 -0.38
C PRO G 63 -54.52 42.28 0.98
N SER G 64 -54.78 43.53 1.41
CA SER G 64 -54.24 44.07 2.65
C SER G 64 -54.74 43.30 3.84
N LYS G 65 -53.96 43.30 4.94
CA LYS G 65 -54.36 42.69 6.21
C LYS G 65 -55.60 43.44 6.76
N SER G 66 -56.45 42.74 7.52
CA SER G 66 -57.67 43.31 8.08
C SER G 66 -57.45 44.57 8.95
N ASP G 67 -56.28 44.74 9.56
CA ASP G 67 -55.98 45.92 10.39
C ASP G 67 -55.34 47.10 9.60
N SER G 68 -55.32 47.00 8.27
CA SER G 68 -54.77 48.06 7.42
C SER G 68 -55.76 49.21 7.27
N VAL G 69 -55.24 50.42 6.97
CA VAL G 69 -56.06 51.62 6.69
C VAL G 69 -56.66 51.50 5.27
N ARG G 70 -55.96 50.77 4.38
CA ARG G 70 -56.31 50.46 2.97
C ARG G 70 -57.19 49.20 2.87
N SER G 71 -58.38 49.32 2.24
CA SER G 71 -59.33 48.23 2.02
C SER G 71 -59.50 47.97 0.54
N GLN G 72 -59.62 46.68 0.14
CA GLN G 72 -59.86 46.33 -1.25
C GLN G 72 -61.29 45.87 -1.43
N TRP G 73 -61.93 46.37 -2.47
CA TRP G 73 -63.33 46.09 -2.80
C TRP G 73 -63.47 45.18 -3.99
N TYR G 74 -64.44 44.26 -3.92
CA TYR G 74 -64.64 43.21 -4.92
C TYR G 74 -66.05 43.09 -5.44
N LYS G 75 -66.17 42.67 -6.71
CA LYS G 75 -67.41 42.38 -7.39
C LYS G 75 -67.49 40.85 -7.54
N LYS G 76 -68.60 40.26 -7.10
CA LYS G 76 -68.82 38.81 -7.20
C LYS G 76 -69.32 38.44 -8.62
N LEU G 77 -68.60 37.55 -9.30
CA LEU G 77 -68.94 37.06 -10.66
C LEU G 77 -69.05 35.55 -10.64
N GLU G 78 -69.76 35.00 -11.64
CA GLU G 78 -69.90 33.56 -11.87
C GLU G 78 -68.49 33.03 -12.16
N GLY G 79 -68.12 31.92 -11.51
CA GLY G 79 -66.81 31.31 -11.69
C GLY G 79 -66.69 30.52 -12.98
N THR G 80 -66.89 31.18 -14.15
CA THR G 80 -66.83 30.53 -15.47
C THR G 80 -65.43 30.61 -16.07
N ASN G 81 -65.14 29.75 -17.09
CA ASN G 81 -63.84 29.81 -17.78
C ASN G 81 -63.65 31.17 -18.46
N GLU G 82 -64.73 31.75 -18.99
CA GLU G 82 -64.75 33.07 -19.63
C GLU G 82 -64.26 34.16 -18.66
N ASN G 83 -64.77 34.17 -17.41
CA ASN G 83 -64.36 35.16 -16.40
C ASN G 83 -62.92 34.97 -15.94
N PHE G 84 -62.41 33.71 -15.93
CA PHE G 84 -61.01 33.45 -15.60
C PHE G 84 -60.10 33.97 -16.70
N ILE G 85 -60.47 33.74 -17.97
CA ILE G 85 -59.66 34.21 -19.09
C ILE G 85 -59.58 35.74 -19.08
N LYS G 86 -60.69 36.40 -18.72
CA LYS G 86 -60.78 37.85 -18.64
C LYS G 86 -59.92 38.44 -17.53
N LEU G 87 -59.81 37.75 -16.38
CA LEU G 87 -59.11 38.30 -15.20
C LEU G 87 -57.76 37.67 -14.85
N ALA G 88 -57.48 36.45 -15.27
CA ALA G 88 -56.21 35.78 -14.98
C ALA G 88 -55.16 36.16 -16.02
N ASP G 89 -53.92 36.30 -15.60
CA ASP G 89 -52.81 36.64 -16.47
C ASP G 89 -52.40 35.41 -17.30
N LYS G 90 -52.07 34.28 -16.64
CA LYS G 90 -51.59 33.06 -17.29
C LYS G 90 -52.39 31.81 -16.85
N PRO G 91 -53.71 31.68 -17.13
CA PRO G 91 -54.41 30.48 -16.68
C PRO G 91 -54.00 29.22 -17.43
N ARG G 92 -54.00 28.07 -16.73
CA ARG G 92 -53.66 26.77 -17.31
C ARG G 92 -54.95 26.23 -17.93
N ILE G 93 -55.24 26.65 -19.18
CA ILE G 93 -56.49 26.37 -19.92
C ILE G 93 -56.42 25.28 -20.95
N GLU G 94 -55.21 24.85 -21.35
CA GLU G 94 -54.95 23.85 -22.38
C GLU G 94 -55.99 22.71 -22.40
N ASP G 95 -56.19 22.01 -21.26
CA ASP G 95 -57.14 20.89 -21.14
C ASP G 95 -58.64 21.29 -21.16
N GLY G 96 -58.93 22.60 -21.12
CA GLY G 96 -60.28 23.14 -21.10
C GLY G 96 -61.05 22.88 -19.80
N GLN G 97 -60.37 22.41 -18.76
CA GLN G 97 -61.05 22.05 -17.52
C GLN G 97 -60.71 22.99 -16.35
N LEU G 98 -60.33 24.23 -16.65
CA LEU G 98 -59.91 25.18 -15.64
C LEU G 98 -60.90 25.36 -14.46
N GLN G 99 -62.10 25.87 -14.72
CA GLN G 99 -63.11 26.11 -13.67
C GLN G 99 -63.43 24.82 -12.85
N GLN G 100 -63.56 23.66 -13.53
CA GLN G 100 -63.84 22.36 -12.91
C GLN G 100 -62.68 21.90 -12.01
N ASN G 101 -61.44 22.13 -12.46
CA ASN G 101 -60.22 21.82 -11.70
C ASN G 101 -60.15 22.65 -10.43
N ILE G 102 -60.49 23.95 -10.53
CA ILE G 102 -60.47 24.87 -9.40
C ILE G 102 -61.54 24.46 -8.40
N LEU G 103 -62.78 24.15 -8.88
CA LEU G 103 -63.90 23.67 -8.05
C LEU G 103 -63.53 22.42 -7.29
N ARG G 104 -62.90 21.44 -7.95
CA ARG G 104 -62.44 20.21 -7.32
C ARG G 104 -61.45 20.48 -6.19
N ILE G 105 -60.50 21.43 -6.41
CA ILE G 105 -59.49 21.80 -5.41
C ILE G 105 -60.19 22.40 -4.20
N LEU G 106 -61.13 23.33 -4.41
CA LEU G 106 -61.82 23.98 -3.30
C LEU G 106 -62.70 22.99 -2.52
N TYR G 107 -63.35 22.06 -3.25
CA TYR G 107 -64.19 21.03 -2.68
C TYR G 107 -63.38 20.06 -1.79
N ASN G 108 -62.14 19.76 -2.19
CA ASN G 108 -61.22 18.84 -1.52
C ASN G 108 -60.20 19.51 -0.58
N GLY G 109 -60.09 20.83 -0.65
CA GLY G 109 -59.14 21.61 0.13
C GLY G 109 -59.70 22.25 1.38
N TYR G 110 -58.93 23.18 1.96
CA TYR G 110 -59.35 23.85 3.18
C TYR G 110 -60.49 24.87 2.97
N PRO G 111 -61.58 24.82 3.78
CA PRO G 111 -61.87 23.87 4.88
C PRO G 111 -62.78 22.68 4.54
N ASN G 112 -63.38 22.67 3.32
CA ASN G 112 -64.34 21.64 2.90
C ASN G 112 -63.81 20.22 3.08
N ASP G 113 -62.59 19.94 2.55
CA ASP G 113 -61.89 18.66 2.69
C ASP G 113 -62.82 17.44 2.62
N ARG G 114 -63.67 17.42 1.59
CA ARG G 114 -64.70 16.41 1.45
C ARG G 114 -64.23 14.95 1.38
N ASN G 115 -63.01 14.69 0.88
CA ASN G 115 -62.48 13.33 0.76
C ASN G 115 -61.28 13.07 1.67
N GLY G 116 -61.10 13.95 2.66
CA GLY G 116 -60.05 13.84 3.64
C GLY G 116 -58.62 13.98 3.16
N ILE G 117 -58.40 14.65 2.00
CA ILE G 117 -57.05 14.87 1.45
C ILE G 117 -56.20 15.73 2.42
N MET G 118 -56.86 16.68 3.12
CA MET G 118 -56.23 17.61 4.06
C MET G 118 -56.09 17.08 5.50
N LYS G 119 -56.52 15.83 5.76
CA LYS G 119 -56.48 15.19 7.09
C LYS G 119 -55.08 15.27 7.72
N GLY G 120 -55.02 15.74 8.97
CA GLY G 120 -53.78 15.85 9.72
C GLY G 120 -52.98 17.12 9.47
N ILE G 121 -53.37 17.93 8.47
CA ILE G 121 -52.67 19.17 8.14
C ILE G 121 -53.28 20.33 8.95
N ASP G 122 -52.42 21.09 9.67
CA ASP G 122 -52.82 22.26 10.49
C ASP G 122 -53.50 23.31 9.60
N PRO G 123 -54.56 24.00 10.10
CA PRO G 123 -55.32 24.94 9.24
C PRO G 123 -54.52 25.86 8.30
N LEU G 124 -53.53 26.62 8.81
CA LEU G 124 -52.74 27.55 8.01
C LEU G 124 -51.89 26.82 6.95
N ASN G 125 -51.41 25.60 7.28
CA ASN G 125 -50.67 24.76 6.34
C ASN G 125 -51.59 24.22 5.25
N ALA G 126 -52.86 23.91 5.61
CA ALA G 126 -53.88 23.39 4.70
C ALA G 126 -54.29 24.46 3.70
N ILE G 127 -54.43 25.72 4.18
CA ILE G 127 -54.72 26.88 3.32
C ILE G 127 -53.55 27.06 2.33
N LEU G 128 -52.31 26.94 2.83
CA LEU G 128 -51.10 27.06 2.02
C LEU G 128 -51.06 26.03 0.87
N VAL G 129 -51.39 24.76 1.18
CA VAL G 129 -51.42 23.69 0.18
C VAL G 129 -52.48 23.97 -0.89
N THR G 130 -53.71 24.30 -0.43
CA THR G 130 -54.85 24.63 -1.30
C THR G 130 -54.50 25.80 -2.23
N GLN G 131 -53.91 26.88 -1.66
CA GLN G 131 -53.48 28.06 -2.40
C GLN G 131 -52.47 27.71 -3.51
N ASN G 132 -51.50 26.84 -3.19
CA ASN G 132 -50.50 26.41 -4.16
C ASN G 132 -51.12 25.59 -5.30
N ALA G 133 -52.09 24.72 -4.96
CA ALA G 133 -52.84 23.96 -5.96
C ALA G 133 -53.65 24.92 -6.86
N ILE G 134 -54.27 25.97 -6.25
CA ILE G 134 -55.01 27.01 -6.98
C ILE G 134 -54.05 27.75 -7.97
N TRP G 135 -52.89 28.22 -7.49
CA TRP G 135 -51.90 28.92 -8.31
C TRP G 135 -51.40 28.13 -9.49
N TYR G 136 -51.30 26.79 -9.32
CA TYR G 136 -50.90 25.87 -10.39
C TYR G 136 -51.87 26.07 -11.60
N TYR G 137 -53.18 26.23 -11.32
CA TYR G 137 -54.16 26.42 -12.39
C TYR G 137 -54.36 27.89 -12.81
N THR G 138 -54.49 28.80 -11.84
CA THR G 138 -54.79 30.19 -12.14
C THR G 138 -53.64 30.98 -12.77
N ASP G 139 -52.39 30.60 -12.41
CA ASP G 139 -51.22 31.35 -12.83
C ASP G 139 -50.18 30.48 -13.51
N SER G 140 -50.52 29.22 -13.82
CA SER G 140 -49.63 28.23 -14.43
C SER G 140 -48.33 28.14 -13.65
N SER G 141 -48.40 28.19 -12.30
CA SER G 141 -47.17 28.12 -11.51
C SER G 141 -46.51 26.76 -11.66
N TYR G 142 -45.22 26.75 -11.84
CA TYR G 142 -44.41 25.57 -12.07
C TYR G 142 -44.37 24.59 -10.88
N ILE G 143 -44.88 23.39 -11.09
CA ILE G 143 -44.83 22.27 -10.13
C ILE G 143 -44.43 21.04 -10.93
N SER G 144 -43.17 20.61 -10.79
CA SER G 144 -42.65 19.44 -11.48
C SER G 144 -42.67 18.23 -10.54
N ASP G 145 -42.05 18.37 -9.35
CA ASP G 145 -41.95 17.32 -8.35
C ASP G 145 -42.39 17.81 -6.98
N THR G 146 -43.56 17.31 -6.52
CA THR G 146 -44.17 17.64 -5.23
C THR G 146 -43.33 17.17 -4.05
N SER G 147 -42.45 16.18 -4.26
CA SER G 147 -41.52 15.64 -3.26
C SER G 147 -40.53 16.71 -2.80
N LYS G 148 -40.29 17.73 -3.66
CA LYS G 148 -39.39 18.85 -3.44
C LYS G 148 -40.12 20.14 -3.06
N ALA G 149 -41.48 20.14 -3.08
CA ALA G 149 -42.28 21.33 -2.79
C ALA G 149 -42.13 21.85 -1.35
N PHE G 150 -42.41 23.15 -1.15
CA PHE G 150 -42.41 23.86 0.14
C PHE G 150 -41.01 23.93 0.83
N GLN G 151 -39.92 23.95 0.04
CA GLN G 151 -38.57 24.05 0.59
C GLN G 151 -38.32 25.40 1.29
N GLN G 152 -38.77 26.51 0.68
CA GLN G 152 -38.64 27.85 1.28
C GLN G 152 -39.56 27.97 2.51
N GLU G 153 -40.80 27.46 2.40
CA GLU G 153 -41.81 27.45 3.48
C GLU G 153 -41.30 26.62 4.67
N GLU G 154 -40.57 25.52 4.41
CA GLU G 154 -39.99 24.67 5.44
C GLU G 154 -39.09 25.48 6.37
N THR G 155 -38.21 26.33 5.80
CA THR G 155 -37.28 27.14 6.60
C THR G 155 -37.98 28.40 7.16
N ASP G 156 -38.86 29.07 6.36
CA ASP G 156 -39.58 30.29 6.78
C ASP G 156 -40.62 30.05 7.88
N LEU G 157 -41.34 28.93 7.79
CA LEU G 157 -42.41 28.57 8.72
C LEU G 157 -41.99 27.53 9.75
N LYS G 158 -40.78 26.97 9.60
CA LYS G 158 -40.21 25.93 10.46
C LYS G 158 -41.21 24.76 10.59
N LEU G 159 -41.52 24.15 9.43
CA LEU G 159 -42.45 23.03 9.32
C LEU G 159 -41.73 21.76 9.74
N ASP G 160 -42.37 20.93 10.57
CA ASP G 160 -41.79 19.63 10.97
C ASP G 160 -41.99 18.66 9.82
N SER G 161 -41.22 17.56 9.82
CA SER G 161 -41.25 16.52 8.78
C SER G 161 -42.64 15.90 8.55
N GLN G 162 -43.44 15.74 9.62
CA GLN G 162 -44.80 15.17 9.59
C GLN G 162 -45.73 16.08 8.78
N GLN G 163 -45.78 17.39 9.11
CA GLN G 163 -46.60 18.37 8.40
C GLN G 163 -46.14 18.49 6.95
N LEU G 164 -44.81 18.57 6.73
CA LEU G 164 -44.20 18.70 5.40
C LEU G 164 -44.57 17.55 4.46
N GLN G 165 -44.51 16.32 4.95
CA GLN G 165 -44.85 15.14 4.16
C GLN G 165 -46.31 15.08 3.80
N LEU G 166 -47.21 15.43 4.76
CA LEU G 166 -48.66 15.47 4.52
C LEU G 166 -49.00 16.54 3.47
N MET G 167 -48.33 17.70 3.55
CA MET G 167 -48.50 18.85 2.66
C MET G 167 -48.11 18.53 1.22
N ARG G 168 -46.96 17.86 1.05
CA ARG G 168 -46.42 17.44 -0.25
C ARG G 168 -47.34 16.44 -0.93
N ASN G 169 -47.85 15.46 -0.16
CA ASN G 169 -48.76 14.42 -0.67
C ASN G 169 -50.11 15.01 -1.05
N ALA G 170 -50.65 15.94 -0.22
CA ALA G 170 -51.93 16.59 -0.49
C ALA G 170 -51.86 17.45 -1.76
N LEU G 171 -50.75 18.21 -1.95
CA LEU G 171 -50.52 19.02 -3.16
C LEU G 171 -50.53 18.14 -4.42
N LYS G 172 -49.81 17.02 -4.37
CA LYS G 172 -49.71 16.01 -5.43
C LYS G 172 -51.12 15.51 -5.85
N ARG G 173 -51.95 15.18 -4.85
CA ARG G 173 -53.31 14.69 -5.07
C ARG G 173 -54.24 15.77 -5.64
N LEU G 174 -54.16 17.00 -5.10
CA LEU G 174 -54.99 18.13 -5.54
C LEU G 174 -54.76 18.59 -6.97
N ILE G 175 -53.52 18.53 -7.49
CA ILE G 175 -53.21 19.00 -8.86
C ILE G 175 -53.33 17.88 -9.92
N ASN G 176 -53.77 16.68 -9.50
CA ASN G 176 -53.97 15.54 -10.39
C ASN G 176 -55.48 15.28 -10.56
N PRO G 177 -56.10 15.70 -11.70
CA PRO G 177 -57.55 15.46 -11.87
C PRO G 177 -57.99 14.00 -11.82
N LYS G 178 -57.18 13.07 -12.37
CA LYS G 178 -57.48 11.63 -12.37
C LYS G 178 -57.61 11.09 -10.93
N GLU G 179 -56.70 11.53 -10.03
CA GLU G 179 -56.67 11.18 -8.60
C GLU G 179 -57.94 11.68 -7.89
N VAL G 180 -58.29 12.97 -8.09
CA VAL G 180 -59.48 13.61 -7.50
C VAL G 180 -60.79 12.94 -7.99
N GLU G 181 -60.85 12.60 -9.29
CA GLU G 181 -62.02 11.98 -9.91
C GLU G 181 -62.27 10.52 -9.47
N SER G 182 -61.23 9.85 -8.91
CA SER G 182 -61.33 8.46 -8.42
C SER G 182 -61.87 8.39 -6.97
N LEU G 183 -61.99 9.55 -6.29
CA LEU G 183 -62.45 9.68 -4.90
C LEU G 183 -63.96 9.44 -4.73
N PRO G 184 -64.42 8.98 -3.55
CA PRO G 184 -65.86 8.69 -3.36
C PRO G 184 -66.82 9.86 -3.52
N ASN G 185 -66.43 11.06 -3.02
CA ASN G 185 -67.29 12.23 -3.09
C ASN G 185 -66.89 13.16 -4.22
N GLN G 186 -67.79 13.30 -5.21
CA GLN G 186 -67.55 14.18 -6.35
C GLN G 186 -68.28 15.50 -6.16
N VAL G 187 -67.82 16.56 -6.83
CA VAL G 187 -68.40 17.90 -6.73
C VAL G 187 -69.90 17.89 -7.15
N PRO G 188 -70.85 18.17 -6.22
CA PRO G 188 -72.26 18.21 -6.59
C PRO G 188 -72.62 19.53 -7.29
N ALA G 189 -73.77 19.55 -8.01
CA ALA G 189 -74.29 20.70 -8.76
C ALA G 189 -74.48 21.96 -7.91
N ASN G 190 -74.82 21.80 -6.61
CA ASN G 190 -75.05 22.91 -5.69
C ASN G 190 -73.74 23.49 -5.06
N TYR G 191 -72.58 22.87 -5.31
CA TYR G 191 -71.30 23.40 -4.82
C TYR G 191 -70.73 24.26 -5.96
N GLN G 192 -70.83 25.59 -5.82
CA GLN G 192 -70.50 26.51 -6.93
C GLN G 192 -69.36 27.48 -6.68
N LEU G 193 -68.65 27.79 -7.79
CA LEU G 193 -67.50 28.68 -7.83
C LEU G 193 -67.86 30.12 -8.10
N SER G 194 -67.23 31.03 -7.35
CA SER G 194 -67.35 32.47 -7.52
C SER G 194 -65.99 33.11 -7.72
N ILE G 195 -65.91 34.09 -8.62
CA ILE G 195 -64.71 34.89 -8.85
C ILE G 195 -65.01 36.27 -8.27
N PHE G 196 -64.09 36.81 -7.51
CA PHE G 196 -64.18 38.14 -6.91
C PHE G 196 -63.20 39.05 -7.62
N GLN G 197 -63.75 39.97 -8.42
CA GLN G 197 -62.98 40.92 -9.21
C GLN G 197 -62.62 42.15 -8.40
N SER G 198 -61.32 42.42 -8.27
CA SER G 198 -60.80 43.58 -7.55
C SER G 198 -61.14 44.90 -8.27
N SER G 199 -61.65 45.91 -7.53
CA SER G 199 -61.93 47.24 -8.09
C SER G 199 -60.62 47.92 -8.47
N ASP G 200 -59.59 47.73 -7.63
CA ASP G 200 -58.24 48.24 -7.83
C ASP G 200 -57.46 47.18 -8.64
N LYS G 201 -57.08 47.51 -9.88
CA LYS G 201 -56.36 46.59 -10.78
C LYS G 201 -54.93 46.24 -10.33
N THR G 202 -54.44 46.86 -9.26
CA THR G 202 -53.08 46.65 -8.73
CA THR G 202 -53.09 46.59 -8.75
C THR G 202 -53.11 45.50 -7.70
N PHE G 203 -54.31 45.09 -7.29
CA PHE G 203 -54.51 44.01 -6.31
C PHE G 203 -55.02 42.75 -6.96
N GLN G 204 -54.69 41.61 -6.31
CA GLN G 204 -55.10 40.27 -6.77
C GLN G 204 -56.60 40.08 -6.77
N ASN G 205 -57.09 39.31 -7.74
CA ASN G 205 -58.49 38.90 -7.77
C ASN G 205 -58.59 37.69 -6.83
N LEU G 206 -59.80 37.37 -6.41
CA LEU G 206 -60.01 36.29 -5.47
C LEU G 206 -61.00 35.29 -6.01
N LEU G 207 -61.01 34.11 -5.39
CA LEU G 207 -61.95 33.06 -5.77
C LEU G 207 -62.43 32.36 -4.49
N SER G 208 -63.68 31.85 -4.53
CA SER G 208 -64.32 31.18 -3.39
C SER G 208 -65.42 30.24 -3.88
N ALA G 209 -65.69 29.19 -3.11
CA ALA G 209 -66.77 28.25 -3.46
C ALA G 209 -67.61 28.00 -2.24
N GLU G 210 -68.92 27.77 -2.46
CA GLU G 210 -69.88 27.52 -1.39
C GLU G 210 -71.01 26.63 -1.89
N TYR G 211 -71.76 26.05 -0.93
CA TYR G 211 -72.96 25.29 -1.23
C TYR G 211 -74.06 26.31 -1.40
N VAL G 212 -74.84 26.20 -2.49
CA VAL G 212 -75.94 27.09 -2.84
C VAL G 212 -77.25 26.43 -2.44
N SER H 6 -36.47 63.10 -5.46
CA SER H 6 -35.21 63.11 -4.70
C SER H 6 -34.86 61.69 -4.21
N VAL H 7 -33.55 61.40 -4.02
CA VAL H 7 -33.07 60.07 -3.59
C VAL H 7 -33.34 59.87 -2.08
N PRO H 8 -34.10 58.81 -1.68
CA PRO H 8 -34.38 58.59 -0.25
C PRO H 8 -33.12 58.32 0.58
N ASN H 9 -33.13 58.80 1.85
CA ASN H 9 -32.03 58.63 2.79
C ASN H 9 -32.58 58.02 4.08
N LYS H 10 -32.57 56.71 4.14
CA LYS H 10 -33.06 55.97 5.31
C LYS H 10 -31.94 55.04 5.83
N GLN H 11 -31.62 55.18 7.10
CA GLN H 11 -30.60 54.37 7.77
C GLN H 11 -31.22 53.11 8.38
N SER H 12 -30.63 51.94 8.11
CA SER H 12 -31.16 50.68 8.66
C SER H 12 -31.07 50.61 10.21
N SER H 13 -32.08 49.94 10.80
CA SER H 13 -32.20 49.64 12.22
C SER H 13 -31.87 48.16 12.40
N VAL H 14 -31.62 47.44 11.28
CA VAL H 14 -31.31 46.01 11.30
C VAL H 14 -29.81 45.73 11.05
N GLN H 15 -29.14 45.14 12.03
CA GLN H 15 -27.75 44.75 11.95
C GLN H 15 -27.61 43.70 10.84
N ASP H 16 -26.59 43.91 9.97
CA ASP H 16 -26.20 43.13 8.79
C ASP H 16 -27.11 43.34 7.58
N TYR H 17 -28.13 44.23 7.69
CA TYR H 17 -29.05 44.48 6.57
C TYR H 17 -29.08 46.00 6.36
N PRO H 18 -27.98 46.60 5.83
CA PRO H 18 -27.94 48.08 5.71
C PRO H 18 -28.61 48.71 4.48
N TRP H 19 -28.90 47.91 3.45
CA TRP H 19 -29.49 48.39 2.20
C TRP H 19 -30.98 48.63 2.32
N TYR H 20 -31.42 49.80 1.84
CA TYR H 20 -32.83 50.16 1.81
C TYR H 20 -33.36 49.76 0.42
N GLY H 21 -34.38 48.90 0.38
CA GLY H 21 -34.99 48.37 -0.85
C GLY H 21 -36.43 48.84 -0.90
N TYR H 22 -36.82 49.47 -1.99
CA TYR H 22 -38.15 50.10 -2.09
C TYR H 22 -38.64 50.21 -3.52
N ASP H 23 -39.92 50.53 -3.66
CA ASP H 23 -40.52 50.76 -4.96
C ASP H 23 -40.62 52.28 -5.15
N SER H 24 -39.80 52.83 -6.09
CA SER H 24 -39.79 54.26 -6.35
C SER H 24 -40.98 54.71 -7.21
N TYR H 25 -41.79 53.76 -7.78
CA TYR H 25 -42.99 54.13 -8.51
C TYR H 25 -44.03 54.43 -7.42
N SER H 26 -44.01 55.70 -6.96
CA SER H 26 -44.76 56.21 -5.82
CA SER H 26 -44.85 56.20 -5.87
C SER H 26 -45.08 57.69 -6.04
N LYS H 27 -45.90 58.32 -5.15
CA LYS H 27 -46.22 59.76 -5.23
C LYS H 27 -44.93 60.57 -5.39
N GLY H 28 -44.92 61.43 -6.42
CA GLY H 28 -43.76 62.24 -6.74
C GLY H 28 -43.02 61.77 -7.99
N TYR H 29 -43.14 60.47 -8.34
CA TYR H 29 -42.54 59.92 -9.55
C TYR H 29 -43.26 60.51 -10.77
N PRO H 30 -42.54 60.89 -11.86
CA PRO H 30 -43.25 61.49 -13.02
C PRO H 30 -44.32 60.60 -13.65
N ASP H 31 -45.53 61.14 -13.79
CA ASP H 31 -46.74 60.51 -14.36
C ASP H 31 -47.27 59.35 -13.49
N TYR H 32 -46.89 59.33 -12.19
CA TYR H 32 -47.35 58.33 -11.25
C TYR H 32 -48.88 58.22 -11.16
N SER H 33 -49.39 56.97 -11.20
CA SER H 33 -50.79 56.66 -10.97
C SER H 33 -50.85 55.48 -10.00
N PRO H 34 -51.61 55.57 -8.90
CA PRO H 34 -51.68 54.42 -7.97
C PRO H 34 -52.51 53.23 -8.51
N LEU H 35 -53.13 53.41 -9.69
CA LEU H 35 -53.94 52.37 -10.34
C LEU H 35 -53.17 51.62 -11.44
N LYS H 36 -51.90 52.01 -11.68
CA LYS H 36 -51.05 51.37 -12.68
C LYS H 36 -50.14 50.35 -12.04
N THR H 37 -50.02 49.19 -12.70
CA THR H 37 -49.21 48.05 -12.22
C THR H 37 -47.71 48.20 -12.53
N TYR H 38 -47.20 49.42 -12.61
CA TYR H 38 -45.77 49.63 -12.84
C TYR H 38 -45.04 49.52 -11.52
N HIS H 39 -43.74 49.23 -11.60
CA HIS H 39 -42.81 49.21 -10.48
C HIS H 39 -41.50 49.80 -10.94
N ASN H 40 -40.75 50.35 -10.01
CA ASN H 40 -39.40 50.84 -10.28
C ASN H 40 -38.63 50.62 -9.01
N LEU H 41 -38.20 49.38 -8.81
CA LEU H 41 -37.50 48.96 -7.62
C LEU H 41 -36.08 49.43 -7.58
N LYS H 42 -35.68 49.91 -6.40
CA LYS H 42 -34.33 50.43 -6.19
C LYS H 42 -33.78 49.94 -4.88
N VAL H 43 -32.47 49.94 -4.78
CA VAL H 43 -31.69 49.70 -3.57
C VAL H 43 -30.68 50.85 -3.45
N ASN H 44 -30.48 51.36 -2.23
CA ASN H 44 -29.47 52.37 -1.94
C ASN H 44 -29.01 52.25 -0.51
N LEU H 45 -27.86 52.85 -0.21
CA LEU H 45 -27.21 52.85 1.10
C LEU H 45 -27.17 54.28 1.63
N ASP H 46 -27.94 54.59 2.67
CA ASP H 46 -27.95 55.89 3.35
C ASP H 46 -27.95 57.11 2.40
N GLY H 47 -28.91 57.14 1.49
CA GLY H 47 -29.04 58.24 0.54
C GLY H 47 -28.02 58.28 -0.58
N SER H 48 -27.21 57.21 -0.76
CA SER H 48 -26.20 57.12 -1.83
C SER H 48 -26.91 56.86 -3.18
N LYS H 49 -26.10 56.64 -4.24
CA LYS H 49 -26.54 56.29 -5.59
C LYS H 49 -27.56 55.14 -5.55
N GLU H 50 -28.70 55.30 -6.26
CA GLU H 50 -29.72 54.26 -6.35
C GLU H 50 -29.29 53.26 -7.42
N TYR H 51 -29.46 51.99 -7.15
CA TYR H 51 -29.15 50.93 -8.10
C TYR H 51 -30.49 50.34 -8.55
N GLN H 52 -30.66 50.13 -9.86
CA GLN H 52 -31.89 49.54 -10.39
C GLN H 52 -31.94 48.09 -9.89
N ALA H 53 -33.06 47.74 -9.26
CA ALA H 53 -33.27 46.40 -8.72
C ALA H 53 -34.45 45.74 -9.37
N TYR H 54 -34.49 44.40 -9.31
CA TYR H 54 -35.57 43.57 -9.80
C TYR H 54 -35.87 42.54 -8.72
N CYS H 55 -37.14 42.20 -8.55
CA CYS H 55 -37.54 41.28 -7.51
C CYS H 55 -37.65 39.85 -7.98
N PHE H 56 -37.70 38.94 -7.02
CA PHE H 56 -37.97 37.53 -7.21
C PHE H 56 -38.75 37.02 -6.01
N ASN H 57 -39.34 35.82 -6.10
CA ASN H 57 -40.24 35.20 -5.10
C ASN H 57 -41.63 35.78 -5.35
N LEU H 58 -42.31 35.27 -6.38
CA LEU H 58 -43.67 35.74 -6.75
C LEU H 58 -44.74 35.61 -5.67
N THR H 59 -44.55 34.68 -4.73
CA THR H 59 -45.50 34.46 -3.66
C THR H 59 -45.25 35.35 -2.45
N LYS H 60 -44.22 36.22 -2.46
CA LYS H 60 -43.92 37.13 -1.35
C LYS H 60 -44.38 38.55 -1.65
N HIS H 61 -44.29 39.46 -0.67
CA HIS H 61 -44.76 40.85 -0.85
C HIS H 61 -43.79 41.69 -1.64
N PHE H 62 -44.34 42.56 -2.50
CA PHE H 62 -43.52 43.56 -3.19
C PHE H 62 -42.92 44.49 -2.13
N PRO H 63 -41.68 45.04 -2.34
CA PRO H 63 -41.16 46.04 -1.40
C PRO H 63 -42.13 47.24 -1.36
N SER H 64 -42.27 47.87 -0.19
CA SER H 64 -43.15 49.03 0.02
C SER H 64 -42.69 50.21 -0.83
N LYS H 65 -43.65 51.08 -1.16
CA LYS H 65 -43.40 52.34 -1.89
C LYS H 65 -42.55 53.25 -1.02
N SER H 66 -41.73 54.12 -1.66
CA SER H 66 -40.81 55.01 -0.94
C SER H 66 -41.48 55.95 0.07
N ASP H 67 -42.76 56.28 -0.12
CA ASP H 67 -43.46 57.20 0.81
C ASP H 67 -44.21 56.45 1.95
N SER H 68 -43.98 55.14 2.09
CA SER H 68 -44.57 54.34 3.15
C SER H 68 -43.80 54.59 4.46
N VAL H 69 -44.46 54.42 5.61
CA VAL H 69 -43.82 54.52 6.93
C VAL H 69 -43.00 53.24 7.17
N ARG H 70 -43.30 52.17 6.43
CA ARG H 70 -42.63 50.87 6.51
C ARG H 70 -41.50 50.83 5.50
N SER H 71 -40.34 50.34 5.93
CA SER H 71 -39.15 50.21 5.10
C SER H 71 -38.67 48.79 5.16
N GLN H 72 -38.16 48.29 4.03
CA GLN H 72 -37.59 46.95 4.00
C GLN H 72 -36.10 47.03 3.91
N TRP H 73 -35.42 46.23 4.72
CA TRP H 73 -33.95 46.23 4.82
C TRP H 73 -33.36 44.96 4.20
N TYR H 74 -32.23 45.13 3.51
CA TYR H 74 -31.59 44.08 2.73
C TYR H 74 -30.11 43.93 3.01
N LYS H 75 -29.63 42.69 2.86
CA LYS H 75 -28.22 42.30 3.01
C LYS H 75 -27.73 41.98 1.61
N LYS H 76 -26.65 42.61 1.21
CA LYS H 76 -26.04 42.40 -0.12
C LYS H 76 -25.17 41.11 -0.08
N LEU H 77 -25.50 40.14 -0.94
CA LEU H 77 -24.77 38.87 -1.09
C LEU H 77 -24.23 38.75 -2.49
N GLU H 78 -23.22 37.88 -2.66
CA GLU H 78 -22.64 37.55 -3.97
C GLU H 78 -23.75 36.87 -4.77
N GLY H 79 -23.92 37.28 -6.02
CA GLY H 79 -24.95 36.73 -6.90
C GLY H 79 -24.59 35.38 -7.49
N THR H 80 -24.28 34.39 -6.63
CA THR H 80 -23.91 33.04 -7.06
C THR H 80 -25.13 32.15 -7.23
N ASN H 81 -24.98 31.03 -7.98
CA ASN H 81 -26.05 30.04 -8.17
C ASN H 81 -26.47 29.47 -6.81
N GLU H 82 -25.50 29.27 -5.91
CA GLU H 82 -25.71 28.74 -4.57
C GLU H 82 -26.66 29.67 -3.78
N ASN H 83 -26.42 30.98 -3.80
CA ASN H 83 -27.27 31.96 -3.10
C ASN H 83 -28.68 32.06 -3.71
N PHE H 84 -28.83 31.82 -5.04
CA PHE H 84 -30.14 31.78 -5.69
C PHE H 84 -30.91 30.59 -5.26
N ILE H 85 -30.27 29.41 -5.24
CA ILE H 85 -30.93 28.18 -4.82
C ILE H 85 -31.38 28.31 -3.36
N LYS H 86 -30.59 28.96 -2.50
CA LYS H 86 -30.92 29.20 -1.10
C LYS H 86 -32.12 30.16 -0.90
N LEU H 87 -32.25 31.18 -1.76
CA LEU H 87 -33.30 32.20 -1.59
C LEU H 87 -34.50 32.15 -2.57
N ALA H 88 -34.35 31.52 -3.76
CA ALA H 88 -35.41 31.43 -4.76
C ALA H 88 -36.29 30.24 -4.52
N ASP H 89 -37.59 30.40 -4.72
CA ASP H 89 -38.62 29.38 -4.55
C ASP H 89 -38.55 28.34 -5.68
N LYS H 90 -38.70 28.79 -6.94
CA LYS H 90 -38.70 27.89 -8.12
C LYS H 90 -37.73 28.38 -9.21
N PRO H 91 -36.40 28.39 -9.00
CA PRO H 91 -35.51 28.86 -10.08
C PRO H 91 -35.47 27.93 -11.28
N ARG H 92 -35.37 28.49 -12.48
CA ARG H 92 -35.28 27.73 -13.74
C ARG H 92 -33.79 27.36 -13.93
N ILE H 93 -33.39 26.25 -13.29
CA ILE H 93 -32.02 25.73 -13.25
C ILE H 93 -31.78 24.60 -14.28
N GLU H 94 -32.80 24.30 -15.12
CA GLU H 94 -32.78 23.29 -16.19
C GLU H 94 -31.82 23.74 -17.30
N ASP H 95 -31.65 25.07 -17.46
CA ASP H 95 -30.72 25.65 -18.45
C ASP H 95 -29.29 25.47 -17.94
N GLY H 96 -29.12 25.48 -16.63
CA GLY H 96 -27.84 25.36 -15.94
C GLY H 96 -27.32 26.71 -15.46
N GLN H 97 -26.97 27.57 -16.42
CA GLN H 97 -26.40 28.89 -16.16
C GLN H 97 -27.44 29.95 -15.61
N LEU H 98 -28.05 29.70 -14.43
CA LEU H 98 -29.02 30.64 -13.84
C LEU H 98 -28.42 32.06 -13.59
N GLN H 99 -27.30 32.17 -12.82
CA GLN H 99 -26.57 33.41 -12.54
C GLN H 99 -26.19 34.14 -13.85
N GLN H 100 -25.71 33.38 -14.86
CA GLN H 100 -25.32 33.93 -16.17
C GLN H 100 -26.51 34.44 -16.96
N ASN H 101 -27.65 33.73 -16.89
CA ASN H 101 -28.89 34.13 -17.56
C ASN H 101 -29.44 35.44 -17.00
N ILE H 102 -29.45 35.61 -15.65
CA ILE H 102 -29.90 36.82 -14.96
C ILE H 102 -28.96 37.99 -15.33
N LEU H 103 -27.65 37.73 -15.27
CA LEU H 103 -26.66 38.73 -15.60
C LEU H 103 -26.83 39.20 -17.04
N ARG H 104 -27.12 38.27 -17.96
CA ARG H 104 -27.35 38.57 -19.38
C ARG H 104 -28.55 39.48 -19.56
N ILE H 105 -29.63 39.27 -18.75
CA ILE H 105 -30.85 40.07 -18.81
C ILE H 105 -30.61 41.46 -18.25
N LEU H 106 -29.91 41.56 -17.12
CA LEU H 106 -29.58 42.84 -16.52
C LEU H 106 -28.68 43.69 -17.41
N TYR H 107 -27.69 43.05 -18.04
CA TYR H 107 -26.74 43.71 -18.92
C TYR H 107 -27.41 44.28 -20.18
N ASN H 108 -28.44 43.57 -20.69
CA ASN H 108 -29.20 43.92 -21.89
C ASN H 108 -30.55 44.66 -21.67
N GLY H 109 -31.06 44.66 -20.45
CA GLY H 109 -32.34 45.27 -20.13
C GLY H 109 -32.23 46.69 -19.62
N TYR H 110 -33.26 47.17 -18.88
CA TYR H 110 -33.27 48.54 -18.37
C TYR H 110 -32.42 48.70 -17.10
N PRO H 111 -31.55 49.73 -17.02
CA PRO H 111 -31.25 50.77 -18.02
C PRO H 111 -29.99 50.50 -18.88
N ASN H 112 -29.16 49.47 -18.54
CA ASN H 112 -27.89 49.19 -19.20
C ASN H 112 -28.02 49.08 -20.72
N ASP H 113 -28.97 48.25 -21.21
CA ASP H 113 -29.34 48.11 -22.62
C ASP H 113 -28.12 48.11 -23.58
N ARG H 114 -27.10 47.31 -23.26
CA ARG H 114 -25.81 47.28 -23.96
C ARG H 114 -25.84 46.86 -25.42
N ASN H 115 -26.92 46.23 -25.88
CA ASN H 115 -27.03 45.86 -27.28
C ASN H 115 -28.26 46.45 -27.95
N GLY H 116 -28.87 47.45 -27.30
CA GLY H 116 -30.03 48.18 -27.82
C GLY H 116 -31.33 47.40 -27.94
N ILE H 117 -31.47 46.30 -27.19
CA ILE H 117 -32.68 45.47 -27.18
C ILE H 117 -33.90 46.29 -26.70
N MET H 118 -33.70 47.22 -25.76
CA MET H 118 -34.74 48.06 -25.16
C MET H 118 -35.04 49.36 -25.92
N LYS H 119 -34.35 49.61 -27.05
CA LYS H 119 -34.52 50.82 -27.84
C LYS H 119 -35.98 51.09 -28.24
N GLY H 120 -36.43 52.32 -28.01
CA GLY H 120 -37.78 52.78 -28.31
C GLY H 120 -38.82 52.49 -27.25
N ILE H 121 -38.47 51.69 -26.23
CA ILE H 121 -39.39 51.32 -25.14
C ILE H 121 -39.30 52.37 -24.01
N ASP H 122 -40.48 52.89 -23.57
CA ASP H 122 -40.59 53.87 -22.48
C ASP H 122 -40.02 53.27 -21.19
N PRO H 123 -39.32 54.08 -20.34
CA PRO H 123 -38.67 53.53 -19.14
C PRO H 123 -39.44 52.52 -18.28
N LEU H 124 -40.69 52.83 -17.88
CA LEU H 124 -41.50 51.93 -17.04
C LEU H 124 -41.89 50.66 -17.76
N ASN H 125 -42.09 50.73 -19.10
CA ASN H 125 -42.38 49.57 -19.92
C ASN H 125 -41.13 48.70 -20.07
N ALA H 126 -39.93 49.34 -20.15
CA ALA H 126 -38.65 48.66 -20.28
C ALA H 126 -38.33 47.89 -18.98
N ILE H 127 -38.64 48.50 -17.81
CA ILE H 127 -38.48 47.86 -16.50
C ILE H 127 -39.42 46.65 -16.45
N LEU H 128 -40.66 46.82 -16.90
CA LEU H 128 -41.65 45.76 -16.92
C LEU H 128 -41.19 44.55 -17.75
N VAL H 129 -40.61 44.80 -18.95
CA VAL H 129 -40.08 43.73 -19.83
C VAL H 129 -38.94 43.02 -19.11
N THR H 130 -37.98 43.78 -18.60
CA THR H 130 -36.80 43.24 -17.89
C THR H 130 -37.25 42.37 -16.71
N GLN H 131 -38.18 42.90 -15.88
CA GLN H 131 -38.72 42.19 -14.71
C GLN H 131 -39.38 40.86 -15.11
N ASN H 132 -40.15 40.85 -16.20
CA ASN H 132 -40.78 39.63 -16.69
C ASN H 132 -39.75 38.62 -17.18
N ALA H 133 -38.67 39.09 -17.84
CA ALA H 133 -37.58 38.22 -18.28
C ALA H 133 -36.86 37.64 -17.03
N ILE H 134 -36.68 38.46 -15.98
CA ILE H 134 -36.09 38.02 -14.69
C ILE H 134 -36.96 36.93 -14.06
N TRP H 135 -38.29 37.17 -13.95
CA TRP H 135 -39.24 36.22 -13.35
C TRP H 135 -39.28 34.89 -14.06
N TYR H 136 -39.08 34.90 -15.40
CA TYR H 136 -39.00 33.70 -16.21
C TYR H 136 -37.91 32.77 -15.65
N TYR H 137 -36.76 33.34 -15.22
CA TYR H 137 -35.68 32.54 -14.66
C TYR H 137 -35.74 32.36 -13.15
N THR H 138 -36.04 33.41 -12.39
CA THR H 138 -36.04 33.33 -10.92
C THR H 138 -37.18 32.54 -10.33
N ASP H 139 -38.33 32.53 -11.02
CA ASP H 139 -39.57 31.94 -10.52
C ASP H 139 -40.22 30.99 -11.49
N SER H 140 -39.52 30.65 -12.58
CA SER H 140 -40.03 29.76 -13.63
C SER H 140 -41.42 30.20 -14.10
N SER H 141 -41.64 31.52 -14.25
CA SER H 141 -42.93 32.02 -14.71
C SER H 141 -43.17 31.59 -16.16
N TYR H 142 -44.42 31.17 -16.42
CA TYR H 142 -44.86 30.65 -17.71
C TYR H 142 -44.84 31.67 -18.84
N ILE H 143 -44.01 31.42 -19.86
CA ILE H 143 -43.92 32.21 -21.09
C ILE H 143 -43.80 31.20 -22.21
N SER H 144 -44.90 30.96 -22.93
CA SER H 144 -44.92 30.00 -24.05
C SER H 144 -44.68 30.73 -25.36
N ASP H 145 -45.49 31.78 -25.64
CA ASP H 145 -45.39 32.58 -26.86
C ASP H 145 -45.38 34.06 -26.51
N THR H 146 -44.24 34.73 -26.76
CA THR H 146 -44.04 36.18 -26.51
C THR H 146 -44.95 37.07 -27.35
N SER H 147 -45.47 36.55 -28.49
CA SER H 147 -46.42 37.23 -29.37
C SER H 147 -47.74 37.52 -28.63
N LYS H 148 -48.04 36.72 -27.59
CA LYS H 148 -49.24 36.78 -26.77
C LYS H 148 -48.98 37.42 -25.39
N ALA H 149 -47.70 37.76 -25.08
CA ALA H 149 -47.31 38.36 -23.80
C ALA H 149 -47.90 39.74 -23.55
N PHE H 150 -48.01 40.13 -22.27
CA PHE H 150 -48.49 41.43 -21.77
C PHE H 150 -49.94 41.75 -22.13
N GLN H 151 -50.80 40.70 -22.25
CA GLN H 151 -52.21 40.89 -22.54
C GLN H 151 -52.94 41.62 -21.39
N GLN H 152 -52.63 41.26 -20.12
CA GLN H 152 -53.20 41.90 -18.93
C GLN H 152 -52.70 43.34 -18.82
N GLU H 153 -51.39 43.55 -19.02
CA GLU H 153 -50.75 44.88 -18.97
C GLU H 153 -51.27 45.78 -20.08
N GLU H 154 -51.60 45.21 -21.25
CA GLU H 154 -52.18 45.97 -22.38
C GLU H 154 -53.47 46.66 -21.94
N THR H 155 -54.36 45.94 -21.23
CA THR H 155 -55.64 46.50 -20.76
C THR H 155 -55.44 47.33 -19.48
N ASP H 156 -54.62 46.85 -18.52
CA ASP H 156 -54.37 47.55 -17.24
C ASP H 156 -53.62 48.88 -17.40
N LEU H 157 -52.60 48.93 -18.29
CA LEU H 157 -51.75 50.11 -18.52
C LEU H 157 -52.12 50.87 -19.79
N LYS H 158 -53.06 50.33 -20.59
CA LYS H 158 -53.53 50.88 -21.87
C LYS H 158 -52.31 51.19 -22.79
N LEU H 159 -51.55 50.12 -23.11
CA LEU H 159 -50.35 50.21 -23.94
C LEU H 159 -50.76 50.30 -25.40
N ASP H 160 -50.13 51.21 -26.17
CA ASP H 160 -50.40 51.34 -27.61
C ASP H 160 -49.69 50.20 -28.35
N SER H 161 -50.12 49.92 -29.58
CA SER H 161 -49.59 48.86 -30.45
C SER H 161 -48.06 48.92 -30.66
N GLN H 162 -47.50 50.15 -30.78
CA GLN H 162 -46.08 50.42 -31.00
C GLN H 162 -45.27 49.93 -29.78
N GLN H 163 -45.66 50.37 -28.57
CA GLN H 163 -45.00 49.97 -27.32
C GLN H 163 -45.14 48.48 -27.09
N LEU H 164 -46.36 47.94 -27.25
CA LEU H 164 -46.65 46.51 -27.06
C LEU H 164 -45.81 45.61 -27.97
N GLN H 165 -45.67 45.96 -29.26
CA GLN H 165 -44.87 45.18 -30.21
C GLN H 165 -43.38 45.19 -29.87
N LEU H 166 -42.83 46.36 -29.48
CA LEU H 166 -41.44 46.51 -29.06
C LEU H 166 -41.16 45.70 -27.80
N MET H 167 -42.12 45.72 -26.85
CA MET H 167 -42.05 45.00 -25.58
C MET H 167 -42.01 43.49 -25.78
N ARG H 168 -42.89 42.96 -26.65
CA ARG H 168 -42.99 41.55 -26.96
C ARG H 168 -41.71 41.02 -27.62
N ASN H 169 -41.14 41.80 -28.58
CA ASN H 169 -39.91 41.46 -29.28
C ASN H 169 -38.70 41.49 -28.34
N ALA H 170 -38.63 42.50 -27.43
CA ALA H 170 -37.55 42.61 -26.46
C ALA H 170 -37.60 41.43 -25.47
N LEU H 171 -38.79 41.05 -24.99
CA LEU H 171 -38.96 39.92 -24.06
C LEU H 171 -38.45 38.63 -24.70
N LYS H 172 -38.83 38.40 -25.97
CA LYS H 172 -38.42 37.25 -26.79
C LYS H 172 -36.88 37.15 -26.84
N ARG H 173 -36.23 38.28 -27.10
CA ARG H 173 -34.77 38.34 -27.20
C ARG H 173 -34.06 38.14 -25.87
N LEU H 174 -34.62 38.71 -24.77
CA LEU H 174 -34.05 38.59 -23.42
C LEU H 174 -34.09 37.18 -22.83
N ILE H 175 -35.14 36.40 -23.13
CA ILE H 175 -35.31 35.05 -22.54
C ILE H 175 -34.69 33.95 -23.42
N ASN H 176 -34.08 34.32 -24.55
CA ASN H 176 -33.42 33.38 -25.41
C ASN H 176 -31.90 33.60 -25.38
N PRO H 177 -31.17 32.66 -24.76
CA PRO H 177 -29.71 32.80 -24.66
C PRO H 177 -28.94 32.87 -26.00
N LYS H 178 -29.35 32.10 -27.05
CA LYS H 178 -28.66 32.11 -28.35
C LYS H 178 -28.79 33.45 -29.10
N GLU H 179 -29.91 34.17 -28.88
N GLU H 179 -29.91 34.17 -28.88
CA GLU H 179 -30.18 35.47 -29.49
CA GLU H 179 -30.19 35.48 -29.47
C GLU H 179 -29.21 36.52 -28.90
C GLU H 179 -29.25 36.54 -28.89
N VAL H 180 -28.98 36.49 -27.58
CA VAL H 180 -28.08 37.43 -26.91
C VAL H 180 -26.62 37.04 -27.15
N GLU H 181 -26.29 35.73 -27.12
CA GLU H 181 -24.92 35.27 -27.37
C GLU H 181 -24.38 35.66 -28.77
N SER H 182 -25.30 35.96 -29.72
CA SER H 182 -24.95 36.39 -31.08
C SER H 182 -24.69 37.91 -31.17
N LEU H 183 -25.03 38.67 -30.11
CA LEU H 183 -24.89 40.12 -30.03
C LEU H 183 -23.42 40.60 -29.89
N PRO H 184 -23.09 41.81 -30.38
CA PRO H 184 -21.68 42.27 -30.29
C PRO H 184 -21.09 42.43 -28.88
N ASN H 185 -21.90 42.92 -27.92
CA ASN H 185 -21.42 43.14 -26.55
C ASN H 185 -21.83 42.03 -25.60
N GLN H 186 -20.86 41.27 -25.10
CA GLN H 186 -21.13 40.17 -24.18
C GLN H 186 -20.85 40.60 -22.74
N VAL H 187 -21.48 39.93 -21.75
CA VAL H 187 -21.29 40.26 -20.32
C VAL H 187 -19.82 40.09 -19.91
N PRO H 188 -19.13 41.19 -19.50
CA PRO H 188 -17.74 41.06 -19.08
C PRO H 188 -17.63 40.56 -17.64
N ALA H 189 -16.46 40.03 -17.26
CA ALA H 189 -16.18 39.52 -15.91
C ALA H 189 -16.35 40.55 -14.80
N ASN H 190 -16.17 41.86 -15.09
CA ASN H 190 -16.34 42.94 -14.11
C ASN H 190 -17.79 43.42 -13.95
N TYR H 191 -18.74 42.91 -14.76
CA TYR H 191 -20.16 43.22 -14.59
C TYR H 191 -20.72 42.09 -13.72
N GLN H 192 -20.94 42.39 -12.42
CA GLN H 192 -21.27 41.36 -11.45
C GLN H 192 -22.64 41.51 -10.81
N LEU H 193 -23.20 40.33 -10.50
CA LEU H 193 -24.52 40.20 -9.92
C LEU H 193 -24.49 40.22 -8.41
N SER H 194 -25.46 40.93 -7.83
CA SER H 194 -25.68 40.99 -6.39
C SER H 194 -27.09 40.56 -6.07
N ILE H 195 -27.23 39.75 -5.00
CA ILE H 195 -28.53 39.34 -4.49
C ILE H 195 -28.74 40.11 -3.20
N PHE H 196 -29.90 40.74 -3.06
CA PHE H 196 -30.29 41.47 -1.87
C PHE H 196 -31.30 40.65 -1.08
N GLN H 197 -30.85 40.11 0.05
CA GLN H 197 -31.66 39.26 0.91
C GLN H 197 -32.50 40.12 1.86
N SER H 198 -33.81 39.95 1.81
CA SER H 198 -34.74 40.67 2.67
C SER H 198 -34.62 40.20 4.12
N SER H 199 -34.55 41.17 5.06
CA SER H 199 -34.50 40.88 6.49
C SER H 199 -35.82 40.20 6.92
N ASP H 200 -36.92 40.74 6.43
CA ASP H 200 -38.29 40.28 6.65
C ASP H 200 -38.58 39.20 5.58
N LYS H 201 -38.77 37.95 6.00
CA LYS H 201 -38.99 36.81 5.06
C LYS H 201 -40.32 36.85 4.32
N THR H 202 -41.19 37.78 4.69
CA THR H 202 -42.51 38.02 4.12
C THR H 202 -42.39 38.84 2.79
N PHE H 203 -41.27 39.54 2.63
CA PHE H 203 -40.98 40.38 1.47
C PHE H 203 -40.04 39.71 0.47
N GLN H 204 -40.21 40.08 -0.82
CA GLN H 204 -39.38 39.58 -1.93
C GLN H 204 -37.91 39.94 -1.77
N ASN H 205 -37.05 39.03 -2.24
CA ASN H 205 -35.63 39.30 -2.31
C ASN H 205 -35.41 40.11 -3.61
N LEU H 206 -34.28 40.80 -3.69
CA LEU H 206 -34.00 41.64 -4.83
C LEU H 206 -32.70 41.27 -5.49
N LEU H 207 -32.52 41.73 -6.73
CA LEU H 207 -31.28 41.46 -7.45
C LEU H 207 -30.90 42.68 -8.29
N SER H 208 -29.60 42.92 -8.44
CA SER H 208 -29.05 44.06 -9.15
C SER H 208 -27.66 43.72 -9.68
N ALA H 209 -27.18 44.46 -10.65
CA ALA H 209 -25.84 44.23 -11.18
C ALA H 209 -25.14 45.55 -11.34
N GLU H 210 -23.80 45.52 -11.24
CA GLU H 210 -22.96 46.70 -11.38
C GLU H 210 -21.59 46.35 -11.93
N TYR H 211 -20.87 47.36 -12.45
CA TYR H 211 -19.50 47.21 -12.91
C TYR H 211 -18.62 47.34 -11.67
N VAL H 212 -17.72 46.39 -11.46
CA VAL H 212 -16.80 46.34 -10.32
C VAL H 212 -15.39 46.84 -10.76
N PRO H 213 -14.80 47.85 -10.06
CA PRO H 213 -13.47 48.34 -10.45
C PRO H 213 -12.34 47.49 -9.90
N SER I 6 3.81 25.46 38.61
CA SER I 6 2.56 26.17 38.32
C SER I 6 2.42 26.54 36.84
N VAL I 7 1.18 26.48 36.33
CA VAL I 7 0.84 26.78 34.94
C VAL I 7 0.82 28.32 34.71
N PRO I 8 1.65 28.83 33.74
CA PRO I 8 1.65 30.28 33.50
C PRO I 8 0.31 30.84 33.00
N ASN I 9 -0.01 32.08 33.38
CA ASN I 9 -1.23 32.77 32.97
C ASN I 9 -0.84 34.13 32.40
N LYS I 10 -0.60 34.16 31.08
CA LYS I 10 -0.20 35.38 30.38
C LYS I 10 -1.19 35.71 29.28
N GLN I 11 -1.76 36.91 29.34
CA GLN I 11 -2.73 37.42 28.36
C GLN I 11 -1.99 38.10 27.19
N SER I 12 -2.37 37.78 25.96
CA SER I 12 -1.73 38.35 24.76
C SER I 12 -2.03 39.84 24.59
N SER I 13 -1.04 40.56 24.03
CA SER I 13 -1.10 41.97 23.68
C SER I 13 -1.22 42.07 22.15
N VAL I 14 -1.21 40.92 21.45
CA VAL I 14 -1.31 40.86 20.00
C VAL I 14 -2.68 40.35 19.51
N GLN I 15 -3.39 41.20 18.73
CA GLN I 15 -4.65 40.86 18.09
C GLN I 15 -4.47 39.64 17.15
N ASP I 16 -5.37 38.63 17.29
CA ASP I 16 -5.40 37.35 16.54
C ASP I 16 -4.32 36.34 16.97
N TYR I 17 -3.48 36.66 17.95
CA TYR I 17 -2.44 35.76 18.44
C TYR I 17 -2.63 35.58 19.97
N PRO I 18 -3.67 34.84 20.43
CA PRO I 18 -3.91 34.76 21.88
C PRO I 18 -3.13 33.68 22.67
N TRP I 19 -2.54 32.70 21.96
CA TRP I 19 -1.81 31.61 22.59
C TRP I 19 -0.43 32.00 23.04
N TYR I 20 -0.07 31.59 24.26
CA TYR I 20 1.23 31.83 24.85
C TYR I 20 2.08 30.56 24.59
N GLY I 21 3.19 30.71 23.87
CA GLY I 21 4.10 29.63 23.54
C GLY I 21 5.42 29.88 24.23
N TYR I 22 5.93 28.89 24.95
CA TYR I 22 7.15 29.05 25.76
C TYR I 22 7.88 27.76 25.98
N ASP I 23 9.11 27.88 26.46
CA ASP I 23 9.88 26.73 26.85
C ASP I 23 9.71 26.60 28.42
N SER I 24 9.12 25.50 28.89
CA SER I 24 8.92 25.24 30.31
C SER I 24 10.18 24.63 30.98
N TYR I 25 11.23 24.25 30.18
CA TYR I 25 12.47 23.76 30.74
C TYR I 25 13.22 25.05 31.13
N SER I 26 12.93 25.51 32.34
CA SER I 26 13.33 26.79 32.90
C SER I 26 13.40 26.66 34.45
N LYS I 27 13.89 27.69 35.17
CA LYS I 27 13.97 27.68 36.65
C LYS I 27 12.63 27.24 37.26
N GLY I 28 12.68 26.25 38.13
CA GLY I 28 11.48 25.70 38.74
C GLY I 28 11.15 24.30 38.23
N TYR I 29 11.63 23.96 37.02
CA TYR I 29 11.43 22.64 36.43
C TYR I 29 12.31 21.63 37.18
N PRO I 30 11.81 20.41 37.50
CA PRO I 30 12.65 19.44 38.23
C PRO I 30 13.96 19.07 37.52
N ASP I 31 15.09 19.21 38.25
CA ASP I 31 16.47 18.94 37.79
C ASP I 31 16.95 19.92 36.71
N TYR I 32 16.30 21.10 36.61
CA TYR I 32 16.66 22.10 35.62
C TYR I 32 18.11 22.56 35.73
N SER I 33 18.80 22.60 34.58
CA SER I 33 20.15 23.13 34.47
C SER I 33 20.18 24.07 33.24
N PRO I 34 20.66 25.32 33.40
CA PRO I 34 20.72 26.23 32.24
C PRO I 34 21.82 25.86 31.22
N LEU I 35 22.65 24.85 31.54
CA LEU I 35 23.74 24.39 30.69
C LEU I 35 23.34 23.16 29.85
N LYS I 36 22.13 22.62 30.07
CA LYS I 36 21.63 21.45 29.35
C LYS I 36 20.76 21.88 28.18
N THR I 37 20.97 21.23 27.03
CA THR I 37 20.26 21.52 25.78
C THR I 37 18.84 20.89 25.72
N TYR I 38 18.18 20.71 26.88
CA TYR I 38 16.83 20.16 26.87
C TYR I 38 15.83 21.30 26.59
N HIS I 39 14.62 20.91 26.14
CA HIS I 39 13.49 21.79 25.91
C HIS I 39 12.25 21.06 26.31
N ASN I 40 11.23 21.82 26.71
CA ASN I 40 9.93 21.29 27.02
C ASN I 40 8.94 22.38 26.66
N LEU I 41 8.67 22.48 25.36
CA LEU I 41 7.80 23.50 24.80
C LEU I 41 6.36 23.25 25.07
N LYS I 42 5.66 24.33 25.43
CA LYS I 42 4.24 24.29 25.75
C LYS I 42 3.51 25.45 25.13
N VAL I 43 2.20 25.27 24.93
CA VAL I 43 1.26 26.30 24.51
C VAL I 43 0.09 26.26 25.47
N ASN I 44 -0.43 27.43 25.87
CA ASN I 44 -1.63 27.53 26.71
C ASN I 44 -2.34 28.88 26.42
N LEU I 45 -3.60 28.97 26.76
CA LEU I 45 -4.43 30.14 26.50
C LEU I 45 -4.99 30.68 27.83
N ASP I 46 -4.44 31.82 28.30
CA ASP I 46 -4.78 32.54 29.55
C ASP I 46 -4.83 31.60 30.79
N GLY I 47 -3.73 30.90 31.05
CA GLY I 47 -3.61 30.00 32.20
C GLY I 47 -4.35 28.69 32.13
N SER I 48 -4.84 28.31 30.91
CA SER I 48 -5.54 27.04 30.69
C SER I 48 -4.56 25.87 30.76
N LYS I 49 -5.06 24.65 30.49
CA LYS I 49 -4.30 23.41 30.40
C LYS I 49 -3.16 23.64 29.39
N GLU I 50 -1.93 23.17 29.74
CA GLU I 50 -0.76 23.28 28.87
C GLU I 50 -0.81 22.12 27.89
N TYR I 51 -0.48 22.40 26.64
CA TYR I 51 -0.41 21.38 25.59
C TYR I 51 1.06 21.18 25.22
N GLN I 52 1.52 19.91 25.11
CA GLN I 52 2.89 19.61 24.72
C GLN I 52 3.09 20.12 23.29
N ALA I 53 4.11 20.96 23.09
CA ALA I 53 4.41 21.54 21.77
C ALA I 53 5.80 21.16 21.30
N TYR I 54 5.99 21.19 19.97
CA TYR I 54 7.26 20.93 19.30
C TYR I 54 7.44 22.04 18.29
N CYS I 55 8.68 22.49 18.10
CA CYS I 55 8.98 23.58 17.20
C CYS I 55 9.38 23.15 15.81
N PHE I 56 9.37 24.10 14.88
CA PHE I 56 9.88 23.98 13.52
C PHE I 56 10.45 25.33 13.10
N ASN I 57 11.19 25.38 11.96
CA ASN I 57 11.96 26.54 11.43
C ASN I 57 13.26 26.62 12.22
N LEU I 58 14.21 25.74 11.89
CA LEU I 58 15.50 25.64 12.58
C LEU I 58 16.33 26.92 12.55
N THR I 59 16.13 27.79 11.58
CA THR I 59 16.95 29.00 11.47
C THR I 59 16.35 30.18 12.25
N LYS I 60 15.22 29.96 12.94
CA LYS I 60 14.56 30.99 13.77
C LYS I 60 14.84 30.76 15.25
N HIS I 61 14.42 31.70 16.13
CA HIS I 61 14.69 31.63 17.56
C HIS I 61 13.78 30.67 18.28
N PHE I 62 14.35 29.95 19.27
CA PHE I 62 13.57 29.09 20.15
C PHE I 62 12.58 29.99 20.93
N PRO I 63 11.37 29.53 21.30
CA PRO I 63 10.53 30.35 22.19
C PRO I 63 11.28 30.58 23.52
N SER I 64 11.12 31.76 24.10
CA SER I 64 11.73 32.14 25.36
C SER I 64 11.27 31.23 26.51
N LYS I 65 12.13 31.09 27.53
CA LYS I 65 11.82 30.33 28.75
C LYS I 65 10.67 31.01 29.49
N SER I 66 9.86 30.23 30.23
CA SER I 66 8.70 30.75 30.96
C SER I 66 9.00 31.85 31.95
N ASP I 67 10.22 31.91 32.50
CA ASP I 67 10.59 32.96 33.47
C ASP I 67 11.24 34.21 32.82
N SER I 68 11.20 34.29 31.48
CA SER I 68 11.75 35.44 30.75
C SER I 68 10.72 36.57 30.81
N VAL I 69 11.17 37.82 30.74
CA VAL I 69 10.29 39.00 30.69
C VAL I 69 9.65 39.06 29.27
N ARG I 70 10.25 38.38 28.28
CA ARG I 70 9.76 38.29 26.90
C ARG I 70 8.80 37.13 26.77
N SER I 71 7.72 37.34 26.04
CA SER I 71 6.69 36.36 25.75
C SER I 71 6.43 36.30 24.26
N GLN I 72 6.22 35.08 23.74
CA GLN I 72 5.89 34.92 22.32
C GLN I 72 4.46 34.50 22.18
N TRP I 73 3.77 35.17 21.23
CA TRP I 73 2.34 34.96 20.98
C TRP I 73 2.08 34.23 19.71
N TYR I 74 1.07 33.33 19.74
CA TYR I 74 0.76 32.42 18.65
C TYR I 74 -0.71 32.40 18.25
N LYS I 75 -0.96 32.11 16.95
CA LYS I 75 -2.29 31.97 16.37
C LYS I 75 -2.47 30.46 16.07
N LYS I 76 -3.55 29.86 16.57
CA LYS I 76 -3.84 28.44 16.35
C LYS I 76 -4.49 28.23 14.96
N LEU I 77 -3.90 27.33 14.16
CA LEU I 77 -4.39 27.01 12.82
C LEU I 77 -4.56 25.52 12.69
N GLU I 78 -5.31 25.10 11.67
CA GLU I 78 -5.53 23.70 11.31
C GLU I 78 -4.21 23.14 10.83
N GLY I 79 -3.81 21.99 11.37
CA GLY I 79 -2.55 21.35 11.00
C GLY I 79 -2.53 20.68 9.65
N THR I 80 -3.05 21.35 8.59
CA THR I 80 -3.09 20.87 7.20
C THR I 80 -1.70 20.96 6.52
N ASN I 81 -1.55 20.35 5.32
CA ASN I 81 -0.32 20.41 4.50
C ASN I 81 -0.11 21.82 3.95
N GLU I 82 -1.22 22.49 3.56
CA GLU I 82 -1.23 23.87 3.05
C GLU I 82 -0.62 24.84 4.08
N ASN I 83 -1.02 24.73 5.37
CA ASN I 83 -0.48 25.59 6.41
C ASN I 83 0.99 25.32 6.72
N PHE I 84 1.46 24.06 6.54
CA PHE I 84 2.88 23.73 6.71
C PHE I 84 3.69 24.33 5.60
N ILE I 85 3.20 24.22 4.34
CA ILE I 85 3.91 24.79 3.20
C ILE I 85 4.03 26.33 3.35
N LYS I 86 2.98 26.97 3.89
CA LYS I 86 2.95 28.41 4.12
C LYS I 86 3.93 28.86 5.20
N LEU I 87 4.15 28.05 6.25
CA LEU I 87 4.98 28.45 7.40
C LEU I 87 6.35 27.77 7.53
N ALA I 88 6.54 26.58 6.95
CA ALA I 88 7.80 25.86 7.05
C ALA I 88 8.76 26.30 5.96
N ASP I 89 10.05 26.39 6.32
CA ASP I 89 11.12 26.78 5.41
C ASP I 89 11.43 25.65 4.41
N LYS I 90 11.76 24.44 4.92
CA LYS I 90 12.14 23.27 4.08
C LYS I 90 11.34 22.00 4.46
N PRO I 91 10.00 21.93 4.29
CA PRO I 91 9.30 20.69 4.68
C PRO I 91 9.62 19.51 3.77
N ARG I 92 9.68 18.28 4.35
CA ARG I 92 9.95 17.03 3.62
C ARG I 92 8.60 16.56 3.06
N ILE I 93 8.22 17.10 1.88
CA ILE I 93 6.93 16.86 1.22
C ILE I 93 6.96 15.83 0.06
N GLU I 94 8.10 15.13 -0.17
CA GLU I 94 8.25 14.13 -1.24
C GLU I 94 7.40 12.87 -1.01
N ASP I 95 7.15 12.52 0.27
CA ASP I 95 6.31 11.40 0.68
C ASP I 95 4.83 11.78 0.56
N GLY I 96 4.57 13.08 0.43
CA GLY I 96 3.26 13.71 0.26
C GLY I 96 2.24 13.54 1.38
N GLN I 97 2.66 12.97 2.51
CA GLN I 97 1.82 12.80 3.69
C GLN I 97 2.53 13.41 4.91
N LEU I 98 2.96 14.67 4.77
CA LEU I 98 3.66 15.43 5.81
C LEU I 98 2.82 15.47 7.09
N GLN I 99 1.62 16.07 7.03
CA GLN I 99 0.62 16.15 8.10
C GLN I 99 0.47 14.79 8.84
N GLN I 100 0.26 13.69 8.07
CA GLN I 100 0.07 12.31 8.56
C GLN I 100 1.30 11.78 9.28
N ASN I 101 2.49 12.06 8.73
CA ASN I 101 3.76 11.67 9.31
C ASN I 101 4.00 12.35 10.65
N ILE I 102 3.70 13.65 10.72
CA ILE I 102 3.84 14.46 11.92
C ILE I 102 2.87 13.94 13.00
N LEU I 103 1.60 13.74 12.62
CA LEU I 103 0.56 13.18 13.51
C LEU I 103 0.97 11.84 14.08
N ARG I 104 1.55 10.94 13.24
CA ARG I 104 2.04 9.62 13.67
C ARG I 104 3.14 9.75 14.71
N ILE I 105 4.06 10.72 14.54
CA ILE I 105 5.16 10.98 15.47
C ILE I 105 4.61 11.45 16.80
N LEU I 106 3.67 12.40 16.78
CA LEU I 106 3.09 12.93 18.01
C LEU I 106 2.30 11.87 18.78
N TYR I 107 1.57 11.00 18.04
CA TYR I 107 0.78 9.89 18.58
C TYR I 107 1.66 8.83 19.24
N ASN I 108 2.85 8.60 18.70
CA ASN I 108 3.81 7.60 19.18
C ASN I 108 4.92 8.13 20.08
N GLY I 109 5.09 9.44 20.10
CA GLY I 109 6.14 10.10 20.88
C GLY I 109 5.71 10.57 22.24
N TYR I 110 6.50 11.48 22.84
CA TYR I 110 6.20 12.00 24.16
C TYR I 110 5.06 13.05 24.16
N PRO I 111 4.06 12.93 25.06
CA PRO I 111 3.86 11.88 26.08
C PRO I 111 2.91 10.73 25.71
N ASN I 112 2.20 10.84 24.56
CA ASN I 112 1.19 9.86 24.13
C ASN I 112 1.70 8.43 24.11
N ASP I 113 2.84 8.17 23.45
CA ASP I 113 3.52 6.87 23.39
C ASP I 113 2.56 5.65 23.29
N ARG I 114 1.51 5.72 22.44
CA ARG I 114 0.48 4.68 22.34
C ARG I 114 1.04 3.27 22.01
N ASN I 115 2.16 3.16 21.26
CA ASN I 115 2.71 1.84 20.92
C ASN I 115 4.00 1.48 21.68
N GLY I 116 4.28 2.23 22.75
CA GLY I 116 5.42 2.01 23.63
C GLY I 116 6.80 2.20 23.03
N ILE I 117 6.93 2.97 21.93
CA ILE I 117 8.21 3.25 21.28
C ILE I 117 9.17 3.99 22.25
N MET I 118 8.61 4.86 23.10
CA MET I 118 9.34 5.68 24.08
C MET I 118 9.59 4.99 25.43
N LYS I 119 9.18 3.72 25.60
CA LYS I 119 9.34 2.97 26.85
C LYS I 119 10.81 2.94 27.32
N GLY I 120 11.00 3.27 28.60
CA GLY I 120 12.31 3.28 29.24
C GLY I 120 13.10 4.58 29.05
N ILE I 121 12.62 5.48 28.18
CA ILE I 121 13.30 6.77 27.93
C ILE I 121 12.79 7.83 28.91
N ASP I 122 13.72 8.50 29.63
CA ASP I 122 13.44 9.59 30.57
C ASP I 122 12.67 10.73 29.87
N PRO I 123 11.67 11.37 30.54
CA PRO I 123 10.83 12.38 29.84
C PRO I 123 11.52 13.40 28.93
N LEU I 124 12.58 14.09 29.42
CA LEU I 124 13.30 15.09 28.63
C LEU I 124 14.03 14.49 27.44
N ASN I 125 14.53 13.25 27.59
CA ASN I 125 15.17 12.51 26.50
C ASN I 125 14.13 12.09 25.46
N ALA I 126 12.91 11.76 25.92
CA ALA I 126 11.80 11.34 25.05
C ALA I 126 11.31 12.53 24.22
N ILE I 127 11.23 13.73 24.84
CA ILE I 127 10.86 14.98 24.15
C ILE I 127 11.93 15.27 23.07
N LEU I 128 13.21 15.13 23.44
CA LEU I 128 14.34 15.34 22.53
C LEU I 128 14.27 14.42 21.28
N VAL I 129 13.94 13.13 21.48
CA VAL I 129 13.78 12.17 20.37
C VAL I 129 12.61 12.59 19.48
N THR I 130 11.45 12.88 20.09
CA THR I 130 10.24 13.31 19.38
C THR I 130 10.50 14.58 18.55
N GLN I 131 11.15 15.58 19.17
CA GLN I 131 11.52 16.84 18.51
C GLN I 131 12.40 16.60 17.28
N ASN I 132 13.40 15.70 17.41
CA ASN I 132 14.29 15.32 16.33
C ASN I 132 13.56 14.63 15.19
N ALA I 133 12.55 13.80 15.50
CA ALA I 133 11.71 13.14 14.51
C ALA I 133 10.82 14.20 13.80
N ILE I 134 10.29 15.17 14.55
CA ILE I 134 9.51 16.29 14.00
C ILE I 134 10.35 17.13 13.01
N TRP I 135 11.57 17.53 13.42
CA TRP I 135 12.50 18.31 12.58
C TRP I 135 12.87 17.62 11.29
N TYR I 136 12.95 16.26 11.32
CA TYR I 136 13.23 15.46 10.15
C TYR I 136 12.18 15.77 9.05
N TYR I 137 10.91 15.94 9.44
CA TYR I 137 9.84 16.23 8.49
C TYR I 137 9.61 17.71 8.24
N THR I 138 9.59 18.53 9.29
CA THR I 138 9.29 19.96 9.16
C THR I 138 10.42 20.78 8.53
N ASP I 139 11.67 20.38 8.75
CA ASP I 139 12.84 21.13 8.31
C ASP I 139 13.81 20.31 7.47
N SER I 140 13.41 19.10 7.06
CA SER I 140 14.24 18.16 6.30
C SER I 140 15.63 17.99 6.95
N SER I 141 15.66 17.89 8.30
CA SER I 141 16.94 17.72 9.00
C SER I 141 17.55 16.37 8.65
N TYR I 142 18.86 16.37 8.39
CA TYR I 142 19.59 15.20 7.94
C TYR I 142 19.69 14.08 8.98
N ILE I 143 19.12 12.91 8.67
CA ILE I 143 19.22 11.70 9.48
C ILE I 143 19.49 10.55 8.51
N SER I 144 20.74 10.08 8.45
CA SER I 144 21.12 8.96 7.58
C SER I 144 21.19 7.69 8.41
N ASP I 145 21.98 7.72 9.50
CA ASP I 145 22.20 6.59 10.39
C ASP I 145 21.93 6.97 11.84
N THR I 146 20.83 6.43 12.38
CA THR I 146 20.36 6.64 13.75
C THR I 146 21.34 6.04 14.77
N SER I 147 22.18 5.07 14.36
CA SER I 147 23.20 4.42 15.19
C SER I 147 24.26 5.45 15.64
N LYS I 148 24.41 6.55 14.86
CA LYS I 148 25.35 7.64 15.08
C LYS I 148 24.66 8.91 15.65
N ALA I 149 23.32 8.90 15.79
CA ALA I 149 22.54 10.04 16.29
C ALA I 149 22.85 10.40 17.76
N PHE I 150 22.58 11.67 18.14
CA PHE I 150 22.73 12.23 19.49
C PHE I 150 24.18 12.22 20.03
N GLN I 151 25.19 12.33 19.13
CA GLN I 151 26.60 12.39 19.54
C GLN I 151 26.91 13.64 20.36
N GLN I 152 26.40 14.82 19.94
CA GLN I 152 26.59 16.08 20.67
C GLN I 152 25.83 16.06 22.00
N GLU I 153 24.58 15.57 21.96
CA GLU I 153 23.70 15.41 23.13
C GLU I 153 24.34 14.46 24.16
N GLU I 154 25.04 13.40 23.69
CA GLU I 154 25.72 12.43 24.56
C GLU I 154 26.75 13.13 25.44
N THR I 155 27.57 14.04 24.87
CA THR I 155 28.59 14.76 25.64
C THR I 155 27.99 15.94 26.39
N ASP I 156 27.06 16.71 25.76
CA ASP I 156 26.42 17.87 26.40
C ASP I 156 25.51 17.52 27.58
N LEU I 157 24.72 16.42 27.48
CA LEU I 157 23.76 15.99 28.50
C LEU I 157 24.30 14.83 29.35
N LYS I 158 25.48 14.29 28.97
CA LYS I 158 26.14 13.14 29.63
C LYS I 158 25.16 11.96 29.77
N LEU I 159 24.65 11.49 28.62
CA LEU I 159 23.70 10.39 28.51
C LEU I 159 24.42 9.08 28.70
N ASP I 160 23.86 8.17 29.53
CA ASP I 160 24.44 6.83 29.73
C ASP I 160 24.12 5.96 28.50
N SER I 161 24.87 4.86 28.32
CA SER I 161 24.72 3.93 27.20
C SER I 161 23.30 3.37 27.03
N GLN I 162 22.61 3.08 28.15
CA GLN I 162 21.23 2.56 28.19
C GLN I 162 20.25 3.58 27.56
N GLN I 163 20.26 4.85 28.03
CA GLN I 163 19.40 5.91 27.51
C GLN I 163 19.72 6.20 26.05
N LEU I 164 21.02 6.33 25.72
CA LEU I 164 21.49 6.60 24.36
C LEU I 164 21.02 5.55 23.34
N GLN I 165 21.13 4.24 23.69
CA GLN I 165 20.70 3.16 22.80
C GLN I 165 19.18 3.18 22.59
N LEU I 166 18.38 3.40 23.66
CA LEU I 166 16.92 3.48 23.58
C LEU I 166 16.49 4.66 22.72
N MET I 167 17.17 5.82 22.87
CA MET I 167 16.88 7.03 22.12
C MET I 167 17.12 6.84 20.61
N ARG I 168 18.27 6.24 20.26
CA ARG I 168 18.66 5.96 18.87
C ARG I 168 17.66 5.03 18.16
N ASN I 169 17.20 3.99 18.89
CA ASN I 169 16.25 3.02 18.37
C ASN I 169 14.86 3.64 18.20
N ALA I 170 14.43 4.48 19.17
CA ALA I 170 13.13 5.15 19.13
C ALA I 170 13.06 6.16 17.99
N LEU I 171 14.17 6.88 17.70
CA LEU I 171 14.26 7.84 16.59
C LEU I 171 14.12 7.11 15.25
N LYS I 172 14.82 5.96 15.10
CA LYS I 172 14.81 5.09 13.92
C LYS I 172 13.38 4.67 13.59
N ARG I 173 12.63 4.23 14.61
CA ARG I 173 11.25 3.77 14.47
C ARG I 173 10.30 4.91 14.12
N LEU I 174 10.43 6.09 14.77
CA LEU I 174 9.57 7.26 14.54
C LEU I 174 9.65 7.86 13.13
N ILE I 175 10.85 7.87 12.52
CA ILE I 175 11.04 8.48 11.19
C ILE I 175 10.82 7.49 10.04
N ASN I 176 10.47 6.22 10.35
CA ASN I 176 10.19 5.20 9.35
C ASN I 176 8.67 4.96 9.27
N PRO I 177 7.97 5.49 8.23
CA PRO I 177 6.50 5.32 8.17
C PRO I 177 6.04 3.87 8.13
N LYS I 178 6.77 2.99 7.40
CA LYS I 178 6.46 1.56 7.29
C LYS I 178 6.45 0.89 8.66
N GLU I 179 7.45 1.21 9.51
CA GLU I 179 7.58 0.72 10.89
C GLU I 179 6.38 1.15 11.77
N VAL I 180 6.04 2.47 11.74
CA VAL I 180 4.92 3.05 12.51
C VAL I 180 3.57 2.45 12.07
N GLU I 181 3.40 2.26 10.75
CA GLU I 181 2.16 1.71 10.17
C GLU I 181 1.93 0.23 10.48
N SER I 182 3.00 -0.53 10.85
CA SER I 182 2.92 -1.95 11.19
C SER I 182 2.53 -2.19 12.66
N LEU I 183 2.50 -1.12 13.47
CA LEU I 183 2.17 -1.15 14.90
C LEU I 183 0.69 -1.39 15.18
N PRO I 184 0.32 -2.00 16.34
CA PRO I 184 -1.10 -2.31 16.60
C PRO I 184 -2.06 -1.12 16.67
N ASN I 185 -1.62 0.00 17.25
CA ASN I 185 -2.47 1.18 17.38
C ASN I 185 -2.14 2.25 16.34
N GLN I 186 -3.07 2.51 15.42
CA GLN I 186 -2.93 3.52 14.36
C GLN I 186 -3.64 4.81 14.77
N VAL I 187 -3.20 5.99 14.23
CA VAL I 187 -3.79 7.30 14.54
C VAL I 187 -5.31 7.32 14.22
N PRO I 188 -6.17 7.53 15.24
CA PRO I 188 -7.61 7.62 14.96
C PRO I 188 -7.99 8.99 14.38
N ALA I 189 -9.20 9.11 13.80
CA ALA I 189 -9.72 10.35 13.22
C ALA I 189 -9.86 11.51 14.24
N ASN I 190 -10.10 11.19 15.52
CA ASN I 190 -10.30 12.18 16.60
C ASN I 190 -8.99 12.76 17.17
N TYR I 191 -7.81 12.17 16.85
CA TYR I 191 -6.49 12.66 17.26
C TYR I 191 -6.02 13.62 16.15
N GLN I 192 -6.09 14.95 16.40
CA GLN I 192 -5.85 15.98 15.38
C GLN I 192 -4.69 16.97 15.64
N LEU I 193 -4.06 17.40 14.55
CA LEU I 193 -2.91 18.28 14.52
C LEU I 193 -3.26 19.76 14.42
N SER I 194 -2.55 20.58 15.20
CA SER I 194 -2.66 22.04 15.22
C SER I 194 -1.30 22.67 14.97
N ILE I 195 -1.28 23.75 14.17
CA ILE I 195 -0.09 24.56 13.92
C ILE I 195 -0.27 25.88 14.68
N PHE I 196 0.76 26.31 15.40
CA PHE I 196 0.77 27.56 16.14
C PHE I 196 1.72 28.51 15.43
N GLN I 197 1.13 29.52 14.79
CA GLN I 197 1.88 30.51 14.01
C GLN I 197 2.37 31.61 14.91
N SER I 198 3.69 31.83 14.93
CA SER I 198 4.31 32.90 15.72
C SER I 198 3.99 34.27 15.15
N SER I 199 3.60 35.21 16.01
N SER I 199 3.58 35.23 16.00
CA SER I 199 3.31 36.61 15.67
CA SER I 199 3.31 36.61 15.56
C SER I 199 4.58 37.29 15.17
C SER I 199 4.60 37.29 15.13
N ASP I 200 5.66 37.05 15.90
CA ASP I 200 7.00 37.57 15.65
C ASP I 200 7.67 36.56 14.69
N LYS I 201 7.96 37.01 13.45
CA LYS I 201 8.55 36.17 12.39
C LYS I 201 10.02 35.75 12.67
N THR I 202 10.60 36.26 13.73
CA THR I 202 11.97 35.96 14.17
C THR I 202 11.97 34.66 15.05
N PHE I 203 10.79 34.27 15.54
CA PHE I 203 10.64 33.08 16.40
C PHE I 203 10.04 31.90 15.65
N GLN I 204 10.39 30.70 16.13
CA GLN I 204 9.89 29.43 15.57
C GLN I 204 8.38 29.28 15.70
N ASN I 205 7.79 28.61 14.71
CA ASN I 205 6.37 28.23 14.78
C ASN I 205 6.31 26.94 15.60
N LEU I 206 5.14 26.62 16.13
CA LEU I 206 4.98 25.45 16.96
C LEU I 206 3.91 24.53 16.42
N LEU I 207 3.90 23.29 16.91
CA LEU I 207 2.88 22.32 16.53
C LEU I 207 2.51 21.46 17.74
N SER I 208 1.26 21.03 17.78
CA SER I 208 0.71 20.22 18.87
C SER I 208 -0.43 19.34 18.39
N ALA I 209 -0.62 18.20 19.05
CA ALA I 209 -1.69 17.27 18.72
C ALA I 209 -2.49 16.93 19.97
N GLU I 210 -3.80 16.71 19.80
CA GLU I 210 -4.71 16.37 20.89
C GLU I 210 -5.88 15.52 20.42
N TYR I 211 -6.56 14.86 21.37
CA TYR I 211 -7.78 14.12 21.08
C TYR I 211 -8.90 15.17 21.13
N VAL I 212 -9.77 15.16 20.12
CA VAL I 212 -10.88 16.10 19.97
C VAL I 212 -12.17 15.43 20.43
N SER J 6 29.62 51.27 17.17
CA SER J 6 30.85 51.19 17.97
C SER J 6 31.22 49.73 18.28
N VAL J 7 32.54 49.43 18.35
CA VAL J 7 33.08 48.09 18.62
C VAL J 7 32.97 47.74 20.12
N PRO J 8 32.25 46.64 20.47
CA PRO J 8 32.10 46.26 21.90
C PRO J 8 33.41 45.87 22.56
N ASN J 9 33.54 46.16 23.86
CA ASN J 9 34.71 45.79 24.65
C ASN J 9 34.23 45.03 25.89
N LYS J 10 34.14 43.70 25.76
CA LYS J 10 33.73 42.84 26.87
C LYS J 10 34.80 41.82 27.17
N GLN J 11 35.22 41.76 28.41
CA GLN J 11 36.28 40.89 28.89
C GLN J 11 35.72 39.62 29.50
N SER J 12 36.21 38.46 29.02
CA SER J 12 35.76 37.16 29.52
C SER J 12 36.30 36.92 30.91
N SER J 13 35.53 36.20 31.72
CA SER J 13 35.95 35.79 33.07
C SER J 13 36.21 34.27 33.06
N VAL J 14 36.14 33.66 31.87
CA VAL J 14 36.31 32.23 31.70
C VAL J 14 37.70 31.89 31.14
N GLN J 15 38.49 31.08 31.90
CA GLN J 15 39.82 30.67 31.48
CA GLN J 15 39.83 30.62 31.51
C GLN J 15 39.73 29.89 30.18
N ASP J 16 40.60 30.26 29.22
CA ASP J 16 40.71 29.67 27.86
C ASP J 16 39.57 30.03 26.90
N TYR J 17 38.59 30.88 27.33
CA TYR J 17 37.49 31.31 26.46
C TYR J 17 37.47 32.84 26.43
N PRO J 18 38.50 33.51 25.85
CA PRO J 18 38.57 34.97 25.92
C PRO J 18 37.79 35.73 24.85
N TRP J 19 37.41 35.07 23.76
CA TRP J 19 36.71 35.69 22.65
C TRP J 19 35.23 35.96 22.95
N TYR J 20 34.79 37.17 22.61
CA TYR J 20 33.38 37.56 22.76
C TYR J 20 32.71 37.31 21.41
N GLY J 21 31.63 36.54 21.39
CA GLY J 21 30.87 36.23 20.19
C GLY J 21 29.45 36.75 20.35
N TYR J 22 28.93 37.50 19.36
CA TYR J 22 27.63 38.17 19.44
C TYR J 22 27.03 38.50 18.09
N ASP J 23 25.74 38.85 18.10
CA ASP J 23 25.03 39.28 16.90
C ASP J 23 25.00 40.79 16.91
N SER J 24 25.72 41.41 15.97
CA SER J 24 25.76 42.87 15.85
C SER J 24 24.49 43.45 15.14
N TYR J 25 23.61 42.59 14.57
CA TYR J 25 22.36 43.08 13.97
C TYR J 25 21.43 43.29 15.17
N SER J 26 21.54 44.49 15.76
CA SER J 26 20.90 44.89 17.01
CA SER J 26 20.81 44.90 16.96
C SER J 26 20.61 46.40 16.95
N LYS J 27 19.88 46.95 17.96
CA LYS J 27 19.59 48.38 18.08
C LYS J 27 20.90 49.18 17.90
N GLY J 28 20.89 50.13 16.96
CA GLY J 28 22.08 50.92 16.65
C GLY J 28 22.71 50.59 15.32
N TYR J 29 22.50 49.34 14.82
CA TYR J 29 23.00 48.91 13.50
C TYR J 29 22.22 49.69 12.42
N PRO J 30 22.87 50.14 11.31
CA PRO J 30 22.14 50.90 10.28
C PRO J 30 20.99 50.13 9.63
N ASP J 31 19.79 50.74 9.63
CA ASP J 31 18.55 50.19 9.05
C ASP J 31 18.02 48.97 9.84
N TYR J 32 18.46 48.80 11.12
CA TYR J 32 18.04 47.70 11.97
C TYR J 32 16.53 47.64 12.14
N SER J 33 15.96 46.44 12.01
CA SER J 33 14.57 46.16 12.29
C SER J 33 14.50 44.88 13.14
N PRO J 34 13.79 44.92 14.30
CA PRO J 34 13.68 43.71 15.13
C PRO J 34 12.74 42.66 14.52
N LEU J 35 12.07 42.98 13.41
CA LEU J 35 11.17 42.05 12.73
C LEU J 35 11.83 41.33 11.55
N LYS J 36 13.09 41.68 11.22
CA LYS J 36 13.85 41.07 10.12
C LYS J 36 14.74 39.95 10.62
N THR J 37 14.77 38.83 9.86
CA THR J 37 15.56 37.64 10.17
C THR J 37 17.04 37.74 9.76
N TYR J 38 17.61 38.96 9.74
CA TYR J 38 19.02 39.14 9.41
C TYR J 38 19.86 38.86 10.64
N HIS J 39 21.13 38.55 10.40
CA HIS J 39 22.15 38.40 11.46
C HIS J 39 23.43 38.99 10.93
N ASN J 40 24.30 39.43 11.85
CA ASN J 40 25.64 39.89 11.52
C ASN J 40 26.52 39.52 12.70
N LEU J 41 26.89 38.26 12.72
CA LEU J 41 27.68 37.70 13.81
C LEU J 41 29.12 38.09 13.74
N LYS J 42 29.66 38.45 14.92
CA LYS J 42 31.04 38.89 15.06
C LYS J 42 31.72 38.19 16.23
N VAL J 43 33.05 38.10 16.18
CA VAL J 43 33.94 37.68 17.27
C VAL J 43 34.99 38.77 17.39
N ASN J 44 35.41 39.10 18.62
CA ASN J 44 36.47 40.06 18.88
C ASN J 44 37.09 39.73 20.22
N LEU J 45 38.26 40.28 20.49
CA LEU J 45 39.03 40.05 21.71
C LEU J 45 39.17 41.38 22.42
N ASP J 46 38.48 41.54 23.56
CA ASP J 46 38.60 42.74 24.42
C ASP J 46 38.60 44.08 23.63
N GLY J 47 37.55 44.29 22.83
CA GLY J 47 37.41 45.53 22.06
C GLY J 47 38.32 45.68 20.86
N SER J 48 39.01 44.60 20.45
CA SER J 48 39.88 44.62 19.26
C SER J 48 39.02 44.58 17.99
N LYS J 49 39.68 44.51 16.81
CA LYS J 49 39.06 44.39 15.49
C LYS J 49 38.01 43.26 15.50
N GLU J 50 36.82 43.52 14.93
CA GLU J 50 35.75 42.54 14.83
C GLU J 50 36.02 41.66 13.62
N TYR J 51 35.82 40.36 13.76
CA TYR J 51 35.99 39.43 12.66
C TYR J 51 34.59 38.93 12.30
N GLN J 52 34.29 38.85 10.99
CA GLN J 52 33.00 38.34 10.52
C GLN J 52 32.90 36.86 10.90
N ALA J 53 31.84 36.51 11.58
CA ALA J 53 31.64 35.12 12.02
C ALA J 53 30.35 34.56 11.44
N TYR J 54 30.30 33.22 11.36
CA TYR J 54 29.11 32.48 10.89
C TYR J 54 28.88 31.39 11.89
N CYS J 55 27.61 31.11 12.17
CA CYS J 55 27.25 30.09 13.16
C CYS J 55 27.01 28.72 12.57
N PHE J 56 27.04 27.71 13.44
CA PHE J 56 26.68 26.34 13.14
C PHE J 56 26.02 25.76 14.37
N ASN J 57 25.38 24.58 14.23
CA ASN J 57 24.55 23.88 15.26
C ASN J 57 23.19 24.56 15.23
N LEU J 58 22.37 24.21 14.23
CA LEU J 58 21.03 24.78 14.03
C LEU J 58 20.07 24.58 15.20
N THR J 59 20.28 23.53 16.01
CA THR J 59 19.39 23.25 17.15
C THR J 59 19.82 23.97 18.43
N LYS J 60 20.91 24.75 18.40
CA LYS J 60 21.36 25.49 19.60
C LYS J 60 20.94 26.95 19.48
N HIS J 61 21.18 27.77 20.50
CA HIS J 61 20.77 29.17 20.51
C HIS J 61 21.70 30.05 19.71
N PHE J 62 21.11 31.05 19.01
CA PHE J 62 21.88 32.08 18.32
C PHE J 62 22.69 32.85 19.37
N PRO J 63 23.92 33.35 19.07
CA PRO J 63 24.61 34.23 20.03
C PRO J 63 23.71 35.45 20.29
N SER J 64 23.71 35.93 21.53
CA SER J 64 22.90 37.07 21.94
C SER J 64 23.32 38.33 21.18
N LYS J 65 22.38 39.28 21.04
CA LYS J 65 22.61 40.58 20.42
C LYS J 65 23.60 41.35 21.31
N SER J 66 24.39 42.23 20.72
CA SER J 66 25.40 43.04 21.42
C SER J 66 24.85 43.87 22.60
N ASP J 67 23.56 44.25 22.57
CA ASP J 67 22.95 45.05 23.64
C ASP J 67 22.33 44.18 24.77
N SER J 68 22.57 42.86 24.75
CA SER J 68 22.05 41.93 25.76
C SER J 68 22.92 41.97 27.01
N VAL J 69 22.30 41.65 28.18
CA VAL J 69 22.99 41.56 29.48
C VAL J 69 23.86 40.27 29.49
N ARG J 70 23.43 39.26 28.71
CA ARG J 70 24.09 37.98 28.57
C ARG J 70 25.12 38.02 27.44
N SER J 71 26.33 37.54 27.73
CA SER J 71 27.45 37.47 26.79
C SER J 71 27.89 36.02 26.60
N GLN J 72 28.26 35.64 25.39
CA GLN J 72 28.76 34.29 25.15
C GLN J 72 30.25 34.36 24.88
N TRP J 73 30.97 33.48 25.51
CA TRP J 73 32.44 33.38 25.46
C TRP J 73 32.91 32.22 24.63
N TYR J 74 34.00 32.44 23.88
CA TYR J 74 34.49 31.45 22.92
C TYR J 74 35.96 31.19 23.00
N LYS J 75 36.35 29.93 22.70
CA LYS J 75 37.72 29.45 22.62
C LYS J 75 38.06 29.30 21.12
N LYS J 76 39.14 29.92 20.68
CA LYS J 76 39.59 29.82 19.29
C LYS J 76 40.37 28.50 19.08
N LEU J 77 39.88 27.68 18.14
CA LEU J 77 40.51 26.38 17.79
C LEU J 77 40.86 26.39 16.33
N GLU J 78 41.79 25.51 15.94
CA GLU J 78 42.17 25.27 14.55
C GLU J 78 40.94 24.73 13.83
N GLY J 79 40.66 25.28 12.65
CA GLY J 79 39.50 24.87 11.87
C GLY J 79 39.69 23.56 11.12
N THR J 80 40.02 22.47 11.84
CA THR J 80 40.28 21.16 11.24
C THR J 80 39.00 20.35 11.13
N ASN J 81 39.02 19.30 10.28
CA ASN J 81 37.89 18.36 10.12
C ASN J 81 37.58 17.69 11.46
N GLU J 82 38.64 17.33 12.22
CA GLU J 82 38.55 16.70 13.55
C GLU J 82 37.76 17.61 14.53
N ASN J 83 38.06 18.92 14.57
CA ASN J 83 37.33 19.84 15.45
C ASN J 83 35.88 20.06 15.03
N PHE J 84 35.57 19.95 13.73
CA PHE J 84 34.19 20.03 13.24
C PHE J 84 33.41 18.80 13.66
N ILE J 85 34.01 17.60 13.50
CA ILE J 85 33.36 16.36 13.91
C ILE J 85 33.06 16.38 15.42
N LYS J 86 33.99 16.94 16.21
CA LYS J 86 33.84 17.06 17.66
C LYS J 86 32.75 18.06 18.09
N LEU J 87 32.53 19.14 17.33
CA LEU J 87 31.57 20.19 17.73
C LEU J 87 30.29 20.30 16.90
N ALA J 88 30.29 19.81 15.67
CA ALA J 88 29.10 19.90 14.82
C ALA J 88 28.18 18.72 15.07
N ASP J 89 26.87 18.99 15.00
CA ASP J 89 25.81 17.99 15.17
C ASP J 89 25.77 17.03 13.96
N LYS J 90 25.55 17.57 12.73
CA LYS J 90 25.41 16.79 11.49
C LYS J 90 26.31 17.36 10.38
N PRO J 91 27.66 17.32 10.47
CA PRO J 91 28.47 17.86 9.37
C PRO J 91 28.39 17.04 8.08
N ARG J 92 28.45 17.71 6.93
CA ARG J 92 28.41 17.06 5.62
C ARG J 92 29.87 16.67 5.28
N ILE J 93 30.29 15.48 5.76
CA ILE J 93 31.66 14.96 5.70
C ILE J 93 31.94 13.94 4.60
N GLU J 94 30.89 13.46 3.90
CA GLU J 94 30.94 12.47 2.81
C GLU J 94 32.19 12.56 1.90
N ASP J 95 32.50 13.78 1.41
CA ASP J 95 33.61 14.07 0.48
C ASP J 95 34.99 14.33 1.15
N GLY J 96 35.07 14.23 2.48
CA GLY J 96 36.28 14.45 3.29
C GLY J 96 36.96 15.80 3.14
N GLN J 97 36.28 16.78 2.52
CA GLN J 97 36.86 18.09 2.29
C GLN J 97 36.07 19.14 3.01
N LEU J 98 35.45 18.78 4.16
CA LEU J 98 34.63 19.69 4.94
C LEU J 98 35.33 21.03 5.21
N GLN J 99 36.51 21.01 5.86
CA GLN J 99 37.30 22.18 6.18
C GLN J 99 37.59 23.04 4.92
N GLN J 100 37.97 22.38 3.79
CA GLN J 100 38.28 23.06 2.53
C GLN J 100 37.03 23.69 1.93
N ASN J 101 35.88 23.02 2.05
CA ASN J 101 34.61 23.51 1.54
C ASN J 101 34.17 24.77 2.26
N ILE J 102 34.28 24.77 3.60
CA ILE J 102 33.93 25.90 4.44
C ILE J 102 34.86 27.07 4.15
N LEU J 103 36.19 26.80 4.08
CA LEU J 103 37.20 27.81 3.74
C LEU J 103 36.90 28.45 2.41
N ARG J 104 36.53 27.66 1.40
CA ARG J 104 36.18 28.18 0.07
C ARG J 104 34.98 29.11 0.11
N ILE J 105 33.97 28.80 0.97
CA ILE J 105 32.76 29.62 1.13
C ILE J 105 33.13 30.94 1.78
N LEU J 106 33.97 30.90 2.82
CA LEU J 106 34.37 32.13 3.51
C LEU J 106 35.21 33.04 2.63
N TYR J 107 36.11 32.42 1.85
CA TYR J 107 37.00 33.10 0.92
C TYR J 107 36.21 33.79 -0.19
N ASN J 108 35.11 33.16 -0.65
CA ASN J 108 34.28 33.65 -1.74
C ASN J 108 33.06 34.43 -1.32
N GLY J 109 32.70 34.35 -0.03
CA GLY J 109 31.51 34.98 0.52
C GLY J 109 31.73 36.34 1.12
N TYR J 110 30.79 36.79 1.96
CA TYR J 110 30.88 38.10 2.60
C TYR J 110 31.84 38.12 3.79
N PRO J 111 32.75 39.11 3.88
CA PRO J 111 33.03 40.20 2.92
C PRO J 111 34.17 39.95 1.93
N ASN J 112 34.94 38.85 2.07
CA ASN J 112 36.13 38.60 1.24
C ASN J 112 35.84 38.65 -0.27
N ASP J 113 34.83 37.91 -0.74
CA ASP J 113 34.33 37.90 -2.14
C ASP J 113 35.47 37.91 -3.20
N ARG J 114 36.45 37.00 -3.05
CA ARG J 114 37.64 36.99 -3.91
C ARG J 114 37.43 36.67 -5.40
N ASN J 115 36.30 36.14 -5.78
CA ASN J 115 36.03 35.87 -7.19
C ASN J 115 34.76 36.59 -7.66
N GLY J 116 34.31 37.57 -6.88
CA GLY J 116 33.16 38.39 -7.21
C GLY J 116 31.82 37.69 -7.25
N ILE J 117 31.68 36.51 -6.60
CA ILE J 117 30.43 35.75 -6.53
C ILE J 117 29.30 36.58 -5.87
N MET J 118 29.66 37.42 -4.88
CA MET J 118 28.73 38.24 -4.12
C MET J 118 28.44 39.61 -4.72
N LYS J 119 29.03 39.93 -5.89
CA LYS J 119 28.86 41.23 -6.54
C LYS J 119 27.37 41.59 -6.76
N GLY J 120 27.02 42.81 -6.36
CA GLY J 120 25.66 43.33 -6.51
C GLY J 120 24.71 42.99 -5.37
N ILE J 121 25.13 42.08 -4.46
CA ILE J 121 24.30 41.68 -3.32
C ILE J 121 24.55 42.60 -2.13
N ASP J 122 23.47 43.17 -1.56
CA ASP J 122 23.51 44.04 -0.38
C ASP J 122 24.17 43.31 0.82
N PRO J 123 24.97 44.02 1.66
CA PRO J 123 25.70 43.34 2.76
C PRO J 123 24.95 42.29 3.59
N LEU J 124 23.78 42.63 4.15
CA LEU J 124 23.02 41.69 5.01
C LEU J 124 22.50 40.48 4.20
N ASN J 125 22.17 40.70 2.91
CA ASN J 125 21.75 39.63 2.01
C ASN J 125 22.94 38.73 1.66
N ALA J 126 24.15 39.33 1.53
CA ALA J 126 25.38 38.59 1.21
C ALA J 126 25.77 37.71 2.40
N ILE J 127 25.62 38.22 3.63
CA ILE J 127 25.85 37.47 4.88
C ILE J 127 24.87 36.30 4.92
N LEU J 128 23.59 36.55 4.59
CA LEU J 128 22.56 35.53 4.58
C LEU J 128 22.88 34.39 3.60
N VAL J 129 23.33 34.71 2.38
CA VAL J 129 23.72 33.70 1.37
C VAL J 129 24.90 32.87 1.91
N THR J 130 25.94 33.56 2.39
CA THR J 130 27.15 32.93 2.94
C THR J 130 26.77 31.97 4.08
N GLN J 131 25.94 32.45 5.03
CA GLN J 131 25.46 31.68 6.19
C GLN J 131 24.73 30.42 5.76
N ASN J 132 23.87 30.51 4.73
CA ASN J 132 23.13 29.37 4.21
C ASN J 132 24.06 28.35 3.55
N ALA J 133 25.11 28.84 2.85
CA ALA J 133 26.11 27.97 2.25
C ALA J 133 26.90 27.26 3.36
N ILE J 134 27.19 27.97 4.47
CA ILE J 134 27.89 27.42 5.64
C ILE J 134 27.05 26.31 6.28
N TRP J 135 25.75 26.57 6.52
CA TRP J 135 24.81 25.61 7.10
C TRP J 135 24.66 24.35 6.28
N TYR J 136 24.75 24.47 4.94
CA TYR J 136 24.70 23.33 4.03
C TYR J 136 25.81 22.31 4.41
N TYR J 137 27.01 22.81 4.78
CA TYR J 137 28.12 21.95 5.16
C TYR J 137 28.17 21.62 6.64
N THR J 138 27.97 22.61 7.52
CA THR J 138 28.08 22.39 8.95
C THR J 138 26.96 21.59 9.56
N ASP J 139 25.75 21.71 9.00
CA ASP J 139 24.57 21.11 9.57
C ASP J 139 23.79 20.25 8.58
N SER J 140 24.39 19.97 7.41
CA SER J 140 23.77 19.20 6.34
C SER J 140 22.37 19.72 6.03
N SER J 141 22.20 21.05 5.98
CA SER J 141 20.89 21.62 5.70
C SER J 141 20.50 21.32 4.27
N TYR J 142 19.28 20.88 4.07
CA TYR J 142 18.73 20.48 2.78
C TYR J 142 18.63 21.62 1.76
N ILE J 143 19.36 21.50 0.66
CA ILE J 143 19.32 22.42 -0.49
C ILE J 143 19.31 21.53 -1.72
N SER J 144 18.14 21.38 -2.35
CA SER J 144 17.99 20.57 -3.57
C SER J 144 18.04 21.47 -4.80
N ASP J 145 17.20 22.53 -4.82
CA ASP J 145 17.08 23.48 -5.93
C ASP J 145 17.18 24.92 -5.45
N THR J 146 18.30 25.57 -5.79
CA THR J 146 18.60 26.96 -5.43
C THR J 146 17.64 27.96 -6.09
N SER J 147 16.97 27.55 -7.20
CA SER J 147 15.98 28.36 -7.91
C SER J 147 14.78 28.66 -7.01
N LYS J 148 14.54 27.80 -6.02
CA LYS J 148 13.45 27.87 -5.06
C LYS J 148 13.89 28.39 -3.67
N ALA J 149 15.21 28.63 -3.47
CA ALA J 149 15.77 29.09 -2.20
C ALA J 149 15.28 30.48 -1.78
N PHE J 150 15.30 30.77 -0.47
CA PHE J 150 14.95 32.05 0.16
C PHE J 150 13.48 32.47 -0.02
N GLN J 151 12.54 31.50 -0.15
CA GLN J 151 11.12 31.80 -0.28
C GLN J 151 10.54 32.47 0.97
N GLN J 152 10.88 31.97 2.17
CA GLN J 152 10.44 32.56 3.44
C GLN J 152 11.10 33.93 3.66
N GLU J 153 12.41 34.03 3.34
CA GLU J 153 13.21 35.26 3.44
C GLU J 153 12.64 36.33 2.49
N GLU J 154 12.15 35.93 1.30
CA GLU J 154 11.56 36.84 0.31
C GLU J 154 10.39 37.60 0.93
N THR J 155 9.50 36.89 1.66
CA THR J 155 8.33 37.53 2.28
C THR J 155 8.70 38.21 3.61
N ASP J 156 9.54 37.57 4.44
CA ASP J 156 9.96 38.11 5.74
C ASP J 156 10.84 39.37 5.62
N LEU J 157 11.79 39.40 4.66
CA LEU J 157 12.71 40.51 4.43
C LEU J 157 12.31 41.45 3.29
N LYS J 158 11.25 41.06 2.55
CA LYS J 158 10.74 41.81 1.39
C LYS J 158 11.87 42.10 0.38
N LEU J 159 12.50 41.01 -0.12
CA LEU J 159 13.58 41.06 -1.10
C LEU J 159 13.00 41.32 -2.49
N ASP J 160 13.61 42.26 -3.24
CA ASP J 160 13.19 42.53 -4.62
C ASP J 160 13.73 41.41 -5.53
N SER J 161 13.14 41.26 -6.72
CA SER J 161 13.49 40.25 -7.72
C SER J 161 14.98 40.21 -8.09
N GLN J 162 15.62 41.40 -8.21
CA GLN J 162 17.04 41.58 -8.55
C GLN J 162 17.95 40.97 -7.49
N GLN J 163 17.73 41.33 -6.20
CA GLN J 163 18.48 40.80 -5.06
C GLN J 163 18.26 39.30 -4.93
N LEU J 164 17.00 38.85 -5.00
CA LEU J 164 16.63 37.44 -4.88
C LEU J 164 17.31 36.56 -5.93
N GLN J 165 17.33 37.00 -7.20
CA GLN J 165 17.99 36.25 -8.29
C GLN J 165 19.51 36.16 -8.11
N LEU J 166 20.17 37.27 -7.70
CA LEU J 166 21.61 37.29 -7.43
C LEU J 166 21.95 36.36 -6.26
N MET J 167 21.10 36.37 -5.21
CA MET J 167 21.26 35.55 -4.00
C MET J 167 21.17 34.05 -4.31
N ARG J 168 20.17 33.66 -5.12
CA ARG J 168 19.95 32.27 -5.55
C ARG J 168 21.12 31.73 -6.37
N ASN J 169 21.64 32.55 -7.29
CA ASN J 169 22.77 32.19 -8.14
C ASN J 169 24.06 32.08 -7.35
N ALA J 170 24.30 33.02 -6.39
CA ALA J 170 25.49 33.00 -5.53
C ALA J 170 25.49 31.76 -4.65
N LEU J 171 24.31 31.40 -4.07
CA LEU J 171 24.18 30.20 -3.21
C LEU J 171 24.55 28.94 -4.00
N LYS J 172 24.02 28.83 -5.23
CA LYS J 172 24.29 27.73 -6.16
C LYS J 172 25.78 27.55 -6.40
N ARG J 173 26.48 28.66 -6.63
CA ARG J 173 27.93 28.68 -6.90
C ARG J 173 28.74 28.33 -5.67
N LEU J 174 28.38 28.87 -4.50
CA LEU J 174 29.07 28.63 -3.22
C LEU J 174 29.02 27.19 -2.74
N ILE J 175 27.89 26.47 -2.96
CA ILE J 175 27.74 25.09 -2.46
C ILE J 175 28.20 24.02 -3.47
N ASN J 176 28.63 24.43 -4.67
CA ASN J 176 29.11 23.51 -5.70
C ASN J 176 30.65 23.44 -5.62
N PRO J 177 31.24 22.33 -5.12
CA PRO J 177 32.71 22.27 -5.00
C PRO J 177 33.46 22.34 -6.34
N LYS J 178 32.82 21.91 -7.45
CA LYS J 178 33.38 21.97 -8.80
C LYS J 178 33.60 23.43 -9.18
N GLU J 179 32.51 24.22 -9.16
CA GLU J 179 32.45 25.65 -9.48
C GLU J 179 33.59 26.46 -8.86
N VAL J 180 33.64 26.50 -7.50
CA VAL J 180 34.59 27.27 -6.69
C VAL J 180 36.06 26.87 -6.97
N GLU J 181 36.33 25.57 -7.19
CA GLU J 181 37.67 25.08 -7.51
C GLU J 181 38.07 25.47 -8.95
N SER J 182 37.05 25.63 -9.84
CA SER J 182 37.20 26.07 -11.23
C SER J 182 36.98 27.61 -11.34
N LEU J 183 37.54 28.39 -10.37
CA LEU J 183 37.49 29.86 -10.30
C LEU J 183 38.91 30.38 -10.42
N PRO J 184 39.15 31.62 -10.93
CA PRO J 184 40.55 32.07 -11.11
C PRO J 184 41.37 32.15 -9.82
N ASN J 185 40.78 32.61 -8.71
CA ASN J 185 41.48 32.73 -7.44
C ASN J 185 41.11 31.59 -6.52
N GLN J 186 42.14 30.83 -6.10
CA GLN J 186 41.99 29.69 -5.20
C GLN J 186 42.38 30.12 -3.80
N VAL J 187 41.84 29.43 -2.77
CA VAL J 187 42.16 29.71 -1.37
C VAL J 187 43.66 29.51 -1.15
N PRO J 188 44.40 30.57 -0.74
CA PRO J 188 45.84 30.39 -0.47
C PRO J 188 46.07 29.75 0.91
N ALA J 189 47.28 29.18 1.12
CA ALA J 189 47.72 28.53 2.36
C ALA J 189 47.63 29.44 3.59
N ASN J 190 47.81 30.76 3.41
CA ASN J 190 47.76 31.74 4.51
C ASN J 190 46.32 32.21 4.87
N TYR J 191 45.30 31.79 4.10
CA TYR J 191 43.91 32.09 4.43
C TYR J 191 43.40 30.89 5.25
N GLN J 192 43.30 31.07 6.59
CA GLN J 192 43.03 29.97 7.48
C GLN J 192 41.72 30.06 8.25
N LEU J 193 41.14 28.88 8.49
CA LEU J 193 39.89 28.69 9.20
C LEU J 193 40.09 28.52 10.69
N SER J 194 39.22 29.20 11.46
CA SER J 194 39.16 29.10 12.91
C SER J 194 37.76 28.69 13.34
N ILE J 195 37.69 27.80 14.32
CA ILE J 195 36.42 27.39 14.94
C ILE J 195 36.42 28.06 16.32
N PHE J 196 35.32 28.71 16.66
CA PHE J 196 35.12 29.34 17.94
C PHE J 196 34.15 28.46 18.72
N GLN J 197 34.67 27.79 19.76
CA GLN J 197 33.93 26.88 20.60
C GLN J 197 33.25 27.66 21.73
N SER J 198 31.93 27.53 21.81
CA SER J 198 31.15 28.21 22.83
C SER J 198 31.42 27.59 24.21
N SER J 199 31.65 28.43 25.23
CA SER J 199 31.82 27.99 26.63
C SER J 199 30.48 27.40 27.15
N ASP J 200 29.37 28.03 26.77
CA ASP J 200 28.03 27.61 27.11
C ASP J 200 27.58 26.65 25.97
N LYS J 201 27.37 25.36 26.29
CA LYS J 201 26.97 24.32 25.33
C LYS J 201 25.54 24.50 24.76
N THR J 202 24.78 25.42 25.31
CA THR J 202 23.42 25.73 24.87
C THR J 202 23.46 26.69 23.63
N PHE J 203 24.60 27.35 23.40
CA PHE J 203 24.77 28.30 22.31
C PHE J 203 25.56 27.74 21.16
N GLN J 204 25.26 28.26 19.95
CA GLN J 204 25.97 27.89 18.72
C GLN J 204 27.46 28.17 18.74
N ASN J 205 28.21 27.28 18.09
CA ASN J 205 29.64 27.49 17.87
C ASN J 205 29.75 28.41 16.64
N LEU J 206 30.89 29.05 16.50
CA LEU J 206 31.09 29.99 15.42
C LEU J 206 32.30 29.63 14.62
N LEU J 207 32.38 30.19 13.42
CA LEU J 207 33.52 29.97 12.56
C LEU J 207 33.89 31.26 11.84
N SER J 208 35.17 31.44 11.59
CA SER J 208 35.71 32.65 10.95
C SER J 208 37.01 32.31 10.24
N ALA J 209 37.34 33.08 9.21
CA ALA J 209 38.58 32.89 8.49
C ALA J 209 39.30 34.21 8.34
N GLU J 210 40.63 34.16 8.34
CA GLU J 210 41.45 35.36 8.17
C GLU J 210 42.76 35.02 7.47
N TYR J 211 43.46 36.06 6.97
CA TYR J 211 44.78 35.90 6.38
C TYR J 211 45.75 35.90 7.57
N VAL J 212 46.67 34.93 7.60
CA VAL J 212 47.66 34.76 8.66
C VAL J 212 48.99 35.24 8.15
N SER K 6 -45.32 -5.62 19.70
CA SER K 6 -44.20 -6.22 20.41
C SER K 6 -43.47 -7.30 19.58
N VAL K 7 -42.14 -7.37 19.73
CA VAL K 7 -41.28 -8.33 19.03
C VAL K 7 -41.42 -9.75 19.64
N PRO K 8 -41.78 -10.78 18.83
CA PRO K 8 -41.91 -12.15 19.39
C PRO K 8 -40.61 -12.71 19.93
N ASN K 9 -40.74 -13.49 21.02
CA ASN K 9 -39.62 -14.11 21.72
C ASN K 9 -39.85 -15.63 21.84
N LYS K 10 -39.66 -16.35 20.72
CA LYS K 10 -39.81 -17.80 20.61
C LYS K 10 -38.44 -18.47 20.44
N GLN K 11 -38.20 -19.52 21.23
CA GLN K 11 -36.93 -20.26 21.22
C GLN K 11 -37.14 -21.56 20.44
N SER K 12 -36.18 -21.89 19.53
CA SER K 12 -36.23 -23.11 18.72
C SER K 12 -36.13 -24.40 19.53
N SER K 13 -36.91 -25.41 19.12
CA SER K 13 -36.94 -26.76 19.70
C SER K 13 -36.14 -27.69 18.76
N VAL K 14 -35.68 -27.15 17.62
CA VAL K 14 -34.94 -27.87 16.58
C VAL K 14 -33.46 -27.46 16.60
N GLN K 15 -32.60 -28.45 16.89
CA GLN K 15 -31.14 -28.26 16.93
C GLN K 15 -30.65 -27.87 15.53
N ASP K 16 -29.77 -26.85 15.48
CA ASP K 16 -29.16 -26.27 14.27
C ASP K 16 -30.13 -25.41 13.41
N TYR K 17 -31.37 -25.19 13.91
CA TYR K 17 -32.36 -24.33 13.24
C TYR K 17 -32.86 -23.31 14.28
N PRO K 18 -31.97 -22.35 14.71
CA PRO K 18 -32.36 -21.39 15.77
C PRO K 18 -33.33 -20.25 15.39
N TRP K 19 -33.16 -19.63 14.19
CA TRP K 19 -33.94 -18.46 13.72
C TRP K 19 -35.44 -18.74 13.56
N TYR K 20 -36.28 -17.91 14.19
CA TYR K 20 -37.75 -18.02 14.11
C TYR K 20 -38.24 -17.17 12.89
N GLY K 21 -38.83 -17.82 11.89
CA GLY K 21 -39.38 -17.16 10.71
C GLY K 21 -40.89 -17.14 10.75
N TYR K 22 -41.52 -15.94 10.62
CA TYR K 22 -42.97 -15.83 10.72
C TYR K 22 -43.54 -14.72 9.87
N ASP K 23 -44.87 -14.72 9.72
CA ASP K 23 -45.57 -13.64 9.05
C ASP K 23 -46.14 -12.69 10.16
N SER K 24 -45.60 -11.45 10.25
CA SER K 24 -46.06 -10.45 11.21
C SER K 24 -47.36 -9.76 10.78
N TYR K 25 -47.86 -10.00 9.54
CA TYR K 25 -49.16 -9.46 9.13
C TYR K 25 -50.19 -10.42 9.74
N SER K 26 -50.54 -10.14 11.00
CA SER K 26 -51.35 -10.98 11.87
C SER K 26 -52.11 -10.09 12.87
N LYS K 27 -53.04 -10.68 13.69
CA LYS K 27 -53.81 -9.92 14.70
C LYS K 27 -52.88 -9.05 15.55
N GLY K 28 -53.21 -7.76 15.66
CA GLY K 28 -52.39 -6.79 16.38
C GLY K 28 -51.63 -5.86 15.45
N TYR K 29 -51.39 -6.28 14.19
CA TYR K 29 -50.72 -5.44 13.19
C TYR K 29 -51.68 -4.30 12.81
N PRO K 30 -51.21 -3.03 12.65
CA PRO K 30 -52.14 -1.94 12.31
C PRO K 30 -52.91 -2.15 11.01
N ASP K 31 -54.25 -2.04 11.09
CA ASP K 31 -55.24 -2.22 10.00
C ASP K 31 -55.26 -3.66 9.44
N TYR K 32 -54.86 -4.65 10.27
CA TYR K 32 -54.84 -6.05 9.87
C TYR K 32 -56.23 -6.56 9.49
N SER K 33 -56.30 -7.27 8.37
CA SER K 33 -57.50 -7.96 7.90
C SER K 33 -57.09 -9.37 7.49
N PRO K 34 -57.77 -10.42 8.02
CA PRO K 34 -57.40 -11.80 7.62
C PRO K 34 -57.80 -12.14 6.19
N LEU K 35 -58.56 -11.24 5.52
CA LEU K 35 -59.03 -11.43 4.15
C LEU K 35 -58.17 -10.74 3.10
N LYS K 36 -57.12 -10.03 3.54
CA LYS K 36 -56.18 -9.32 2.65
C LYS K 36 -54.95 -10.17 2.39
N THR K 37 -54.51 -10.22 1.12
CA THR K 37 -53.35 -11.01 0.67
C THR K 37 -51.98 -10.37 1.00
N TYR K 38 -51.90 -9.54 2.05
CA TYR K 38 -50.64 -8.93 2.44
C TYR K 38 -49.83 -9.89 3.28
N HIS K 39 -48.54 -9.67 3.35
CA HIS K 39 -47.59 -10.42 4.19
C HIS K 39 -46.56 -9.44 4.68
N ASN K 40 -45.93 -9.77 5.80
CA ASN K 40 -44.83 -8.97 6.33
C ASN K 40 -43.95 -9.96 7.07
N LEU K 41 -43.17 -10.70 6.29
CA LEU K 41 -42.32 -11.75 6.84
C LEU K 41 -41.11 -11.22 7.58
N LYS K 42 -40.79 -11.84 8.70
CA LYS K 42 -39.68 -11.46 9.56
C LYS K 42 -38.92 -12.67 10.04
N VAL K 43 -37.64 -12.46 10.36
CA VAL K 43 -36.78 -13.45 11.01
C VAL K 43 -36.24 -12.75 12.26
N ASN K 44 -36.01 -13.52 13.35
CA ASN K 44 -35.47 -12.99 14.60
C ASN K 44 -34.94 -14.13 15.50
N LEU K 45 -34.01 -13.77 16.41
CA LEU K 45 -33.38 -14.71 17.31
C LEU K 45 -33.87 -14.50 18.69
N ASP K 46 -34.54 -15.52 19.28
CA ASP K 46 -35.17 -15.48 20.60
C ASP K 46 -35.38 -14.03 21.13
N GLY K 47 -36.33 -13.30 20.51
CA GLY K 47 -36.71 -11.95 20.91
C GLY K 47 -35.90 -10.75 20.45
N SER K 48 -34.70 -10.96 19.89
CA SER K 48 -33.85 -9.85 19.41
C SER K 48 -34.42 -9.23 18.12
N LYS K 49 -33.70 -8.25 17.54
CA LYS K 49 -34.03 -7.47 16.36
C LYS K 49 -34.75 -8.26 15.25
N GLU K 50 -35.87 -7.71 14.73
CA GLU K 50 -36.59 -8.31 13.59
C GLU K 50 -35.91 -7.85 12.31
N TYR K 51 -35.70 -8.80 11.39
CA TYR K 51 -35.08 -8.54 10.10
C TYR K 51 -36.14 -8.80 9.01
N GLN K 52 -36.24 -7.84 8.07
CA GLN K 52 -37.21 -7.95 6.99
C GLN K 52 -36.80 -9.17 6.14
N ALA K 53 -37.78 -10.02 5.84
CA ALA K 53 -37.54 -11.25 5.13
C ALA K 53 -38.55 -11.39 4.00
N TYR K 54 -38.19 -12.18 2.98
CA TYR K 54 -39.06 -12.51 1.86
C TYR K 54 -38.87 -14.00 1.61
N CYS K 55 -39.98 -14.67 1.20
CA CYS K 55 -40.00 -16.08 0.90
C CYS K 55 -39.68 -16.42 -0.57
N PHE K 56 -39.43 -17.72 -0.79
CA PHE K 56 -39.26 -18.33 -2.09
C PHE K 56 -39.74 -19.79 -2.05
N ASN K 57 -40.09 -20.35 -3.22
CA ASN K 57 -40.68 -21.69 -3.39
C ASN K 57 -42.19 -21.58 -3.32
N LEU K 58 -42.78 -21.15 -4.42
CA LEU K 58 -44.22 -20.93 -4.57
C LEU K 58 -45.13 -22.15 -4.20
N THR K 59 -44.62 -23.40 -4.37
CA THR K 59 -45.39 -24.63 -4.12
C THR K 59 -45.34 -25.12 -2.65
N LYS K 60 -44.66 -24.37 -1.78
CA LYS K 60 -44.54 -24.69 -0.36
C LYS K 60 -45.47 -23.78 0.45
N HIS K 61 -45.67 -24.08 1.75
CA HIS K 61 -46.52 -23.29 2.67
C HIS K 61 -45.86 -21.99 3.07
N PHE K 62 -46.65 -20.94 3.17
CA PHE K 62 -46.18 -19.64 3.69
C PHE K 62 -45.83 -19.84 5.18
N PRO K 63 -44.86 -19.08 5.75
CA PRO K 63 -44.61 -19.20 7.21
C PRO K 63 -45.85 -18.76 7.99
N SER K 64 -46.18 -19.48 9.09
CA SER K 64 -47.34 -19.20 9.96
C SER K 64 -47.29 -17.77 10.50
N LYS K 65 -48.47 -17.24 10.81
CA LYS K 65 -48.65 -15.93 11.41
C LYS K 65 -48.06 -15.96 12.83
N SER K 66 -47.59 -14.81 13.33
CA SER K 66 -46.98 -14.72 14.66
C SER K 66 -47.89 -15.15 15.82
N ASP K 67 -49.24 -15.08 15.66
CA ASP K 67 -50.15 -15.51 16.73
C ASP K 67 -50.55 -17.00 16.64
N SER K 68 -49.90 -17.76 15.74
CA SER K 68 -50.17 -19.20 15.59
C SER K 68 -49.44 -19.96 16.72
N VAL K 69 -49.97 -21.14 17.10
CA VAL K 69 -49.31 -22.02 18.06
C VAL K 69 -48.14 -22.74 17.33
N ARG K 70 -48.27 -22.92 15.99
CA ARG K 70 -47.23 -23.51 15.12
C ARG K 70 -46.13 -22.43 14.86
N SER K 71 -44.86 -22.81 14.95
CA SER K 71 -43.73 -21.92 14.70
C SER K 71 -42.77 -22.64 13.77
N GLN K 72 -42.26 -21.91 12.75
CA GLN K 72 -41.26 -22.45 11.83
C GLN K 72 -39.89 -21.90 12.21
N TRP K 73 -38.89 -22.79 12.08
CA TRP K 73 -37.50 -22.65 12.48
C TRP K 73 -36.57 -22.69 11.33
N TYR K 74 -35.52 -21.87 11.41
CA TYR K 74 -34.60 -21.64 10.29
C TYR K 74 -33.11 -21.71 10.66
N LYS K 75 -32.30 -22.11 9.67
CA LYS K 75 -30.85 -22.19 9.75
C LYS K 75 -30.35 -21.08 8.82
N LYS K 76 -29.62 -20.12 9.38
CA LYS K 76 -29.04 -19.02 8.61
C LYS K 76 -27.76 -19.48 7.89
N LEU K 77 -27.83 -19.44 6.58
CA LEU K 77 -26.79 -19.79 5.59
C LEU K 77 -26.36 -18.51 4.85
N GLU K 78 -25.09 -18.48 4.34
CA GLU K 78 -24.61 -17.34 3.56
C GLU K 78 -25.36 -17.41 2.19
N GLY K 79 -25.79 -16.25 1.69
CA GLY K 79 -26.58 -16.15 0.45
C GLY K 79 -25.86 -16.43 -0.84
N THR K 80 -25.28 -17.65 -0.99
CA THR K 80 -24.52 -18.10 -2.17
C THR K 80 -25.39 -18.72 -3.28
N ASN K 81 -24.92 -18.65 -4.54
CA ASN K 81 -25.61 -19.25 -5.69
C ASN K 81 -25.74 -20.76 -5.46
N GLU K 82 -24.63 -21.41 -5.00
CA GLU K 82 -24.62 -22.84 -4.65
C GLU K 82 -25.79 -23.19 -3.67
N ASN K 83 -26.01 -22.36 -2.63
CA ASN K 83 -27.09 -22.49 -1.66
C ASN K 83 -28.48 -22.17 -2.23
N PHE K 84 -28.54 -21.22 -3.19
CA PHE K 84 -29.79 -20.83 -3.88
C PHE K 84 -30.24 -22.01 -4.71
N ILE K 85 -29.35 -22.52 -5.59
CA ILE K 85 -29.48 -23.68 -6.47
C ILE K 85 -29.86 -24.95 -5.69
N LYS K 86 -29.31 -25.11 -4.46
CA LYS K 86 -29.60 -26.25 -3.59
C LYS K 86 -31.05 -26.20 -3.04
N LEU K 87 -31.55 -24.99 -2.69
CA LEU K 87 -32.87 -24.86 -2.03
C LEU K 87 -34.02 -24.27 -2.89
N ALA K 88 -33.73 -23.50 -3.96
CA ALA K 88 -34.70 -22.88 -4.89
C ALA K 88 -35.16 -23.87 -5.96
N ASP K 89 -36.49 -23.95 -6.17
CA ASP K 89 -37.15 -24.86 -7.12
C ASP K 89 -36.83 -24.54 -8.57
N LYS K 90 -37.11 -23.29 -9.01
CA LYS K 90 -36.88 -22.83 -10.39
C LYS K 90 -36.10 -21.47 -10.38
N PRO K 91 -34.84 -21.39 -9.84
CA PRO K 91 -34.13 -20.10 -9.85
C PRO K 91 -33.97 -19.52 -11.24
N ARG K 92 -34.13 -18.20 -11.35
CA ARG K 92 -34.02 -17.49 -12.61
C ARG K 92 -32.61 -16.99 -12.88
N ILE K 93 -32.43 -16.32 -14.05
CA ILE K 93 -31.20 -15.77 -14.65
C ILE K 93 -30.27 -15.05 -13.62
N GLU K 94 -28.97 -15.14 -13.94
CA GLU K 94 -27.83 -14.60 -13.21
C GLU K 94 -26.89 -13.96 -14.22
N ASP K 95 -26.02 -14.80 -14.85
CA ASP K 95 -24.99 -14.49 -15.84
C ASP K 95 -23.86 -13.66 -15.19
N GLY K 96 -23.80 -13.76 -13.85
CA GLY K 96 -22.86 -13.09 -12.98
C GLY K 96 -23.53 -12.49 -11.75
N GLN K 97 -24.88 -12.47 -11.70
CA GLN K 97 -25.58 -11.85 -10.56
C GLN K 97 -26.90 -12.53 -10.08
N LEU K 98 -26.99 -13.86 -9.83
CA LEU K 98 -28.30 -14.36 -9.28
C LEU K 98 -28.40 -13.90 -7.87
N GLN K 99 -27.41 -14.26 -7.02
CA GLN K 99 -27.29 -13.86 -5.62
C GLN K 99 -27.14 -12.33 -5.51
N GLN K 100 -26.42 -11.68 -6.45
CA GLN K 100 -26.23 -10.24 -6.35
C GLN K 100 -27.43 -9.46 -6.90
N ASN K 101 -28.19 -9.98 -7.90
CA ASN K 101 -29.40 -9.30 -8.38
C ASN K 101 -30.48 -9.32 -7.29
N ILE K 102 -30.51 -10.41 -6.48
CA ILE K 102 -31.44 -10.58 -5.35
C ILE K 102 -31.03 -9.61 -4.26
N LEU K 103 -29.72 -9.48 -4.04
CA LEU K 103 -29.10 -8.57 -3.09
C LEU K 103 -29.37 -7.11 -3.49
N ARG K 104 -29.46 -6.82 -4.83
CA ARG K 104 -29.78 -5.48 -5.37
C ARG K 104 -31.20 -5.04 -4.93
N ILE K 105 -32.20 -5.93 -5.18
CA ILE K 105 -33.61 -5.78 -4.84
C ILE K 105 -33.82 -5.45 -3.35
N LEU K 106 -33.09 -6.09 -2.44
CA LEU K 106 -33.23 -5.85 -0.99
C LEU K 106 -32.64 -4.50 -0.51
N TYR K 107 -31.51 -4.04 -1.07
CA TYR K 107 -30.90 -2.74 -0.70
C TYR K 107 -31.76 -1.53 -1.24
N ASN K 108 -32.63 -1.79 -2.26
CA ASN K 108 -33.50 -0.77 -2.89
C ASN K 108 -34.99 -1.02 -2.66
N GLY K 109 -35.30 -2.15 -2.02
CA GLY K 109 -36.66 -2.53 -1.68
C GLY K 109 -37.02 -2.16 -0.26
N TYR K 110 -38.20 -2.67 0.20
CA TYR K 110 -38.66 -2.41 1.57
C TYR K 110 -37.78 -3.13 2.61
N PRO K 111 -37.22 -2.39 3.60
CA PRO K 111 -37.41 -0.97 3.88
C PRO K 111 -36.21 -0.05 3.58
N ASN K 112 -35.06 -0.61 3.15
CA ASN K 112 -33.81 0.14 2.97
C ASN K 112 -33.95 1.39 2.08
N ASP K 113 -34.60 1.24 0.90
CA ASP K 113 -34.94 2.30 -0.06
C ASP K 113 -33.95 3.51 -0.11
N ARG K 114 -32.66 3.26 -0.43
CA ARG K 114 -31.65 4.32 -0.48
C ARG K 114 -31.74 5.15 -1.77
N ASN K 115 -32.23 4.55 -2.88
CA ASN K 115 -32.42 5.22 -4.16
C ASN K 115 -33.89 5.68 -4.39
N GLY K 116 -34.73 5.48 -3.38
CA GLY K 116 -36.13 5.89 -3.37
C GLY K 116 -37.00 5.23 -4.42
N ILE K 117 -36.74 3.94 -4.73
CA ILE K 117 -37.56 3.19 -5.70
C ILE K 117 -38.96 3.02 -5.10
N MET K 118 -39.02 2.68 -3.79
CA MET K 118 -40.22 2.46 -2.99
C MET K 118 -40.89 3.77 -2.53
N LYS K 119 -40.34 4.95 -2.91
CA LYS K 119 -40.90 6.26 -2.53
C LYS K 119 -42.35 6.41 -2.97
N GLY K 120 -43.19 6.82 -2.02
CA GLY K 120 -44.63 7.05 -2.20
C GLY K 120 -45.51 5.82 -2.04
N ILE K 121 -44.89 4.64 -1.97
CA ILE K 121 -45.60 3.36 -1.81
C ILE K 121 -45.79 3.04 -0.31
N ASP K 122 -47.05 2.75 0.08
CA ASP K 122 -47.43 2.37 1.46
C ASP K 122 -46.66 1.10 1.87
N PRO K 123 -46.23 0.97 3.16
CA PRO K 123 -45.39 -0.16 3.57
C PRO K 123 -45.79 -1.57 3.07
N LEU K 124 -47.05 -1.99 3.27
CA LEU K 124 -47.52 -3.32 2.85
C LEU K 124 -47.52 -3.50 1.34
N ASN K 125 -47.78 -2.41 0.60
CA ASN K 125 -47.70 -2.41 -0.87
C ASN K 125 -46.25 -2.50 -1.33
N ALA K 126 -45.32 -1.87 -0.58
CA ALA K 126 -43.89 -1.88 -0.89
C ALA K 126 -43.28 -3.28 -0.69
N ILE K 127 -43.71 -3.98 0.39
CA ILE K 127 -43.27 -5.36 0.65
C ILE K 127 -43.80 -6.23 -0.48
N LEU K 128 -45.10 -6.06 -0.82
CA LEU K 128 -45.73 -6.79 -1.91
C LEU K 128 -44.90 -6.68 -3.24
N VAL K 129 -44.47 -5.47 -3.58
CA VAL K 129 -43.67 -5.20 -4.79
C VAL K 129 -42.28 -5.86 -4.71
N THR K 130 -41.54 -5.64 -3.59
CA THR K 130 -40.24 -6.24 -3.35
C THR K 130 -40.34 -7.78 -3.50
N GLN K 131 -41.32 -8.42 -2.83
CA GLN K 131 -41.58 -9.87 -2.83
C GLN K 131 -41.81 -10.42 -4.22
N ASN K 132 -42.56 -9.67 -5.04
CA ASN K 132 -42.86 -10.06 -6.41
C ASN K 132 -41.62 -10.08 -7.27
N ALA K 133 -40.66 -9.15 -6.99
CA ALA K 133 -39.40 -9.05 -7.71
C ALA K 133 -38.51 -10.24 -7.31
N ILE K 134 -38.47 -10.55 -5.99
CA ILE K 134 -37.75 -11.67 -5.40
C ILE K 134 -38.27 -12.93 -6.10
N TRP K 135 -39.60 -13.24 -6.00
CA TRP K 135 -40.20 -14.39 -6.69
C TRP K 135 -39.82 -14.54 -8.17
N TYR K 136 -39.72 -13.42 -8.93
CA TYR K 136 -39.30 -13.41 -10.35
C TYR K 136 -37.90 -14.06 -10.51
N TYR K 137 -36.98 -13.75 -9.58
CA TYR K 137 -35.61 -14.28 -9.54
C TYR K 137 -35.48 -15.65 -8.87
N THR K 138 -36.10 -15.84 -7.70
CA THR K 138 -35.99 -17.08 -6.94
C THR K 138 -36.83 -18.24 -7.50
N ASP K 139 -37.98 -17.92 -8.15
CA ASP K 139 -38.93 -18.92 -8.62
C ASP K 139 -39.33 -18.77 -10.08
N SER K 140 -38.64 -17.90 -10.82
CA SER K 140 -38.94 -17.60 -12.25
C SER K 140 -40.43 -17.36 -12.49
N SER K 141 -41.06 -16.54 -11.63
CA SER K 141 -42.49 -16.19 -11.75
C SER K 141 -42.65 -15.23 -12.91
N TYR K 142 -43.44 -15.66 -13.92
CA TYR K 142 -43.75 -14.98 -15.17
C TYR K 142 -44.17 -13.52 -15.00
N ILE K 143 -43.36 -12.61 -15.55
CA ILE K 143 -43.64 -11.18 -15.59
C ILE K 143 -43.30 -10.73 -17.01
N SER K 144 -44.33 -10.51 -17.83
CA SER K 144 -44.16 -10.08 -19.22
C SER K 144 -44.27 -8.57 -19.32
N ASP K 145 -45.40 -8.01 -18.83
CA ASP K 145 -45.66 -6.59 -18.88
C ASP K 145 -46.09 -6.08 -17.51
N THR K 146 -45.22 -5.27 -16.88
CA THR K 146 -45.47 -4.67 -15.56
C THR K 146 -46.65 -3.70 -15.56
N SER K 147 -47.03 -3.17 -16.74
CA SER K 147 -48.19 -2.27 -16.93
C SER K 147 -49.50 -2.99 -16.59
N LYS K 148 -49.49 -4.34 -16.67
CA LYS K 148 -50.62 -5.23 -16.41
C LYS K 148 -50.51 -5.94 -15.04
N ALA K 149 -49.39 -5.75 -14.31
CA ALA K 149 -49.14 -6.39 -13.02
C ALA K 149 -50.12 -5.95 -11.91
N PHE K 150 -50.30 -6.82 -10.89
CA PHE K 150 -51.14 -6.62 -9.70
C PHE K 150 -52.65 -6.46 -9.99
N GLN K 151 -53.14 -7.10 -11.08
CA GLN K 151 -54.57 -7.04 -11.42
C GLN K 151 -55.43 -7.73 -10.36
N GLN K 152 -54.99 -8.91 -9.89
CA GLN K 152 -55.65 -9.70 -8.85
C GLN K 152 -55.63 -8.92 -7.52
N GLU K 153 -54.46 -8.36 -7.14
CA GLU K 153 -54.21 -7.55 -5.95
C GLU K 153 -55.05 -6.27 -5.95
N GLU K 154 -55.25 -5.66 -7.14
CA GLU K 154 -56.06 -4.45 -7.31
C GLU K 154 -57.49 -4.68 -6.80
N THR K 155 -58.11 -5.82 -7.15
CA THR K 155 -59.47 -6.13 -6.73
C THR K 155 -59.50 -6.71 -5.30
N ASP K 156 -58.54 -7.60 -4.95
CA ASP K 156 -58.47 -8.20 -3.61
C ASP K 156 -58.13 -7.22 -2.49
N LEU K 157 -57.20 -6.27 -2.72
CA LEU K 157 -56.74 -5.29 -1.73
C LEU K 157 -57.35 -3.91 -1.92
N LYS K 158 -58.13 -3.73 -3.02
CA LYS K 158 -58.80 -2.47 -3.41
C LYS K 158 -57.77 -1.32 -3.44
N LEU K 159 -56.73 -1.48 -4.28
CA LEU K 159 -55.66 -0.52 -4.46
C LEU K 159 -56.14 0.64 -5.31
N ASP K 160 -55.84 1.88 -4.88
CA ASP K 160 -56.19 3.07 -5.66
C ASP K 160 -55.21 3.19 -6.84
N SER K 161 -55.60 3.96 -7.87
CA SER K 161 -54.81 4.18 -9.09
C SER K 161 -53.39 4.71 -8.83
N GLN K 162 -53.23 5.60 -7.83
CA GLN K 162 -51.95 6.21 -7.44
C GLN K 162 -50.97 5.15 -6.93
N GLN K 163 -51.43 4.31 -5.96
CA GLN K 163 -50.62 3.22 -5.40
C GLN K 163 -50.30 2.19 -6.46
N LEU K 164 -51.31 1.77 -7.25
CA LEU K 164 -51.15 0.78 -8.32
C LEU K 164 -50.11 1.19 -9.38
N GLN K 165 -50.13 2.48 -9.82
CA GLN K 165 -49.17 2.97 -10.80
C GLN K 165 -47.74 3.02 -10.26
N LEU K 166 -47.57 3.43 -8.98
CA LEU K 166 -46.27 3.49 -8.32
C LEU K 166 -45.69 2.07 -8.16
N MET K 167 -46.56 1.11 -7.81
CA MET K 167 -46.22 -0.28 -7.63
C MET K 167 -45.74 -0.93 -8.92
N ARG K 168 -46.45 -0.69 -10.03
CA ARG K 168 -46.12 -1.20 -11.37
C ARG K 168 -44.77 -0.69 -11.86
N ASN K 169 -44.51 0.63 -11.67
CA ASN K 169 -43.26 1.26 -12.04
C ASN K 169 -42.08 0.76 -11.19
N ALA K 170 -42.30 0.57 -9.85
CA ALA K 170 -41.27 0.06 -8.95
C ALA K 170 -40.87 -1.36 -9.30
N LEU K 171 -41.88 -2.23 -9.61
CA LEU K 171 -41.64 -3.62 -10.00
C LEU K 171 -40.80 -3.67 -11.28
N LYS K 172 -41.15 -2.83 -12.28
CA LYS K 172 -40.43 -2.68 -13.55
C LYS K 172 -38.94 -2.34 -13.32
N ARG K 173 -38.64 -1.40 -12.41
CA ARG K 173 -37.29 -0.94 -12.06
C ARG K 173 -36.41 -2.08 -11.49
N LEU K 174 -36.89 -2.71 -10.41
CA LEU K 174 -36.21 -3.77 -9.65
C LEU K 174 -35.89 -5.02 -10.45
N ILE K 175 -36.75 -5.41 -11.42
CA ILE K 175 -36.53 -6.64 -12.20
C ILE K 175 -35.67 -6.39 -13.44
N ASN K 176 -35.13 -5.16 -13.60
CA ASN K 176 -34.23 -4.79 -14.70
C ASN K 176 -32.80 -4.65 -14.15
N PRO K 177 -31.96 -5.72 -14.24
CA PRO K 177 -30.58 -5.65 -13.70
C PRO K 177 -29.73 -4.47 -14.14
N LYS K 178 -29.93 -4.00 -15.39
CA LYS K 178 -29.23 -2.87 -16.00
C LYS K 178 -29.57 -1.57 -15.26
N GLU K 179 -30.87 -1.31 -15.07
CA GLU K 179 -31.43 -0.14 -14.41
C GLU K 179 -30.98 -0.04 -12.94
N VAL K 180 -31.06 -1.16 -12.18
CA VAL K 180 -30.65 -1.23 -10.75
C VAL K 180 -29.16 -0.87 -10.58
N GLU K 181 -28.28 -1.41 -11.43
CA GLU K 181 -26.84 -1.14 -11.41
C GLU K 181 -26.50 0.34 -11.73
N SER K 182 -27.35 1.01 -12.54
CA SER K 182 -27.15 2.42 -12.97
C SER K 182 -27.55 3.48 -11.91
N LEU K 183 -28.17 3.05 -10.80
CA LEU K 183 -28.64 3.93 -9.71
C LEU K 183 -27.50 4.68 -8.93
N PRO K 184 -27.77 5.90 -8.34
CA PRO K 184 -26.72 6.66 -7.64
C PRO K 184 -26.05 5.92 -6.48
N ASN K 185 -26.85 5.32 -5.57
CA ASN K 185 -26.28 4.61 -4.42
C ASN K 185 -26.23 3.11 -4.62
N GLN K 186 -25.00 2.58 -4.64
CA GLN K 186 -24.75 1.17 -4.87
C GLN K 186 -24.41 0.40 -3.61
N VAL K 187 -24.79 -0.88 -3.64
CA VAL K 187 -24.63 -1.88 -2.60
C VAL K 187 -23.18 -1.96 -2.09
N PRO K 188 -22.93 -1.62 -0.81
CA PRO K 188 -21.54 -1.70 -0.31
C PRO K 188 -21.17 -3.12 0.09
N ALA K 189 -19.85 -3.40 0.21
CA ALA K 189 -19.31 -4.71 0.58
C ALA K 189 -19.91 -5.29 1.87
N ASN K 190 -20.29 -4.41 2.82
CA ASN K 190 -20.83 -4.82 4.12
C ASN K 190 -22.34 -5.11 4.11
N TYR K 191 -23.05 -4.84 2.99
CA TYR K 191 -24.48 -5.17 2.89
C TYR K 191 -24.54 -6.57 2.26
N GLN K 192 -24.81 -7.60 3.09
CA GLN K 192 -24.71 -8.98 2.63
C GLN K 192 -26.00 -9.78 2.70
N LEU K 193 -26.14 -10.73 1.76
CA LEU K 193 -27.31 -11.60 1.67
C LEU K 193 -27.22 -12.83 2.63
N SER K 194 -28.40 -13.36 3.03
CA SER K 194 -28.54 -14.54 3.88
C SER K 194 -29.77 -15.39 3.48
N ILE K 195 -29.63 -16.72 3.56
CA ILE K 195 -30.68 -17.71 3.26
C ILE K 195 -31.02 -18.45 4.55
N PHE K 196 -32.30 -18.61 4.77
CA PHE K 196 -32.86 -19.21 5.96
C PHE K 196 -33.57 -20.46 5.51
N GLN K 197 -32.88 -21.60 5.65
CA GLN K 197 -33.33 -22.92 5.30
C GLN K 197 -34.39 -23.38 6.29
N SER K 198 -35.55 -23.75 5.80
CA SER K 198 -36.64 -24.25 6.63
C SER K 198 -36.36 -25.72 6.97
N SER K 199 -36.43 -25.99 8.29
CA SER K 199 -36.29 -27.29 8.93
C SER K 199 -37.41 -28.19 8.40
N ASP K 200 -38.65 -27.68 8.39
CA ASP K 200 -39.82 -28.34 7.81
C ASP K 200 -39.77 -27.96 6.32
N LYS K 201 -39.52 -28.93 5.43
CA LYS K 201 -39.44 -28.53 4.04
C LYS K 201 -40.78 -28.70 3.30
N THR K 202 -41.90 -28.51 4.02
CA THR K 202 -43.26 -28.41 3.45
C THR K 202 -43.59 -26.90 3.53
N PHE K 203 -42.66 -26.13 4.13
CA PHE K 203 -42.74 -24.68 4.32
C PHE K 203 -41.66 -24.04 3.46
N GLN K 204 -41.94 -22.79 3.01
CA GLN K 204 -41.05 -21.96 2.18
C GLN K 204 -39.77 -21.55 2.93
N ASN K 205 -38.66 -21.42 2.20
CA ASN K 205 -37.39 -20.94 2.75
C ASN K 205 -37.51 -19.44 2.70
N LEU K 206 -36.59 -18.78 3.40
CA LEU K 206 -36.60 -17.34 3.48
C LEU K 206 -35.26 -16.77 3.08
N LEU K 207 -35.29 -15.49 2.71
CA LEU K 207 -34.14 -14.69 2.29
C LEU K 207 -34.24 -13.35 2.98
N SER K 208 -33.07 -12.80 3.43
CA SER K 208 -32.91 -11.50 4.08
C SER K 208 -31.47 -11.01 3.90
N ALA K 209 -31.27 -9.68 3.90
CA ALA K 209 -29.98 -9.00 3.79
C ALA K 209 -29.84 -8.02 4.93
N GLU K 210 -28.60 -7.81 5.38
CA GLU K 210 -28.29 -6.91 6.50
C GLU K 210 -26.91 -6.30 6.34
N TYR K 211 -26.64 -5.23 7.09
CA TYR K 211 -25.32 -4.61 7.15
C TYR K 211 -24.49 -5.41 8.14
N GLN L 5 -61.12 -36.82 3.25
CA GLN L 5 -60.69 -37.73 4.30
C GLN L 5 -61.54 -37.56 5.60
N SER L 6 -62.53 -38.47 5.89
CA SER L 6 -62.98 -39.65 5.12
C SER L 6 -64.41 -40.12 5.60
N VAL L 7 -65.52 -39.49 5.16
CA VAL L 7 -65.62 -38.29 4.30
C VAL L 7 -66.08 -37.11 5.20
N PRO L 8 -65.38 -35.95 5.23
CA PRO L 8 -65.85 -34.85 6.10
C PRO L 8 -67.23 -34.29 5.72
N ASN L 9 -67.98 -33.84 6.74
CA ASN L 9 -69.31 -33.24 6.60
C ASN L 9 -69.32 -31.90 7.30
N LYS L 10 -69.01 -30.84 6.56
CA LYS L 10 -68.97 -29.47 7.09
C LYS L 10 -69.89 -28.58 6.26
N GLN L 11 -70.83 -27.91 6.94
CA GLN L 11 -71.80 -27.03 6.28
C GLN L 11 -71.30 -25.58 6.25
N SER L 12 -71.37 -24.95 5.09
CA SER L 12 -70.98 -23.55 4.92
C SER L 12 -71.97 -22.61 5.61
N SER L 13 -71.48 -21.50 6.12
CA SER L 13 -72.33 -20.43 6.68
C SER L 13 -72.33 -19.26 5.69
N VAL L 14 -71.64 -19.44 4.54
CA VAL L 14 -71.47 -18.45 3.49
C VAL L 14 -72.47 -18.61 2.32
N GLN L 15 -73.33 -17.56 2.11
CA GLN L 15 -74.30 -17.48 1.00
C GLN L 15 -73.54 -17.56 -0.32
N ASP L 16 -73.98 -18.49 -1.18
CA ASP L 16 -73.45 -18.79 -2.51
C ASP L 16 -72.10 -19.52 -2.50
N TYR L 17 -71.53 -19.88 -1.33
CA TYR L 17 -70.26 -20.63 -1.22
C TYR L 17 -70.49 -21.89 -0.38
N PRO L 18 -71.27 -22.88 -0.89
CA PRO L 18 -71.59 -24.06 -0.08
C PRO L 18 -70.55 -25.21 -0.09
N TRP L 19 -69.65 -25.21 -1.06
CA TRP L 19 -68.65 -26.27 -1.20
C TRP L 19 -67.52 -26.14 -0.17
N TYR L 20 -67.16 -27.26 0.40
CA TYR L 20 -66.08 -27.35 1.36
C TYR L 20 -64.86 -27.81 0.58
N GLY L 21 -63.81 -26.98 0.63
CA GLY L 21 -62.55 -27.24 -0.08
C GLY L 21 -61.41 -27.46 0.90
N TYR L 22 -60.69 -28.58 0.75
CA TYR L 22 -59.66 -28.94 1.73
C TYR L 22 -58.55 -29.86 1.18
N ASP L 23 -57.47 -30.01 1.97
CA ASP L 23 -56.42 -30.95 1.66
C ASP L 23 -56.68 -32.24 2.50
N SER L 24 -57.01 -33.36 1.83
CA SER L 24 -57.26 -34.64 2.49
C SER L 24 -55.95 -35.38 2.85
N TYR L 25 -54.77 -34.90 2.35
CA TYR L 25 -53.47 -35.49 2.73
C TYR L 25 -53.18 -34.91 4.12
N SER L 26 -53.72 -35.59 5.15
CA SER L 26 -53.75 -35.15 6.53
C SER L 26 -53.72 -36.41 7.43
N LYS L 27 -53.59 -36.25 8.78
CA LYS L 27 -53.60 -37.35 9.75
C LYS L 27 -54.79 -38.28 9.48
N GLY L 28 -54.51 -39.57 9.35
CA GLY L 28 -55.52 -40.57 9.05
C GLY L 28 -55.45 -41.10 7.63
N TYR L 29 -54.85 -40.30 6.70
CA TYR L 29 -54.68 -40.69 5.29
C TYR L 29 -53.64 -41.84 5.24
N PRO L 30 -53.85 -42.89 4.42
CA PRO L 30 -52.86 -43.99 4.37
C PRO L 30 -51.45 -43.55 3.96
N ASP L 31 -50.42 -43.92 4.77
CA ASP L 31 -49.00 -43.58 4.55
C ASP L 31 -48.70 -42.08 4.78
N TYR L 32 -49.62 -41.33 5.43
CA TYR L 32 -49.44 -39.90 5.68
C TYR L 32 -48.18 -39.58 6.46
N SER L 33 -47.42 -38.59 5.97
CA SER L 33 -46.26 -38.05 6.65
C SER L 33 -46.37 -36.52 6.61
N PRO L 34 -46.25 -35.83 7.77
CA PRO L 34 -46.34 -34.36 7.76
C PRO L 34 -45.10 -33.67 7.16
N LEU L 35 -44.07 -34.46 6.84
CA LEU L 35 -42.83 -33.96 6.26
C LEU L 35 -42.78 -34.10 4.72
N LYS L 36 -43.84 -34.71 4.12
CA LYS L 36 -43.95 -34.91 2.67
C LYS L 36 -44.79 -33.80 2.02
N THR L 37 -44.31 -33.29 0.87
CA THR L 37 -44.95 -32.23 0.09
C THR L 37 -46.10 -32.73 -0.80
N TYR L 38 -46.78 -33.80 -0.39
CA TYR L 38 -47.92 -34.30 -1.17
C TYR L 38 -49.17 -33.51 -0.84
N HIS L 39 -50.15 -33.57 -1.74
CA HIS L 39 -51.45 -32.95 -1.52
C HIS L 39 -52.48 -33.87 -2.08
N ASN L 40 -53.64 -33.87 -1.46
CA ASN L 40 -54.81 -34.57 -2.00
C ASN L 40 -56.05 -33.67 -1.82
N LEU L 41 -56.15 -32.66 -2.67
CA LEU L 41 -57.21 -31.67 -2.60
C LEU L 41 -58.54 -32.22 -3.04
N LYS L 42 -59.57 -31.91 -2.25
CA LYS L 42 -60.92 -32.34 -2.52
C LYS L 42 -61.90 -31.23 -2.33
N VAL L 43 -63.08 -31.36 -2.98
CA VAL L 43 -64.27 -30.52 -2.80
C VAL L 43 -65.44 -31.47 -2.56
N ASN L 44 -66.30 -31.13 -1.60
CA ASN L 44 -67.53 -31.89 -1.35
C ASN L 44 -68.61 -30.96 -0.83
N LEU L 45 -69.85 -31.41 -0.92
CA LEU L 45 -71.04 -30.66 -0.50
C LEU L 45 -71.68 -31.39 0.67
N ASP L 46 -71.58 -30.82 1.89
CA ASP L 46 -72.22 -31.36 3.10
C ASP L 46 -72.10 -32.89 3.26
N GLY L 47 -70.85 -33.38 3.27
CA GLY L 47 -70.58 -34.80 3.44
C GLY L 47 -70.87 -35.72 2.26
N SER L 48 -71.19 -35.13 1.09
CA SER L 48 -71.44 -35.90 -0.13
C SER L 48 -70.12 -36.47 -0.69
N LYS L 49 -70.20 -37.12 -1.86
CA LYS L 49 -69.09 -37.68 -2.63
C LYS L 49 -67.97 -36.64 -2.78
N GLU L 50 -66.71 -37.09 -2.58
N GLU L 50 -66.70 -37.08 -2.59
CA GLU L 50 -65.52 -36.24 -2.78
CA GLU L 50 -65.50 -36.25 -2.73
C GLU L 50 -65.21 -36.13 -4.26
C GLU L 50 -65.09 -36.15 -4.20
N TYR L 51 -64.87 -34.92 -4.70
CA TYR L 51 -64.45 -34.71 -6.08
C TYR L 51 -63.00 -34.33 -6.02
N GLN L 52 -62.19 -34.93 -6.88
CA GLN L 52 -60.77 -34.62 -6.91
C GLN L 52 -60.57 -33.17 -7.37
N ALA L 53 -59.77 -32.42 -6.63
CA ALA L 53 -59.53 -31.02 -6.94
C ALA L 53 -58.05 -30.71 -7.17
N TYR L 54 -57.79 -29.62 -7.94
CA TYR L 54 -56.45 -29.11 -8.25
C TYR L 54 -56.47 -27.62 -8.04
N CYS L 55 -55.39 -27.09 -7.43
CA CYS L 55 -55.32 -25.68 -7.07
C CYS L 55 -54.67 -24.78 -8.14
N PHE L 56 -54.94 -23.49 -8.04
CA PHE L 56 -54.31 -22.44 -8.83
C PHE L 56 -54.14 -21.22 -7.97
N ASN L 57 -53.34 -20.22 -8.42
CA ASN L 57 -52.92 -19.02 -7.67
C ASN L 57 -51.79 -19.45 -6.72
N LEU L 58 -50.59 -19.57 -7.26
CA LEU L 58 -49.41 -20.00 -6.48
C LEU L 58 -49.07 -19.06 -5.35
N THR L 59 -49.39 -17.79 -5.47
CA THR L 59 -49.04 -16.82 -4.41
C THR L 59 -50.05 -16.84 -3.23
N LYS L 60 -51.15 -17.62 -3.33
CA LYS L 60 -52.15 -17.68 -2.26
C LYS L 60 -51.94 -18.92 -1.39
N HIS L 61 -52.73 -19.06 -0.30
CA HIS L 61 -52.57 -20.18 0.63
C HIS L 61 -53.16 -21.45 0.12
N PHE L 62 -52.50 -22.58 0.44
CA PHE L 62 -53.04 -23.92 0.15
C PHE L 62 -54.32 -24.07 0.97
N PRO L 63 -55.36 -24.80 0.48
CA PRO L 63 -56.51 -25.07 1.36
C PRO L 63 -56.01 -25.84 2.59
N SER L 64 -56.54 -25.52 3.78
CA SER L 64 -56.20 -26.17 5.05
C SER L 64 -56.51 -27.67 5.01
N LYS L 65 -55.76 -28.45 5.82
CA LYS L 65 -55.92 -29.89 5.97
C LYS L 65 -57.30 -30.15 6.59
N SER L 66 -57.90 -31.30 6.27
CA SER L 66 -59.23 -31.67 6.77
C SER L 66 -59.38 -31.69 8.32
N ASP L 67 -58.27 -31.90 9.06
CA ASP L 67 -58.29 -31.92 10.53
C ASP L 67 -58.06 -30.51 11.15
N SER L 68 -58.02 -29.45 10.32
CA SER L 68 -57.85 -28.07 10.79
C SER L 68 -59.16 -27.51 11.33
N VAL L 69 -59.08 -26.53 12.24
CA VAL L 69 -60.27 -25.87 12.79
C VAL L 69 -60.83 -24.87 11.76
N ARG L 70 -59.94 -24.30 10.92
CA ARG L 70 -60.23 -23.32 9.89
C ARG L 70 -60.60 -23.98 8.55
N SER L 71 -61.91 -23.91 8.17
CA SER L 71 -62.50 -24.44 6.91
C SER L 71 -62.59 -23.39 5.80
N GLN L 72 -62.38 -23.81 4.52
CA GLN L 72 -62.46 -22.97 3.32
C GLN L 72 -63.68 -23.29 2.49
N TRP L 73 -64.46 -22.24 2.17
CA TRP L 73 -65.71 -22.33 1.41
C TRP L 73 -65.56 -21.88 -0.01
N TYR L 74 -66.22 -22.60 -0.93
CA TYR L 74 -66.11 -22.36 -2.38
C TYR L 74 -67.45 -22.27 -3.09
N LYS L 75 -67.46 -21.47 -4.17
CA LYS L 75 -68.59 -21.28 -5.07
C LYS L 75 -68.26 -22.04 -6.37
N LYS L 76 -69.15 -22.94 -6.81
CA LYS L 76 -68.95 -23.69 -8.05
C LYS L 76 -69.40 -22.83 -9.24
N LEU L 77 -68.48 -22.60 -10.17
CA LEU L 77 -68.71 -21.81 -11.38
C LEU L 77 -68.44 -22.68 -12.59
N GLU L 78 -69.06 -22.31 -13.74
CA GLU L 78 -68.82 -22.93 -15.04
C GLU L 78 -67.34 -22.72 -15.34
N GLY L 79 -66.67 -23.78 -15.79
CA GLY L 79 -65.25 -23.71 -16.12
C GLY L 79 -64.98 -23.04 -17.46
N THR L 80 -65.41 -21.76 -17.61
CA THR L 80 -65.22 -20.98 -18.84
C THR L 80 -63.89 -20.23 -18.79
N ASN L 81 -63.39 -19.82 -19.98
CA ASN L 81 -62.17 -19.03 -20.11
C ASN L 81 -62.31 -17.74 -19.28
N GLU L 82 -63.50 -17.08 -19.36
CA GLU L 82 -63.85 -15.84 -18.67
C GLU L 82 -63.68 -15.99 -17.15
N ASN L 83 -64.23 -17.06 -16.56
CA ASN L 83 -64.11 -17.30 -15.10
C ASN L 83 -62.70 -17.56 -14.67
N PHE L 84 -61.97 -18.28 -15.53
CA PHE L 84 -60.59 -18.57 -15.32
C PHE L 84 -59.77 -17.28 -15.23
N ILE L 85 -59.89 -16.37 -16.26
CA ILE L 85 -59.20 -15.08 -16.36
C ILE L 85 -59.53 -14.17 -15.16
N LYS L 86 -60.81 -14.19 -14.71
CA LYS L 86 -61.29 -13.43 -13.55
C LYS L 86 -60.61 -13.83 -12.24
N LEU L 87 -60.28 -15.12 -12.09
CA LEU L 87 -59.73 -15.63 -10.84
C LEU L 87 -58.23 -15.95 -10.85
N ALA L 88 -57.62 -16.15 -12.04
CA ALA L 88 -56.20 -16.51 -12.17
C ALA L 88 -55.28 -15.30 -12.14
N ASP L 89 -54.12 -15.43 -11.48
CA ASP L 89 -53.15 -14.34 -11.44
C ASP L 89 -52.38 -14.22 -12.78
N LYS L 90 -51.61 -15.25 -13.19
CA LYS L 90 -50.75 -15.21 -14.38
C LYS L 90 -51.06 -16.37 -15.34
N PRO L 91 -52.26 -16.42 -15.98
CA PRO L 91 -52.57 -17.58 -16.84
C PRO L 91 -51.78 -17.66 -18.17
N ARG L 92 -51.63 -18.88 -18.70
CA ARG L 92 -50.90 -19.14 -19.94
C ARG L 92 -51.93 -19.20 -21.06
N ILE L 93 -52.45 -18.01 -21.40
CA ILE L 93 -53.50 -17.74 -22.40
C ILE L 93 -52.90 -17.55 -23.78
N GLU L 94 -51.61 -17.93 -23.94
CA GLU L 94 -50.80 -17.79 -25.16
C GLU L 94 -51.34 -18.52 -26.38
N ASP L 95 -51.84 -19.77 -26.26
CA ASP L 95 -52.38 -20.47 -27.44
C ASP L 95 -53.89 -20.22 -27.68
N GLY L 96 -54.53 -19.46 -26.79
CA GLY L 96 -55.96 -19.17 -26.86
C GLY L 96 -56.88 -20.37 -26.58
N GLN L 97 -56.29 -21.49 -26.11
CA GLN L 97 -57.01 -22.74 -25.84
C GLN L 97 -56.87 -23.20 -24.38
N LEU L 98 -56.58 -22.26 -23.46
CA LEU L 98 -56.37 -22.54 -22.04
C LEU L 98 -57.46 -23.45 -21.37
N GLN L 99 -58.76 -23.11 -21.45
CA GLN L 99 -59.83 -23.92 -20.83
C GLN L 99 -59.79 -25.36 -21.36
N GLN L 100 -59.56 -25.52 -22.69
CA GLN L 100 -59.49 -26.81 -23.38
C GLN L 100 -58.26 -27.60 -22.90
N ASN L 101 -57.15 -26.89 -22.63
CA ASN L 101 -55.90 -27.46 -22.15
C ASN L 101 -56.02 -28.04 -20.72
N ILE L 102 -56.73 -27.31 -19.83
CA ILE L 102 -56.94 -27.69 -18.44
C ILE L 102 -57.87 -28.90 -18.35
N LEU L 103 -59.01 -28.87 -19.07
CA LEU L 103 -60.03 -29.94 -19.10
C LEU L 103 -59.43 -31.27 -19.62
N ARG L 104 -58.60 -31.22 -20.70
CA ARG L 104 -57.93 -32.40 -21.27
C ARG L 104 -56.98 -33.02 -20.23
N ILE L 105 -56.25 -32.15 -19.47
CA ILE L 105 -55.33 -32.57 -18.41
C ILE L 105 -56.09 -33.34 -17.32
N LEU L 106 -57.22 -32.81 -16.85
CA LEU L 106 -58.07 -33.50 -15.85
C LEU L 106 -58.64 -34.81 -16.43
N TYR L 107 -59.07 -34.82 -17.72
CA TYR L 107 -59.57 -36.03 -18.39
C TYR L 107 -58.50 -37.18 -18.40
N ASN L 108 -57.20 -36.81 -18.51
CA ASN L 108 -56.05 -37.70 -18.60
C ASN L 108 -55.23 -37.90 -17.31
N GLY L 109 -55.42 -37.00 -16.35
CA GLY L 109 -54.72 -37.06 -15.07
C GLY L 109 -55.40 -38.01 -14.11
N TYR L 110 -55.04 -37.87 -12.83
CA TYR L 110 -55.59 -38.65 -11.73
C TYR L 110 -56.96 -38.10 -11.28
N PRO L 111 -57.99 -38.97 -11.05
CA PRO L 111 -58.02 -40.43 -11.23
C PRO L 111 -58.61 -40.92 -12.57
N ASN L 112 -59.36 -40.04 -13.33
CA ASN L 112 -60.07 -40.39 -14.58
C ASN L 112 -59.19 -41.13 -15.61
N ASP L 113 -58.00 -40.55 -15.95
CA ASP L 113 -56.97 -41.12 -16.84
C ASP L 113 -57.53 -42.03 -17.97
N ARG L 114 -58.31 -41.45 -18.91
CA ARG L 114 -58.95 -42.22 -19.97
C ARG L 114 -58.02 -42.70 -21.10
N ASN L 115 -56.71 -42.41 -21.03
CA ASN L 115 -55.77 -42.88 -22.04
C ASN L 115 -54.55 -43.59 -21.47
N GLY L 116 -54.59 -43.89 -20.16
CA GLY L 116 -53.53 -44.55 -19.43
C GLY L 116 -52.22 -43.78 -19.33
N ILE L 117 -52.29 -42.43 -19.37
CA ILE L 117 -51.13 -41.53 -19.28
C ILE L 117 -50.47 -41.63 -17.88
N MET L 118 -51.28 -41.98 -16.85
CA MET L 118 -50.83 -42.13 -15.46
C MET L 118 -50.57 -43.59 -15.04
N LYS L 119 -50.68 -44.55 -15.97
CA LYS L 119 -50.44 -45.97 -15.66
C LYS L 119 -49.02 -46.19 -15.06
N GLY L 120 -48.96 -46.97 -13.98
CA GLY L 120 -47.74 -47.27 -13.24
C GLY L 120 -47.40 -46.30 -12.13
N ILE L 121 -48.12 -45.18 -12.06
CA ILE L 121 -47.85 -44.12 -11.10
C ILE L 121 -48.70 -44.25 -9.81
N ASP L 122 -48.00 -44.20 -8.65
CA ASP L 122 -48.59 -44.24 -7.31
C ASP L 122 -49.59 -43.06 -7.13
N PRO L 123 -50.81 -43.30 -6.58
CA PRO L 123 -51.84 -42.23 -6.51
C PRO L 123 -51.36 -40.81 -6.19
N LEU L 124 -50.58 -40.62 -5.11
CA LEU L 124 -50.10 -39.29 -4.67
C LEU L 124 -49.14 -38.65 -5.68
N ASN L 125 -48.35 -39.50 -6.40
CA ASN L 125 -47.44 -39.08 -7.48
C ASN L 125 -48.25 -38.72 -8.70
N ALA L 126 -49.35 -39.48 -8.94
CA ALA L 126 -50.26 -39.24 -10.07
C ALA L 126 -50.95 -37.88 -9.90
N ILE L 127 -51.36 -37.54 -8.66
CA ILE L 127 -51.96 -36.23 -8.29
C ILE L 127 -50.90 -35.14 -8.51
N LEU L 128 -49.67 -35.38 -7.98
CA LEU L 128 -48.46 -34.52 -8.04
C LEU L 128 -48.15 -34.10 -9.48
N VAL L 129 -48.10 -35.07 -10.43
CA VAL L 129 -47.83 -34.78 -11.83
C VAL L 129 -48.96 -33.92 -12.45
N THR L 130 -50.22 -34.39 -12.28
CA THR L 130 -51.45 -33.73 -12.76
C THR L 130 -51.46 -32.28 -12.23
N GLN L 131 -51.29 -32.07 -10.92
CA GLN L 131 -51.25 -30.75 -10.30
C GLN L 131 -50.16 -29.81 -10.93
N ASN L 132 -48.99 -30.37 -11.35
CA ASN L 132 -47.93 -29.63 -12.00
C ASN L 132 -48.25 -29.22 -13.43
N ALA L 133 -49.00 -30.09 -14.16
CA ALA L 133 -49.44 -29.80 -15.53
C ALA L 133 -50.53 -28.73 -15.47
N ILE L 134 -51.36 -28.78 -14.39
CA ILE L 134 -52.41 -27.81 -14.12
C ILE L 134 -51.76 -26.44 -13.87
N TRP L 135 -50.72 -26.40 -12.97
CA TRP L 135 -50.00 -25.16 -12.64
C TRP L 135 -49.33 -24.51 -13.85
N TYR L 136 -48.77 -25.33 -14.76
CA TYR L 136 -48.13 -24.85 -15.98
C TYR L 136 -49.02 -23.86 -16.79
N TYR L 137 -50.29 -24.22 -16.96
CA TYR L 137 -51.30 -23.43 -17.66
C TYR L 137 -51.97 -22.33 -16.79
N THR L 138 -52.22 -22.62 -15.50
CA THR L 138 -52.91 -21.68 -14.58
C THR L 138 -52.03 -20.55 -14.00
N ASP L 139 -50.73 -20.81 -13.75
CA ASP L 139 -49.84 -19.81 -13.15
C ASP L 139 -48.62 -19.50 -14.00
N SER L 140 -48.71 -19.93 -15.28
CA SER L 140 -47.65 -19.85 -16.29
C SER L 140 -46.34 -20.41 -15.68
N SER L 141 -46.43 -21.55 -14.96
CA SER L 141 -45.26 -22.05 -14.25
C SER L 141 -44.25 -22.65 -15.21
N TYR L 142 -43.00 -22.17 -15.08
CA TYR L 142 -41.84 -22.50 -15.90
C TYR L 142 -41.39 -23.97 -15.81
N ILE L 143 -41.46 -24.66 -16.95
CA ILE L 143 -40.98 -26.03 -17.14
C ILE L 143 -40.27 -26.03 -18.50
N SER L 144 -38.93 -26.14 -18.47
CA SER L 144 -38.09 -26.17 -19.69
C SER L 144 -37.56 -27.56 -20.01
N ASP L 145 -37.09 -28.28 -18.97
CA ASP L 145 -36.47 -29.60 -19.06
C ASP L 145 -37.26 -30.61 -18.21
N THR L 146 -38.08 -31.47 -18.87
CA THR L 146 -38.90 -32.51 -18.24
C THR L 146 -38.08 -33.62 -17.55
N SER L 147 -36.81 -33.81 -17.96
CA SER L 147 -35.89 -34.80 -17.38
C SER L 147 -35.11 -34.19 -16.22
N LYS L 148 -35.56 -33.03 -15.75
CA LYS L 148 -35.04 -32.23 -14.64
C LYS L 148 -36.27 -31.50 -14.07
N ALA L 149 -37.33 -32.28 -13.72
CA ALA L 149 -38.62 -31.75 -13.27
C ALA L 149 -38.89 -31.88 -11.78
N PHE L 150 -39.03 -33.12 -11.30
CA PHE L 150 -39.38 -33.36 -9.92
C PHE L 150 -38.15 -33.69 -9.06
N GLN L 151 -37.25 -32.69 -8.91
CA GLN L 151 -36.00 -32.78 -8.14
C GLN L 151 -36.17 -32.25 -6.65
N GLN L 152 -35.20 -32.48 -5.72
CA GLN L 152 -33.87 -33.06 -5.89
C GLN L 152 -33.54 -34.25 -4.95
N GLU L 153 -34.40 -34.53 -3.95
CA GLU L 153 -34.18 -35.62 -2.99
C GLU L 153 -35.41 -36.60 -2.74
N GLU L 154 -36.57 -36.53 -3.45
CA GLU L 154 -36.99 -35.63 -4.53
C GLU L 154 -38.28 -34.79 -4.18
N THR L 155 -38.32 -33.95 -3.11
CA THR L 155 -37.30 -33.65 -2.07
C THR L 155 -37.42 -34.57 -0.84
N ASP L 156 -38.61 -34.63 -0.23
CA ASP L 156 -38.91 -35.42 0.97
C ASP L 156 -39.69 -36.69 0.63
N LEU L 157 -40.11 -36.80 -0.66
CA LEU L 157 -40.94 -37.90 -1.19
C LEU L 157 -40.18 -39.21 -1.43
N LYS L 158 -38.82 -39.17 -1.45
CA LYS L 158 -37.89 -40.29 -1.67
C LYS L 158 -38.25 -41.12 -2.94
N LEU L 159 -38.68 -40.41 -4.03
CA LEU L 159 -39.12 -40.98 -5.32
C LEU L 159 -38.08 -41.89 -5.91
N ASP L 160 -38.44 -43.17 -6.15
CA ASP L 160 -37.48 -44.14 -6.73
C ASP L 160 -37.31 -43.94 -8.24
N SER L 161 -36.36 -44.69 -8.84
CA SER L 161 -36.04 -44.66 -10.28
C SER L 161 -37.27 -44.77 -11.22
N GLN L 162 -38.06 -45.89 -11.13
CA GLN L 162 -39.28 -46.14 -11.92
C GLN L 162 -40.35 -45.06 -11.70
N GLN L 163 -40.57 -44.64 -10.42
CA GLN L 163 -41.53 -43.61 -10.06
C GLN L 163 -41.15 -42.26 -10.67
N LEU L 164 -39.86 -41.86 -10.54
CA LEU L 164 -39.26 -40.64 -11.12
C LEU L 164 -39.48 -40.50 -12.65
N GLN L 165 -39.04 -41.51 -13.45
CA GLN L 165 -39.15 -41.47 -14.92
C GLN L 165 -40.59 -41.50 -15.43
N LEU L 166 -41.49 -42.31 -14.79
CA LEU L 166 -42.92 -42.41 -15.13
C LEU L 166 -43.65 -41.08 -14.92
N MET L 167 -43.15 -40.30 -13.97
CA MET L 167 -43.67 -38.99 -13.60
C MET L 167 -43.28 -37.93 -14.63
N ARG L 168 -42.00 -37.93 -15.05
CA ARG L 168 -41.39 -37.02 -16.02
C ARG L 168 -41.99 -37.22 -17.43
N ASN L 169 -42.20 -38.51 -17.81
CA ASN L 169 -42.80 -38.91 -19.07
C ASN L 169 -44.26 -38.50 -19.15
N ALA L 170 -45.03 -38.76 -18.05
CA ALA L 170 -46.44 -38.36 -17.93
C ALA L 170 -46.62 -36.82 -18.00
N LEU L 171 -45.75 -36.03 -17.30
CA LEU L 171 -45.78 -34.55 -17.32
C LEU L 171 -45.52 -33.92 -18.73
N LYS L 172 -44.41 -34.27 -19.42
CA LYS L 172 -44.18 -33.70 -20.76
C LYS L 172 -45.30 -33.99 -21.78
N ARG L 173 -45.98 -35.16 -21.61
CA ARG L 173 -47.13 -35.60 -22.41
C ARG L 173 -48.33 -34.70 -22.11
N LEU L 174 -48.57 -34.44 -20.81
CA LEU L 174 -49.66 -33.59 -20.31
C LEU L 174 -49.49 -32.10 -20.70
N ILE L 175 -48.25 -31.54 -20.71
CA ILE L 175 -48.05 -30.12 -21.08
C ILE L 175 -47.86 -29.90 -22.60
N ASN L 176 -47.97 -30.96 -23.43
CA ASN L 176 -47.83 -30.89 -24.90
C ASN L 176 -49.20 -31.18 -25.55
N PRO L 177 -49.94 -30.12 -25.99
CA PRO L 177 -51.25 -30.33 -26.62
C PRO L 177 -51.26 -31.32 -27.79
N LYS L 178 -50.21 -31.29 -28.62
CA LYS L 178 -50.03 -32.17 -29.79
C LYS L 178 -50.03 -33.65 -29.40
N GLU L 179 -49.46 -33.99 -28.21
CA GLU L 179 -49.41 -35.35 -27.64
C GLU L 179 -50.79 -35.80 -27.10
N VAL L 180 -51.48 -34.92 -26.34
CA VAL L 180 -52.81 -35.20 -25.76
C VAL L 180 -53.84 -35.41 -26.88
N GLU L 181 -53.65 -34.65 -27.99
CA GLU L 181 -54.41 -34.72 -29.23
C GLU L 181 -54.24 -36.12 -29.82
N SER L 182 -53.03 -36.74 -29.65
CA SER L 182 -52.62 -38.04 -30.19
C SER L 182 -53.31 -39.24 -29.60
N LEU L 183 -54.03 -38.99 -28.54
CA LEU L 183 -54.61 -40.07 -27.78
C LEU L 183 -55.93 -40.57 -28.36
N PRO L 184 -56.23 -41.89 -28.23
CA PRO L 184 -57.46 -42.43 -28.84
C PRO L 184 -58.78 -41.86 -28.32
N ASN L 185 -58.87 -41.61 -27.00
CA ASN L 185 -60.08 -41.08 -26.38
C ASN L 185 -59.98 -39.59 -26.13
N GLN L 186 -60.82 -38.81 -26.82
CA GLN L 186 -60.84 -37.37 -26.66
C GLN L 186 -61.94 -36.94 -25.72
N VAL L 187 -61.79 -35.75 -25.09
CA VAL L 187 -62.75 -35.20 -24.13
C VAL L 187 -64.16 -35.12 -24.74
N PRO L 188 -65.14 -35.89 -24.19
CA PRO L 188 -66.51 -35.82 -24.75
C PRO L 188 -67.25 -34.59 -24.25
N ALA L 189 -68.35 -34.21 -24.93
CA ALA L 189 -69.21 -33.06 -24.61
C ALA L 189 -69.74 -33.05 -23.16
N ASN L 190 -69.98 -34.25 -22.59
CA ASN L 190 -70.49 -34.40 -21.22
C ASN L 190 -69.39 -34.39 -20.14
N TYR L 191 -68.10 -34.37 -20.52
CA TYR L 191 -67.02 -34.26 -19.52
C TYR L 191 -66.68 -32.78 -19.41
N GLN L 192 -67.15 -32.13 -18.33
CA GLN L 192 -67.05 -30.69 -18.16
C GLN L 192 -66.22 -30.21 -16.97
N LEU L 193 -65.62 -29.04 -17.14
CA LEU L 193 -64.78 -28.36 -16.16
C LEU L 193 -65.60 -27.42 -15.22
N SER L 194 -65.24 -27.44 -13.94
CA SER L 194 -65.81 -26.58 -12.92
C SER L 194 -64.68 -25.83 -12.20
N ILE L 195 -64.93 -24.53 -11.92
CA ILE L 195 -64.01 -23.68 -11.19
C ILE L 195 -64.65 -23.43 -9.83
N PHE L 196 -63.86 -23.64 -8.76
CA PHE L 196 -64.30 -23.42 -7.40
C PHE L 196 -63.64 -22.17 -6.87
N GLN L 197 -64.45 -21.10 -6.76
CA GLN L 197 -64.00 -19.79 -6.28
C GLN L 197 -63.96 -19.74 -4.75
N SER L 198 -62.75 -19.52 -4.19
CA SER L 198 -62.58 -19.45 -2.74
C SER L 198 -63.28 -18.14 -2.16
N SER L 199 -64.13 -18.30 -1.11
CA SER L 199 -64.83 -17.17 -0.44
C SER L 199 -63.77 -16.24 0.19
N ASP L 200 -62.74 -16.85 0.83
CA ASP L 200 -61.59 -16.17 1.43
C ASP L 200 -60.56 -15.92 0.29
N LYS L 201 -60.33 -14.64 -0.05
CA LYS L 201 -59.40 -14.23 -1.11
C LYS L 201 -57.90 -14.56 -0.82
N THR L 202 -57.58 -14.94 0.42
CA THR L 202 -56.22 -15.31 0.79
C THR L 202 -55.90 -16.77 0.41
N PHE L 203 -56.95 -17.58 0.09
CA PHE L 203 -56.78 -19.00 -0.27
C PHE L 203 -56.92 -19.23 -1.76
N GLN L 204 -56.21 -20.27 -2.24
CA GLN L 204 -56.20 -20.69 -3.64
C GLN L 204 -57.59 -21.11 -4.13
N ASN L 205 -57.87 -20.79 -5.40
CA ASN L 205 -59.09 -21.26 -6.05
C ASN L 205 -58.83 -22.70 -6.50
N LEU L 206 -59.92 -23.43 -6.78
CA LEU L 206 -59.76 -24.84 -7.15
C LEU L 206 -60.45 -25.12 -8.47
N LEU L 207 -60.10 -26.28 -9.06
CA LEU L 207 -60.73 -26.72 -10.30
C LEU L 207 -60.90 -28.24 -10.28
N SER L 208 -61.98 -28.71 -10.92
CA SER L 208 -62.36 -30.12 -10.96
C SER L 208 -63.19 -30.43 -12.22
N ALA L 209 -63.25 -31.73 -12.62
CA ALA L 209 -64.01 -32.18 -13.78
C ALA L 209 -64.68 -33.54 -13.55
N GLU L 210 -65.85 -33.76 -14.21
CA GLU L 210 -66.70 -34.97 -14.11
C GLU L 210 -67.68 -35.07 -15.29
N TYR L 211 -68.40 -36.21 -15.42
CA TYR L 211 -69.45 -36.44 -16.43
C TYR L 211 -70.75 -35.83 -15.88
N VAL L 212 -71.56 -35.16 -16.75
CA VAL L 212 -72.67 -34.28 -16.33
C VAL L 212 -74.21 -34.68 -16.68
N PRO L 213 -74.70 -35.83 -17.20
CA PRO L 213 -74.09 -37.07 -17.66
C PRO L 213 -73.92 -37.12 -19.18
#